data_9NTF
#
_entry.id   9NTF
#
_cell.length_a   76.344
_cell.length_b   82.351
_cell.length_c   211.495
_cell.angle_alpha   90.000
_cell.angle_beta   92.287
_cell.angle_gamma   90.000
#
_symmetry.space_group_name_H-M   'P 1 21 1'
#
loop_
_entity.id
_entity.type
_entity.pdbx_description
1 polymer 'AMP deaminase'
2 branched 2-acetamido-2-deoxy-beta-D-glucopyranose-(1-4)-2-acetamido-2-deoxy-beta-D-glucopyranose
3 non-polymer 2-acetamido-2-deoxy-beta-D-glucopyranose
4 non-polymer 'ZINC ION'
5 non-polymer 1,2-ETHANEDIOL
6 non-polymer 2-[BIS-(2-HYDROXY-ETHYL)-AMINO]-2-HYDROXYMETHYL-PROPANE-1,3-DIOL
7 non-polymer GLYCEROL
8 non-polymer 'PHOSPHATE ION'
9 non-polymer 'ACETATE ION'
10 water water
#
_entity_poly.entity_id   1
_entity_poly.type   'polypeptide(L)'
_entity_poly.pdbx_seq_one_letter_code
;MSQVGAVTMVSIICVVVLGAVGGPVAGLAVRFPTMDEYTNAREELIGSEQYLRVGGSINLNNKEKKLNQFILREKRAIIE
NSRLNKTQYIPAVSFFLSKSQMESTPIFKIIKDMPKGAALHLHDTASARIDWIVSNATYRDHVYMCMDQDNFVRLTVSGT
GPPANSGCEWKLVETERANSGDIAAFDHWLKSNISLLTTDPLVTYPSLDKVWGRFDKHFSQLRGIIYHTPIRRDYYRQIL
EEFRSDNVQYVEVRSSLSGYYDLDGTVHDPEYGLQLYKAVTEEFVRTYPDFSGAKIIKSTARVKPNTDIFNDVKLSMDLY
KRYPGFFLGFDLVAQEDPNTSLLGYIDSLLYPSRQNPPVSLPYYFHAGETNWQGTEVDYNLVDALLLNATRIGHGFALIK
HPRVIELVKSRGVAVEVNPVSNQLLGLVKDLRNHAAAPLLAQNVPVVISSDDPGVWEALPMSHDMYVAFMDLVGEDAGLD
VLKQLVWNSIQYSSMNATEKKTALKLLQAKWNNFINDSLIKWKLTNKKVIGHHHHHHHHHH
;
_entity_poly.pdbx_strand_id   A,B,C,D
#
loop_
_chem_comp.id
_chem_comp.type
_chem_comp.name
_chem_comp.formula
ACT non-polymer 'ACETATE ION' 'C2 H3 O2 -1'
BTB non-polymer 2-[BIS-(2-HYDROXY-ETHYL)-AMINO]-2-HYDROXYMETHYL-PROPANE-1,3-DIOL 'C8 H19 N O5'
EDO non-polymer 1,2-ETHANEDIOL 'C2 H6 O2'
GOL non-polymer GLYCEROL 'C3 H8 O3'
NAG D-saccharide, beta linking 2-acetamido-2-deoxy-beta-D-glucopyranose 'C8 H15 N O6'
PO4 non-polymer 'PHOSPHATE ION' 'O4 P -3'
ZN non-polymer 'ZINC ION' 'Zn 2'
#
# COMPACT_ATOMS: atom_id res chain seq x y z
N ARG A 31 61.47 -0.96 28.20
CA ARG A 31 60.18 -1.19 28.87
C ARG A 31 59.54 -2.49 28.38
N PHE A 32 59.83 -2.87 27.13
CA PHE A 32 59.19 -4.03 26.50
C PHE A 32 60.24 -4.90 25.85
N PRO A 33 61.02 -5.65 26.65
CA PRO A 33 62.01 -6.55 26.06
C PRO A 33 61.40 -7.67 25.23
N THR A 34 60.16 -8.06 25.49
CA THR A 34 59.49 -9.10 24.73
C THR A 34 58.09 -8.64 24.35
N MET A 35 57.48 -9.39 23.43
CA MET A 35 56.12 -9.06 23.02
C MET A 35 55.14 -9.21 24.18
N ASP A 36 55.44 -10.12 25.13
CA ASP A 36 54.50 -10.32 26.24
C ASP A 36 54.34 -9.08 27.09
N GLU A 37 55.45 -8.37 27.37
CA GLU A 37 55.33 -7.13 28.13
C GLU A 37 54.60 -6.07 27.35
N TYR A 38 54.86 -5.95 26.04
CA TYR A 38 54.17 -4.95 25.22
C TYR A 38 52.69 -5.26 25.12
N THR A 39 52.34 -6.53 24.87
CA THR A 39 50.96 -6.98 24.86
C THR A 39 50.25 -6.64 26.16
N ASN A 40 50.90 -6.89 27.30
CA ASN A 40 50.27 -6.62 28.60
C ASN A 40 49.94 -5.15 28.77
N ALA A 41 50.88 -4.25 28.43
CA ALA A 41 50.60 -2.83 28.58
C ALA A 41 49.48 -2.38 27.65
N ARG A 42 49.51 -2.85 26.39
CA ARG A 42 48.47 -2.52 25.40
C ARG A 42 47.09 -2.94 25.88
N GLU A 43 46.98 -4.18 26.35
CA GLU A 43 45.70 -4.72 26.78
C GLU A 43 45.22 -4.07 28.07
N GLU A 44 46.15 -3.65 28.94
CA GLU A 44 45.75 -2.91 30.13
C GLU A 44 45.09 -1.59 29.77
N LEU A 45 45.64 -0.88 28.80
CA LEU A 45 45.09 0.41 28.41
C LEU A 45 43.77 0.26 27.66
N ILE A 46 43.71 -0.67 26.71
CA ILE A 46 42.47 -0.95 26.01
C ILE A 46 41.41 -1.46 26.98
N GLY A 47 41.80 -2.37 27.87
CA GLY A 47 40.86 -2.87 28.87
C GLY A 47 40.32 -1.76 29.77
N SER A 48 41.17 -0.79 30.12
CA SER A 48 40.69 0.33 30.92
C SER A 48 39.57 1.08 30.18
N GLU A 49 39.75 1.33 28.89
CA GLU A 49 38.73 2.04 28.13
C GLU A 49 37.46 1.21 28.02
N GLN A 50 37.61 -0.10 27.85
CA GLN A 50 36.43 -0.95 27.72
C GLN A 50 35.65 -1.00 29.04
N TYR A 51 36.34 -0.95 30.17
CA TYR A 51 35.67 -0.95 31.47
C TYR A 51 34.95 0.38 31.72
N LEU A 52 35.53 1.49 31.25
CA LEU A 52 35.00 2.83 31.48
C LEU A 52 33.74 3.09 30.67
N ARG A 53 33.68 2.61 29.45
CA ARG A 53 32.56 2.99 28.58
C ARG A 53 31.23 2.40 29.07
N VAL A 54 30.14 2.88 28.45
CA VAL A 54 28.82 2.32 28.76
C VAL A 54 28.83 0.79 28.75
N GLY A 55 28.32 0.22 29.84
CA GLY A 55 28.15 -1.20 29.93
C GLY A 55 29.40 -1.95 30.30
N GLY A 56 30.51 -1.24 30.49
CA GLY A 56 31.77 -1.92 30.71
C GLY A 56 31.86 -2.70 32.01
N SER A 57 31.01 -2.41 32.99
CA SER A 57 31.05 -3.15 34.24
C SER A 57 30.08 -4.34 34.28
N ILE A 58 29.33 -4.58 33.20
CA ILE A 58 28.41 -5.72 33.17
C ILE A 58 29.19 -7.03 33.08
N ASN A 59 28.78 -8.01 33.89
CA ASN A 59 29.29 -9.38 33.77
C ASN A 59 28.21 -10.24 33.09
N LEU A 60 28.47 -10.66 31.88
CA LEU A 60 27.54 -11.51 31.15
C LEU A 60 27.56 -12.96 31.67
N ASN A 61 26.39 -13.61 31.64
CA ASN A 61 26.37 -15.02 32.00
C ASN A 61 26.73 -15.86 30.78
N ASN A 62 26.80 -17.19 30.97
CA ASN A 62 27.30 -18.08 29.93
C ASN A 62 26.45 -18.02 28.66
N LYS A 63 25.12 -18.03 28.81
CA LYS A 63 24.28 -17.94 27.62
C LYS A 63 24.44 -16.59 26.92
N GLU A 64 24.47 -15.50 27.68
CA GLU A 64 24.68 -14.19 27.06
C GLU A 64 26.03 -14.13 26.35
N LYS A 65 27.07 -14.73 26.94
CA LYS A 65 28.38 -14.73 26.27
C LYS A 65 28.31 -15.42 24.91
N LYS A 66 27.56 -16.52 24.79
CA LYS A 66 27.44 -17.19 23.50
C LYS A 66 26.82 -16.28 22.45
N LEU A 67 25.72 -15.61 22.81
CA LEU A 67 25.11 -14.63 21.90
C LEU A 67 26.08 -13.50 21.62
N ASN A 68 26.77 -13.02 22.67
CA ASN A 68 27.74 -11.94 22.50
C ASN A 68 28.79 -12.31 21.46
N GLN A 69 29.34 -13.54 21.54
CA GLN A 69 30.39 -13.93 20.60
C GLN A 69 29.88 -13.92 19.16
N PHE A 70 28.63 -14.34 18.95
CA PHE A 70 28.05 -14.28 17.61
C PHE A 70 27.87 -12.84 17.13
N ILE A 71 27.38 -11.96 17.99
CA ILE A 71 27.21 -10.56 17.61
C ILE A 71 28.56 -9.94 17.23
N LEU A 72 29.57 -10.17 18.06
CA LEU A 72 30.91 -9.65 17.78
C LEU A 72 31.48 -10.23 16.48
N ARG A 73 31.24 -11.51 16.19
CA ARG A 73 31.73 -12.05 14.93
C ARG A 73 31.05 -11.35 13.76
N GLU A 74 29.74 -11.11 13.87
CA GLU A 74 28.99 -10.41 12.82
C GLU A 74 29.47 -8.98 12.66
N LYS A 75 29.72 -8.28 13.78
CA LYS A 75 30.13 -6.89 13.71
C LYS A 75 31.50 -6.78 13.05
N ARG A 76 32.43 -7.64 13.44
CA ARG A 76 33.75 -7.64 12.82
C ARG A 76 33.66 -7.93 11.33
N ALA A 77 32.81 -8.87 10.91
CA ALA A 77 32.78 -9.20 9.49
C ALA A 77 32.36 -8.00 8.65
N ILE A 78 31.34 -7.24 9.11
CA ILE A 78 30.88 -6.13 8.28
C ILE A 78 31.86 -4.97 8.28
N ILE A 79 32.45 -4.65 9.44
CA ILE A 79 33.44 -3.58 9.52
C ILE A 79 34.69 -3.94 8.71
N GLU A 80 35.20 -5.16 8.87
CA GLU A 80 36.42 -5.51 8.15
C GLU A 80 36.15 -5.55 6.65
N ASN A 81 34.97 -5.93 6.23
CA ASN A 81 34.71 -5.88 4.79
C ASN A 81 34.71 -4.42 4.29
N SER A 82 34.08 -3.52 5.03
CA SER A 82 34.07 -2.12 4.62
C SER A 82 35.48 -1.58 4.59
N ARG A 83 36.26 -1.88 5.63
CA ARG A 83 37.60 -1.31 5.78
C ARG A 83 38.56 -1.88 4.74
N LEU A 84 38.60 -3.19 4.61
CA LEU A 84 39.63 -3.80 3.77
C LEU A 84 39.23 -3.92 2.32
N ASN A 85 37.93 -4.01 2.00
CA ASN A 85 37.48 -4.02 0.61
C ASN A 85 37.09 -2.63 0.13
N LYS A 86 37.27 -1.61 0.96
CA LYS A 86 37.21 -0.20 0.56
C LYS A 86 35.84 0.14 0.00
N THR A 87 34.81 -0.12 0.81
CA THR A 87 33.45 0.19 0.42
C THR A 87 32.77 0.87 1.59
N GLN A 88 31.67 1.57 1.32
CA GLN A 88 31.05 2.36 2.36
C GLN A 88 30.45 1.47 3.47
N TYR A 89 30.47 2.01 4.69
CA TYR A 89 29.96 1.35 5.88
C TYR A 89 28.46 1.65 5.98
N ILE A 90 27.65 0.70 5.51
CA ILE A 90 26.20 0.96 5.34
C ILE A 90 25.51 1.40 6.62
N PRO A 91 25.83 0.87 7.81
CA PRO A 91 25.13 1.35 9.01
C PRO A 91 25.28 2.86 9.26
N ALA A 92 26.27 3.53 8.65
CA ALA A 92 26.54 4.95 8.92
C ALA A 92 26.05 5.88 7.82
N VAL A 93 25.54 5.33 6.69
CA VAL A 93 25.08 6.19 5.60
C VAL A 93 23.66 6.66 5.87
N SER A 94 23.14 7.50 4.99
CA SER A 94 21.75 7.99 5.12
C SER A 94 20.79 6.85 5.44
N PHE A 95 19.93 7.05 6.44
CA PHE A 95 18.87 6.09 6.72
C PHE A 95 18.05 5.73 5.47
N PHE A 96 17.86 6.67 4.55
CA PHE A 96 17.13 6.36 3.31
C PHE A 96 17.78 5.20 2.58
N LEU A 97 19.11 5.15 2.63
CA LEU A 97 19.83 4.07 1.94
C LEU A 97 20.02 2.85 2.82
N SER A 98 20.21 3.03 4.14
CA SER A 98 20.58 1.89 4.98
C SER A 98 19.39 1.09 5.48
N LYS A 99 18.18 1.69 5.52
CA LYS A 99 17.03 1.04 6.13
C LYS A 99 16.80 -0.35 5.53
N SER A 100 16.70 -0.43 4.20
CA SER A 100 16.36 -1.72 3.59
C SER A 100 17.55 -2.69 3.68
N GLN A 101 18.75 -2.18 3.88
CA GLN A 101 19.92 -3.05 3.91
C GLN A 101 20.14 -3.67 5.29
N MET A 102 19.93 -2.89 6.33
CA MET A 102 20.17 -3.42 7.67
C MET A 102 19.14 -4.49 8.07
N GLU A 103 17.89 -4.39 7.55
CA GLU A 103 16.81 -5.23 8.06
C GLU A 103 17.03 -6.70 7.74
N SER A 104 17.88 -7.03 6.77
CA SER A 104 18.13 -8.43 6.46
C SER A 104 19.27 -9.05 7.28
N THR A 105 19.95 -8.27 8.14
CA THR A 105 21.17 -8.79 8.75
C THR A 105 20.88 -9.39 10.13
N PRO A 106 21.69 -10.38 10.55
CA PRO A 106 21.48 -10.95 11.89
C PRO A 106 21.51 -9.96 13.04
N ILE A 107 22.45 -9.00 13.04
CA ILE A 107 22.51 -8.05 14.16
C ILE A 107 21.22 -7.27 14.26
N PHE A 108 20.67 -6.85 13.11
CA PHE A 108 19.41 -6.13 13.15
C PHE A 108 18.31 -7.02 13.68
N LYS A 109 18.25 -8.26 13.21
CA LYS A 109 17.16 -9.15 13.64
C LYS A 109 17.27 -9.45 15.13
N ILE A 110 18.48 -9.54 15.66
CA ILE A 110 18.65 -9.74 17.10
C ILE A 110 18.14 -8.52 17.87
N ILE A 111 18.50 -7.32 17.42
CA ILE A 111 18.04 -6.09 18.09
C ILE A 111 16.53 -5.96 17.99
N LYS A 112 15.96 -6.36 16.85
CA LYS A 112 14.51 -6.33 16.69
C LYS A 112 13.84 -7.19 17.75
N ASP A 113 14.36 -8.40 17.97
CA ASP A 113 13.77 -9.29 18.97
C ASP A 113 14.04 -8.84 20.38
N MET A 114 15.10 -8.06 20.60
CA MET A 114 15.52 -7.70 21.95
C MET A 114 14.48 -6.81 22.63
N PRO A 115 14.16 -7.07 23.90
CA PRO A 115 13.35 -6.08 24.63
C PRO A 115 14.13 -4.78 24.76
N LYS A 116 13.44 -3.65 24.57
CA LYS A 116 14.12 -2.35 24.52
C LYS A 116 14.06 -1.63 25.85
N GLY A 117 13.16 -2.07 26.74
CA GLY A 117 12.86 -1.31 27.93
C GLY A 117 11.90 -0.19 27.60
N ALA A 118 12.40 1.04 27.47
CA ALA A 118 11.55 2.21 27.32
C ALA A 118 12.04 3.08 26.18
N ALA A 119 11.09 3.78 25.53
CA ALA A 119 11.40 4.88 24.62
C ALA A 119 11.06 6.16 25.39
N LEU A 120 12.07 6.93 25.77
CA LEU A 120 11.83 8.06 26.65
C LEU A 120 11.77 9.41 25.94
N HIS A 121 12.02 9.46 24.61
CA HIS A 121 12.02 10.73 23.88
C HIS A 121 11.22 10.53 22.58
N LEU A 122 9.97 10.99 22.60
CA LEU A 122 9.00 10.78 21.54
C LEU A 122 8.07 11.99 21.49
N HIS A 123 7.62 12.32 20.28
CA HIS A 123 6.63 13.38 20.11
C HIS A 123 5.32 12.73 19.67
N ASP A 124 4.21 13.10 20.32
CA ASP A 124 2.95 12.35 20.15
C ASP A 124 2.32 12.49 18.77
N THR A 125 2.65 13.47 17.95
CA THR A 125 2.06 13.50 16.61
C THR A 125 2.99 12.93 15.56
N ALA A 126 4.05 12.25 16.00
CA ALA A 126 5.06 11.78 15.07
C ALA A 126 5.50 10.36 15.40
N SER A 127 4.75 9.64 16.23
CA SER A 127 5.23 8.36 16.73
C SER A 127 4.41 7.15 16.28
N ALA A 128 3.44 7.34 15.39
CA ALA A 128 2.78 6.20 14.74
C ALA A 128 2.90 6.31 13.22
N ARG A 129 2.47 5.25 12.52
CA ARG A 129 2.85 5.07 11.13
C ARG A 129 2.02 6.00 10.27
N ILE A 130 2.66 6.63 9.28
CA ILE A 130 1.91 7.36 8.26
C ILE A 130 0.93 6.42 7.55
N ASP A 131 1.32 5.16 7.33
CA ASP A 131 0.39 4.20 6.72
C ASP A 131 -0.94 4.15 7.49
N TRP A 132 -0.91 4.30 8.81
CA TRP A 132 -2.15 4.27 9.58
C TRP A 132 -2.96 5.54 9.35
N ILE A 133 -2.29 6.69 9.26
CA ILE A 133 -2.98 7.93 8.91
C ILE A 133 -3.71 7.74 7.57
N VAL A 134 -3.05 7.10 6.61
CA VAL A 134 -3.65 6.93 5.30
C VAL A 134 -4.73 5.86 5.34
N SER A 135 -4.39 4.62 5.75
CA SER A 135 -5.33 3.50 5.59
C SER A 135 -6.49 3.57 6.59
N ASN A 136 -6.31 4.26 7.74
CA ASN A 136 -7.38 4.38 8.72
C ASN A 136 -7.93 5.80 8.75
N ALA A 137 -7.13 6.78 9.11
CA ALA A 137 -7.70 8.10 9.39
C ALA A 137 -8.32 8.71 8.14
N THR A 138 -7.66 8.58 6.96
CA THR A 138 -8.20 9.26 5.77
C THR A 138 -9.33 8.49 5.13
N TYR A 139 -9.70 7.36 5.70
CA TYR A 139 -10.92 6.64 5.29
C TYR A 139 -12.14 7.00 6.15
N ARG A 140 -11.97 7.90 7.13
CA ARG A 140 -13.07 8.27 8.00
C ARG A 140 -13.92 9.35 7.34
N ASP A 141 -15.17 9.44 7.79
CA ASP A 141 -16.11 10.43 7.25
C ASP A 141 -15.62 11.85 7.58
N HIS A 142 -15.88 12.77 6.65
CA HIS A 142 -15.67 14.22 6.83
C HIS A 142 -14.22 14.64 6.74
N VAL A 143 -13.36 13.82 6.14
CA VAL A 143 -11.96 14.17 5.94
C VAL A 143 -11.80 14.89 4.61
N TYR A 144 -11.12 16.06 4.64
CA TYR A 144 -10.85 16.82 3.44
C TYR A 144 -9.35 16.92 3.18
N MET A 145 -9.02 17.15 1.93
CA MET A 145 -7.63 17.32 1.50
C MET A 145 -7.52 18.54 0.59
N CYS A 146 -6.33 19.13 0.52
CA CYS A 146 -6.08 20.17 -0.46
C CYS A 146 -4.60 20.20 -0.78
N MET A 147 -4.26 20.80 -1.93
CA MET A 147 -2.88 21.05 -2.31
C MET A 147 -2.55 22.48 -1.93
N ASP A 148 -1.53 22.64 -1.07
CA ASP A 148 -1.19 24.00 -0.63
C ASP A 148 -0.29 24.71 -1.66
N GLN A 149 0.09 25.97 -1.39
CA GLN A 149 0.80 26.78 -2.37
C GLN A 149 2.23 26.29 -2.60
N ASP A 150 2.74 25.43 -1.73
CA ASP A 150 4.05 24.81 -1.89
C ASP A 150 3.93 23.44 -2.56
N ASN A 151 2.73 23.05 -3.01
CA ASN A 151 2.48 21.77 -3.68
C ASN A 151 2.61 20.57 -2.75
N PHE A 152 2.15 20.70 -1.51
CA PHE A 152 2.00 19.59 -0.59
C PHE A 152 0.55 19.37 -0.22
N VAL A 153 0.18 18.09 -0.02
CA VAL A 153 -1.18 17.76 0.44
C VAL A 153 -1.34 18.10 1.91
N ARG A 154 -2.47 18.71 2.25
CA ARG A 154 -2.85 18.94 3.65
C ARG A 154 -4.15 18.20 3.92
N LEU A 155 -4.33 17.74 5.16
CA LEU A 155 -5.50 16.96 5.56
C LEU A 155 -6.18 17.60 6.76
N THR A 156 -7.52 17.56 6.79
CA THR A 156 -8.22 18.08 7.96
C THR A 156 -9.61 17.43 8.00
N VAL A 157 -10.30 17.68 9.09
CA VAL A 157 -11.67 17.20 9.33
C VAL A 157 -12.60 18.38 9.45
N SER A 158 -13.78 18.27 8.84
CA SER A 158 -14.80 19.30 9.02
C SER A 158 -16.18 18.64 8.98
N GLY A 159 -16.87 18.64 10.13
CA GLY A 159 -18.23 18.12 10.17
C GLY A 159 -19.24 19.11 9.64
N THR A 160 -18.95 20.40 9.79
CA THR A 160 -19.91 21.45 9.45
C THR A 160 -19.57 22.06 8.08
N GLY A 161 -19.59 21.21 7.06
CA GLY A 161 -19.33 21.63 5.70
C GLY A 161 -17.87 21.61 5.35
N PRO A 162 -17.55 21.80 4.06
CA PRO A 162 -16.14 21.86 3.67
C PRO A 162 -15.47 23.11 4.23
N PRO A 163 -14.17 23.05 4.51
CA PRO A 163 -13.50 24.22 5.09
C PRO A 163 -13.39 25.36 4.09
N ALA A 164 -13.24 26.59 4.60
CA ALA A 164 -13.12 27.75 3.72
C ALA A 164 -11.85 27.64 2.85
N ASN A 165 -11.94 28.14 1.62
CA ASN A 165 -10.84 28.03 0.67
C ASN A 165 -9.77 29.11 0.90
N SER A 166 -9.19 29.08 2.10
CA SER A 166 -8.19 30.07 2.50
C SER A 166 -6.81 29.53 2.13
N GLY A 167 -6.32 29.95 0.96
CA GLY A 167 -5.01 29.53 0.49
C GLY A 167 -4.96 28.15 -0.16
N CYS A 168 -6.05 27.39 -0.12
CA CYS A 168 -6.09 26.12 -0.84
C CYS A 168 -7.55 25.72 -1.01
N GLU A 169 -7.77 24.80 -1.93
CA GLU A 169 -9.12 24.39 -2.33
C GLU A 169 -9.38 23.01 -1.74
N TRP A 170 -10.25 22.95 -0.72
CA TRP A 170 -10.47 21.70 -0.02
C TRP A 170 -11.43 20.80 -0.79
N LYS A 171 -11.15 19.51 -0.76
CA LYS A 171 -11.92 18.50 -1.48
C LYS A 171 -12.14 17.30 -0.56
N LEU A 172 -13.32 16.67 -0.62
CA LEU A 172 -13.59 15.53 0.25
C LEU A 172 -12.70 14.34 -0.18
N VAL A 173 -11.94 13.75 0.76
CA VAL A 173 -11.02 12.67 0.35
C VAL A 173 -11.81 11.51 -0.25
N GLU A 174 -12.96 11.19 0.36
CA GLU A 174 -13.76 10.07 -0.11
C GLU A 174 -14.08 10.23 -1.59
N THR A 175 -14.43 11.45 -2.01
CA THR A 175 -14.73 11.68 -3.43
C THR A 175 -13.45 11.56 -4.28
N GLU A 176 -12.37 12.21 -3.85
CA GLU A 176 -11.11 12.17 -4.60
C GLU A 176 -10.62 10.73 -4.77
N ARG A 177 -10.73 9.94 -3.70
CA ARG A 177 -10.31 8.54 -3.77
C ARG A 177 -11.19 7.75 -4.74
N ALA A 178 -12.52 7.91 -4.62
CA ALA A 178 -13.40 7.12 -5.45
C ALA A 178 -13.27 7.48 -6.93
N ASN A 179 -12.79 8.70 -7.25
CA ASN A 179 -12.65 9.09 -8.66
C ASN A 179 -11.21 8.92 -9.18
N SER A 180 -10.32 8.31 -8.39
CA SER A 180 -8.91 8.31 -8.77
C SER A 180 -8.64 7.34 -9.93
N GLY A 181 -9.47 6.32 -10.09
CA GLY A 181 -9.19 5.28 -11.06
C GLY A 181 -8.14 4.27 -10.62
N ASP A 182 -7.41 4.53 -9.51
CA ASP A 182 -6.42 3.58 -9.00
C ASP A 182 -6.25 3.88 -7.52
N ILE A 183 -7.03 3.20 -6.69
CA ILE A 183 -7.06 3.60 -5.29
C ILE A 183 -5.72 3.26 -4.61
N ALA A 184 -5.11 2.13 -4.99
CA ALA A 184 -3.79 1.80 -4.43
C ALA A 184 -2.80 2.92 -4.70
N ALA A 185 -2.81 3.46 -5.93
CA ALA A 185 -1.87 4.53 -6.27
C ALA A 185 -2.22 5.83 -5.55
N PHE A 186 -3.52 6.11 -5.38
CA PHE A 186 -3.94 7.29 -4.64
C PHE A 186 -3.45 7.24 -3.19
N ASP A 187 -3.63 6.08 -2.54
CA ASP A 187 -3.22 5.94 -1.15
C ASP A 187 -1.70 5.99 -1.03
N HIS A 188 -1.00 5.38 -1.99
CA HIS A 188 0.46 5.46 -1.98
C HIS A 188 0.95 6.88 -2.25
N TRP A 189 0.30 7.60 -3.16
CA TRP A 189 0.62 9.01 -3.36
C TRP A 189 0.47 9.82 -2.06
N LEU A 190 -0.62 9.60 -1.30
CA LEU A 190 -0.78 10.31 -0.02
C LEU A 190 0.41 10.04 0.90
N LYS A 191 0.76 8.76 1.07
CA LYS A 191 1.93 8.41 1.90
C LYS A 191 3.19 9.06 1.38
N SER A 192 3.42 9.01 0.05
CA SER A 192 4.64 9.54 -0.53
CA SER A 192 4.66 9.54 -0.50
C SER A 192 4.74 11.06 -0.34
N ASN A 193 3.57 11.75 -0.32
CA ASN A 193 3.55 13.21 -0.19
C ASN A 193 3.72 13.68 1.24
N ILE A 194 3.61 12.77 2.21
CA ILE A 194 3.72 13.08 3.63
C ILE A 194 5.03 12.61 4.25
N SER A 195 5.58 11.46 3.82
CA SER A 195 6.78 10.93 4.44
C SER A 195 8.05 11.69 4.05
N LEU A 196 8.96 11.85 5.01
CA LEU A 196 10.26 12.44 4.72
C LEU A 196 11.25 11.41 4.17
N LEU A 197 10.88 10.13 4.11
CA LEU A 197 11.76 9.11 3.53
C LEU A 197 11.36 8.71 2.10
N THR A 198 10.45 9.47 1.43
CA THR A 198 10.12 9.17 0.04
C THR A 198 11.34 9.31 -0.86
N THR A 199 12.16 10.32 -0.59
CA THR A 199 13.45 10.50 -1.24
C THR A 199 14.45 10.66 -0.11
N ASP A 200 15.73 10.65 -0.44
CA ASP A 200 16.73 10.82 0.61
C ASP A 200 16.79 12.27 1.06
N PRO A 201 16.45 12.59 2.30
CA PRO A 201 16.43 14.02 2.69
C PRO A 201 17.79 14.66 2.55
N LEU A 202 18.88 13.88 2.70
CA LEU A 202 20.21 14.45 2.58
C LEU A 202 20.51 14.92 1.17
N VAL A 203 19.79 14.39 0.18
CA VAL A 203 19.94 14.81 -1.22
C VAL A 203 18.90 15.86 -1.59
N THR A 204 17.62 15.61 -1.24
CA THR A 204 16.53 16.47 -1.67
C THR A 204 16.47 17.81 -0.92
N TYR A 205 16.85 17.81 0.36
CA TYR A 205 16.79 18.99 1.23
C TYR A 205 18.18 19.19 1.84
N PRO A 206 19.17 19.58 1.02
CA PRO A 206 20.59 19.48 1.45
C PRO A 206 21.11 20.66 2.23
N SER A 207 20.32 21.11 3.21
CA SER A 207 20.80 22.07 4.19
C SER A 207 19.90 21.98 5.41
N LEU A 208 20.40 22.52 6.53
CA LEU A 208 19.58 22.54 7.74
C LEU A 208 18.24 23.24 7.50
N ASP A 209 18.28 24.43 6.87
CA ASP A 209 17.06 25.20 6.72
C ASP A 209 16.09 24.54 5.75
N LYS A 210 16.62 23.89 4.70
CA LYS A 210 15.73 23.20 3.75
C LYS A 210 15.08 21.99 4.40
N VAL A 211 15.84 21.19 5.16
CA VAL A 211 15.21 19.99 5.71
C VAL A 211 14.28 20.34 6.85
N TRP A 212 14.64 21.34 7.68
CA TRP A 212 13.67 21.79 8.68
C TRP A 212 12.44 22.40 8.01
N GLY A 213 12.60 23.00 6.83
CA GLY A 213 11.42 23.49 6.12
C GLY A 213 10.49 22.34 5.76
N ARG A 214 11.08 21.23 5.33
CA ARG A 214 10.28 20.05 4.97
C ARG A 214 9.67 19.41 6.20
N PHE A 215 10.45 19.33 7.30
CA PHE A 215 9.95 18.76 8.55
C PHE A 215 8.80 19.57 9.12
N ASP A 216 8.97 20.90 9.16
CA ASP A 216 7.86 21.76 9.61
C ASP A 216 6.65 21.55 8.72
N LYS A 217 6.88 21.47 7.43
CA LYS A 217 5.76 21.24 6.48
C LYS A 217 5.03 19.94 6.79
N HIS A 218 5.76 18.86 7.13
CA HIS A 218 5.07 17.61 7.46
C HIS A 218 4.04 17.81 8.58
N PHE A 219 4.41 18.54 9.65
CA PHE A 219 3.46 18.76 10.74
C PHE A 219 2.27 19.59 10.27
N SER A 220 2.50 20.54 9.37
CA SER A 220 1.40 21.32 8.79
CA SER A 220 1.39 21.32 8.81
C SER A 220 0.47 20.45 7.98
N GLN A 221 1.03 19.48 7.25
CA GLN A 221 0.22 18.60 6.41
C GLN A 221 -0.77 17.80 7.25
N LEU A 222 -0.35 17.34 8.44
CA LEU A 222 -1.20 16.49 9.27
C LEU A 222 -1.94 17.22 10.37
N ARG A 223 -1.63 18.49 10.62
CA ARG A 223 -2.14 19.10 11.86
C ARG A 223 -3.66 19.02 11.96
N GLY A 224 -4.36 19.33 10.88
CA GLY A 224 -5.83 19.35 10.96
C GLY A 224 -6.36 17.99 11.31
N ILE A 225 -5.93 16.96 10.58
CA ILE A 225 -6.55 15.65 10.79
C ILE A 225 -6.16 15.09 12.17
N ILE A 226 -4.93 15.34 12.61
CA ILE A 226 -4.43 14.65 13.81
C ILE A 226 -4.88 15.33 15.09
N TYR A 227 -5.47 16.53 15.02
CA TYR A 227 -6.06 17.18 16.18
C TYR A 227 -7.57 16.92 16.32
N HIS A 228 -8.18 16.19 15.39
CA HIS A 228 -9.58 15.78 15.56
C HIS A 228 -9.64 14.70 16.64
N THR A 229 -10.45 14.92 17.69
CA THR A 229 -10.36 14.11 18.91
C THR A 229 -10.39 12.60 18.69
N PRO A 230 -11.34 12.01 17.99
CA PRO A 230 -11.34 10.53 17.88
C PRO A 230 -10.17 10.01 17.10
N ILE A 231 -9.68 10.77 16.11
CA ILE A 231 -8.48 10.35 15.40
C ILE A 231 -7.26 10.44 16.32
N ARG A 232 -7.16 11.54 17.09
CA ARG A 232 -6.02 11.72 18.04
C ARG A 232 -5.99 10.61 19.08
N ARG A 233 -7.15 10.31 19.67
CA ARG A 233 -7.32 9.19 20.59
C ARG A 233 -6.79 7.90 19.99
N ASP A 234 -7.24 7.57 18.77
CA ASP A 234 -6.88 6.30 18.14
C ASP A 234 -5.44 6.30 17.67
N TYR A 235 -4.92 7.48 17.29
CA TYR A 235 -3.50 7.58 16.93
C TYR A 235 -2.62 7.27 18.13
N TYR A 236 -2.97 7.85 19.28
CA TYR A 236 -2.21 7.59 20.50
C TYR A 236 -2.25 6.10 20.88
N ARG A 237 -3.41 5.47 20.74
CA ARG A 237 -3.46 4.04 20.97
C ARG A 237 -2.53 3.31 20.02
N GLN A 238 -2.44 3.78 18.75
CA GLN A 238 -1.54 3.13 17.79
CA GLN A 238 -1.54 3.13 17.80
C GLN A 238 -0.08 3.30 18.20
N ILE A 239 0.29 4.43 18.83
CA ILE A 239 1.65 4.55 19.35
C ILE A 239 1.93 3.38 20.30
N LEU A 240 1.01 3.13 21.22
CA LEU A 240 1.24 2.10 22.21
C LEU A 240 1.30 0.73 21.56
N GLU A 241 0.39 0.47 20.59
CA GLU A 241 0.40 -0.81 19.88
CA GLU A 241 0.40 -0.81 19.88
C GLU A 241 1.71 -1.02 19.13
N GLU A 242 2.17 0.01 18.42
CA GLU A 242 3.39 -0.18 17.62
C GLU A 242 4.61 -0.31 18.51
N PHE A 243 4.70 0.49 19.58
CA PHE A 243 5.86 0.37 20.49
C PHE A 243 5.88 -1.00 21.16
N ARG A 244 4.70 -1.50 21.59
CA ARG A 244 4.66 -2.84 22.16
C ARG A 244 5.13 -3.88 21.15
N SER A 245 4.72 -3.74 19.89
CA SER A 245 5.10 -4.71 18.87
CA SER A 245 5.09 -4.69 18.84
C SER A 245 6.60 -4.70 18.57
N ASP A 246 7.29 -3.60 18.86
CA ASP A 246 8.73 -3.59 18.68
C ASP A 246 9.45 -3.94 19.99
N ASN A 247 8.74 -4.59 20.92
CA ASN A 247 9.29 -5.06 22.21
C ASN A 247 9.76 -3.91 23.11
N VAL A 248 9.06 -2.79 23.06
CA VAL A 248 9.17 -1.67 23.99
C VAL A 248 8.07 -1.81 25.03
N GLN A 249 8.39 -1.73 26.30
CA GLN A 249 7.35 -1.96 27.31
C GLN A 249 6.85 -0.67 27.98
N TYR A 250 7.39 0.49 27.65
CA TYR A 250 7.09 1.70 28.41
C TYR A 250 7.48 2.89 27.54
N VAL A 251 6.67 3.97 27.56
CA VAL A 251 7.00 5.18 26.80
C VAL A 251 6.75 6.42 27.64
N GLU A 252 7.62 7.43 27.45
CA GLU A 252 7.30 8.77 27.96
C GLU A 252 7.20 9.66 26.74
N VAL A 253 6.12 10.43 26.64
CA VAL A 253 5.72 11.06 25.37
C VAL A 253 5.53 12.56 25.58
N ARG A 254 6.18 13.41 24.74
CA ARG A 254 5.86 14.85 24.73
C ARG A 254 4.56 15.08 23.99
N SER A 255 3.69 15.93 24.54
CA SER A 255 2.42 16.27 23.89
C SER A 255 2.06 17.70 24.22
N SER A 256 1.46 18.41 23.25
CA SER A 256 0.94 19.74 23.57
C SER A 256 -0.38 19.70 24.35
N LEU A 257 -1.10 18.58 24.30
CA LEU A 257 -2.33 18.26 25.06
C LEU A 257 -3.56 19.07 24.66
N SER A 258 -3.40 20.21 24.04
CA SER A 258 -4.51 21.17 23.97
C SER A 258 -5.05 21.28 22.55
N GLY A 259 -6.33 21.61 22.47
CA GLY A 259 -6.93 21.92 21.19
C GLY A 259 -7.54 20.77 20.40
N TYR A 260 -7.75 19.60 21.01
CA TYR A 260 -8.38 18.53 20.25
C TYR A 260 -9.83 18.91 19.98
N TYR A 261 -10.31 18.65 18.76
CA TYR A 261 -11.61 19.21 18.38
C TYR A 261 -12.55 18.13 17.85
N ASP A 262 -13.85 18.27 18.15
CA ASP A 262 -14.89 17.33 17.75
C ASP A 262 -15.54 17.70 16.42
N LEU A 263 -16.36 16.78 15.89
CA LEU A 263 -17.02 17.05 14.63
C LEU A 263 -17.90 18.29 14.74
N ASP A 264 -18.50 18.53 15.90
CA ASP A 264 -19.40 19.68 16.05
C ASP A 264 -18.66 20.98 16.32
N GLY A 265 -17.34 20.93 16.32
CA GLY A 265 -16.51 22.10 16.50
C GLY A 265 -16.06 22.37 17.92
N THR A 266 -16.52 21.57 18.90
CA THR A 266 -16.06 21.71 20.28
C THR A 266 -14.54 21.56 20.33
N VAL A 267 -13.87 22.50 20.99
CA VAL A 267 -12.41 22.44 21.19
C VAL A 267 -12.16 22.15 22.66
N HIS A 268 -11.34 21.12 22.96
CA HIS A 268 -11.07 20.71 24.33
C HIS A 268 -9.80 21.35 24.89
N ASP A 269 -9.73 21.37 26.22
CA ASP A 269 -8.65 22.03 26.94
C ASP A 269 -7.57 21.01 27.22
N PRO A 270 -6.41 21.44 27.72
CA PRO A 270 -5.30 20.49 27.93
C PRO A 270 -5.59 19.42 28.96
N GLU A 271 -6.38 19.70 30.01
CA GLU A 271 -6.68 18.65 30.98
C GLU A 271 -7.48 17.51 30.34
N TYR A 272 -8.43 17.85 29.48
CA TYR A 272 -9.16 16.83 28.71
C TYR A 272 -8.19 15.99 27.90
N GLY A 273 -7.25 16.63 27.21
CA GLY A 273 -6.30 15.88 26.38
C GLY A 273 -5.48 14.92 27.23
N LEU A 274 -5.06 15.38 28.41
CA LEU A 274 -4.32 14.49 29.32
C LEU A 274 -5.21 13.34 29.80
N GLN A 275 -6.48 13.63 30.13
CA GLN A 275 -7.41 12.58 30.58
C GLN A 275 -7.66 11.57 29.46
N LEU A 276 -7.73 12.04 28.22
CA LEU A 276 -7.94 11.15 27.09
C LEU A 276 -6.79 10.14 26.99
N TYR A 277 -5.57 10.65 27.05
CA TYR A 277 -4.41 9.74 26.99
C TYR A 277 -4.37 8.81 28.21
N LYS A 278 -4.71 9.32 29.39
CA LYS A 278 -4.71 8.47 30.59
C LYS A 278 -5.67 7.30 30.44
N ALA A 279 -6.88 7.58 29.94
CA ALA A 279 -7.84 6.50 29.73
C ALA A 279 -7.37 5.49 28.69
N VAL A 280 -6.80 5.95 27.58
CA VAL A 280 -6.27 5.02 26.58
C VAL A 280 -5.19 4.14 27.19
N THR A 281 -4.25 4.76 27.94
CA THR A 281 -3.13 4.00 28.53
C THR A 281 -3.63 2.96 29.51
N GLU A 282 -4.57 3.34 30.37
CA GLU A 282 -5.09 2.39 31.34
C GLU A 282 -5.75 1.19 30.67
N GLU A 283 -6.55 1.43 29.61
CA GLU A 283 -7.16 0.30 28.87
C GLU A 283 -6.11 -0.57 28.19
N PHE A 284 -5.07 0.07 27.65
CA PHE A 284 -4.02 -0.68 26.98
C PHE A 284 -3.31 -1.59 27.97
N VAL A 285 -2.98 -1.07 29.16
CA VAL A 285 -2.30 -1.90 30.16
C VAL A 285 -3.22 -2.97 30.70
N ARG A 286 -4.54 -2.72 30.80
N ARG A 286 -4.53 -2.71 30.79
CA ARG A 286 -5.44 -3.80 31.16
CA ARG A 286 -5.44 -3.79 31.16
C ARG A 286 -5.41 -4.92 30.13
C ARG A 286 -5.43 -4.91 30.13
N THR A 287 -5.36 -4.55 28.85
CA THR A 287 -5.37 -5.54 27.79
C THR A 287 -4.05 -6.31 27.72
N TYR A 288 -2.94 -5.61 28.01
CA TYR A 288 -1.58 -6.13 27.84
C TYR A 288 -0.78 -5.94 29.13
N PRO A 289 -0.95 -6.85 30.10
CA PRO A 289 -0.20 -6.75 31.35
C PRO A 289 1.30 -6.89 31.17
N ASP A 290 1.76 -7.35 30.01
CA ASP A 290 3.18 -7.37 29.71
C ASP A 290 3.73 -6.03 29.28
N PHE A 291 2.89 -4.98 29.33
CA PHE A 291 3.30 -3.61 29.02
C PHE A 291 3.25 -2.78 30.30
N SER A 292 4.31 -2.01 30.57
CA SER A 292 4.40 -1.22 31.81
C SER A 292 3.56 0.06 31.76
N GLY A 293 3.42 0.68 30.59
CA GLY A 293 2.52 1.82 30.49
C GLY A 293 3.15 3.05 29.86
N ALA A 294 2.66 4.23 30.26
CA ALA A 294 3.12 5.48 29.67
C ALA A 294 2.94 6.62 30.64
N LYS A 295 3.76 7.67 30.47
CA LYS A 295 3.58 8.95 31.17
C LYS A 295 3.82 10.08 30.17
N ILE A 296 3.36 11.30 30.51
CA ILE A 296 3.23 12.39 29.53
C ILE A 296 4.00 13.61 30.00
N ILE A 297 4.73 14.27 29.06
CA ILE A 297 5.43 15.54 29.29
C ILE A 297 4.71 16.60 28.47
N LYS A 298 4.35 17.74 29.08
CA LYS A 298 3.74 18.80 28.29
C LYS A 298 4.82 19.54 27.49
N SER A 299 4.61 19.71 26.19
CA SER A 299 5.52 20.47 25.36
C SER A 299 4.83 21.71 24.79
N THR A 300 5.62 22.79 24.68
CA THR A 300 5.20 24.02 24.04
C THR A 300 6.26 24.48 23.05
N ALA A 301 5.84 25.03 21.91
CA ALA A 301 6.80 25.50 20.92
C ALA A 301 7.50 26.76 21.40
N ARG A 302 8.83 26.80 21.19
CA ARG A 302 9.67 27.91 21.66
C ARG A 302 9.63 29.12 20.74
N VAL A 303 8.50 29.32 20.06
CA VAL A 303 8.29 30.47 19.18
C VAL A 303 7.37 31.50 19.80
N LYS A 304 6.80 31.22 20.94
CA LYS A 304 5.77 32.02 21.60
C LYS A 304 6.38 33.10 22.49
N PRO A 305 5.64 34.18 22.69
CA PRO A 305 6.09 35.19 23.65
C PRO A 305 6.23 34.63 25.07
N ASN A 306 7.16 35.21 25.81
CA ASN A 306 7.39 34.80 27.19
C ASN A 306 6.12 34.85 28.03
N THR A 307 5.24 35.83 27.81
CA THR A 307 4.01 35.88 28.57
C THR A 307 3.15 34.63 28.38
N ASP A 308 3.18 33.99 27.18
CA ASP A 308 2.42 32.77 26.97
C ASP A 308 3.12 31.55 27.58
N ILE A 309 4.46 31.50 27.55
CA ILE A 309 5.15 30.40 28.21
C ILE A 309 4.88 30.43 29.71
N PHE A 310 4.79 31.62 30.31
CA PHE A 310 4.45 31.71 31.72
C PHE A 310 3.15 30.96 32.00
N ASN A 311 2.15 31.13 31.13
CA ASN A 311 0.89 30.44 31.38
C ASN A 311 1.03 28.94 31.22
N ASP A 312 1.87 28.50 30.29
CA ASP A 312 2.06 27.05 30.15
C ASP A 312 2.83 26.45 31.32
N VAL A 313 3.72 27.22 31.93
CA VAL A 313 4.36 26.77 33.16
C VAL A 313 3.33 26.64 34.29
N LYS A 314 2.47 27.66 34.45
CA LYS A 314 1.42 27.60 35.47
C LYS A 314 0.49 26.41 35.22
N LEU A 315 0.13 26.19 33.95
CA LEU A 315 -0.70 25.03 33.60
C LEU A 315 0.00 23.74 33.99
N SER A 316 1.30 23.65 33.71
CA SER A 316 2.04 22.43 34.04
C SER A 316 2.15 22.22 35.54
N MET A 317 2.34 23.30 36.31
CA MET A 317 2.36 23.16 37.77
C MET A 317 1.04 22.55 38.27
N ASP A 318 -0.08 23.01 37.72
CA ASP A 318 -1.37 22.48 38.16
C ASP A 318 -1.55 21.01 37.77
N LEU A 319 -1.25 20.66 36.51
CA LEU A 319 -1.40 19.25 36.10
C LEU A 319 -0.41 18.35 36.83
N TYR A 320 0.79 18.86 37.18
CA TYR A 320 1.70 18.03 37.95
C TYR A 320 1.16 17.75 39.35
N LYS A 321 0.50 18.74 39.95
CA LYS A 321 -0.05 18.54 41.28
C LYS A 321 -1.21 17.55 41.23
N ARG A 322 -2.04 17.60 40.19
CA ARG A 322 -3.28 16.85 40.24
C ARG A 322 -3.22 15.51 39.50
N TYR A 323 -2.20 15.28 38.68
CA TYR A 323 -2.01 13.99 37.99
C TYR A 323 -0.63 13.43 38.32
N PRO A 324 -0.32 13.30 39.61
CA PRO A 324 1.01 12.79 39.98
C PRO A 324 1.17 11.37 39.45
N GLY A 325 2.36 11.06 38.96
CA GLY A 325 2.50 9.73 38.37
C GLY A 325 1.94 9.54 36.96
N PHE A 326 1.22 10.52 36.37
CA PHE A 326 0.96 10.45 34.93
C PHE A 326 1.50 11.66 34.19
N PHE A 327 1.33 12.85 34.75
CA PHE A 327 1.89 14.07 34.17
C PHE A 327 3.28 14.30 34.77
N LEU A 328 4.31 14.41 33.91
CA LEU A 328 5.71 14.45 34.41
C LEU A 328 6.28 15.86 34.59
N GLY A 329 5.92 16.79 33.73
CA GLY A 329 6.63 18.06 33.72
C GLY A 329 6.51 18.71 32.35
N PHE A 330 7.49 19.56 32.05
CA PHE A 330 7.39 20.49 30.93
C PHE A 330 8.65 20.46 30.05
N ASP A 331 8.46 20.78 28.78
CA ASP A 331 9.54 20.88 27.80
C ASP A 331 9.18 21.95 26.78
N LEU A 332 10.21 22.52 26.16
CA LEU A 332 10.09 23.47 25.06
C LEU A 332 10.64 22.83 23.79
N VAL A 333 9.86 22.88 22.70
CA VAL A 333 10.18 22.18 21.46
C VAL A 333 10.11 23.18 20.32
N ALA A 334 10.12 22.70 19.05
CA ALA A 334 10.31 23.42 17.79
C ALA A 334 11.82 23.63 17.56
N GLN A 335 12.20 24.10 16.39
CA GLN A 335 13.61 24.10 16.03
C GLN A 335 14.42 24.96 17.01
N GLU A 336 15.53 24.42 17.50
CA GLU A 336 16.25 25.14 18.55
C GLU A 336 17.06 26.34 18.01
N ASP A 337 17.71 26.21 16.85
CA ASP A 337 18.69 27.24 16.43
C ASP A 337 18.09 28.63 16.20
N PRO A 338 16.96 28.82 15.51
CA PRO A 338 16.52 30.19 15.19
C PRO A 338 15.51 30.78 16.16
N ASN A 339 15.09 30.04 17.15
CA ASN A 339 13.97 30.40 18.01
C ASN A 339 14.49 30.78 19.40
N THR A 340 13.58 30.83 20.38
CA THR A 340 13.92 31.44 21.67
C THR A 340 14.72 30.48 22.55
N SER A 341 15.75 31.02 23.18
CA SER A 341 16.56 30.23 24.13
C SER A 341 15.83 30.04 25.47
N LEU A 342 16.36 29.10 26.27
CA LEU A 342 15.85 28.97 27.63
C LEU A 342 16.04 30.27 28.41
N LEU A 343 17.18 30.93 28.23
CA LEU A 343 17.39 32.18 28.97
C LEU A 343 16.33 33.22 28.62
N GLY A 344 15.85 33.20 27.37
CA GLY A 344 14.76 34.08 26.93
C GLY A 344 13.45 33.85 27.65
N TYR A 345 13.30 32.72 28.33
CA TYR A 345 12.11 32.42 29.11
C TYR A 345 12.43 32.27 30.59
N ILE A 346 13.58 32.79 31.06
CA ILE A 346 14.09 32.32 32.35
C ILE A 346 13.15 32.69 33.52
N ASP A 347 12.50 33.87 33.49
CA ASP A 347 11.64 34.18 34.63
C ASP A 347 10.43 33.25 34.67
N SER A 348 9.94 32.82 33.52
CA SER A 348 8.87 31.82 33.52
C SER A 348 9.37 30.48 34.04
N LEU A 349 10.56 30.06 33.61
CA LEU A 349 11.04 28.75 34.03
C LEU A 349 11.48 28.71 35.49
N LEU A 350 11.90 29.87 36.07
CA LEU A 350 12.22 29.93 37.49
C LEU A 350 10.99 30.15 38.37
N TYR A 351 9.83 30.51 37.79
CA TYR A 351 8.68 30.84 38.63
C TYR A 351 8.30 29.74 39.63
N PRO A 352 8.23 28.45 39.27
CA PRO A 352 7.85 27.46 40.29
C PRO A 352 8.79 27.44 41.49
N SER A 353 10.10 27.50 41.24
CA SER A 353 11.08 27.42 42.33
C SER A 353 11.04 28.64 43.22
N ARG A 354 10.47 29.75 42.74
CA ARG A 354 10.41 31.00 43.48
C ARG A 354 9.13 31.17 44.30
N GLN A 355 8.22 30.19 44.26
CA GLN A 355 7.00 30.35 45.02
C GLN A 355 7.26 30.11 46.51
N ASN A 356 6.28 30.46 47.34
CA ASN A 356 6.38 30.32 48.79
C ASN A 356 5.15 29.56 49.27
N PRO A 357 5.26 28.24 49.48
CA PRO A 357 6.47 27.40 49.35
C PRO A 357 6.84 27.07 47.92
N PRO A 358 8.12 26.75 47.69
CA PRO A 358 8.57 26.44 46.33
C PRO A 358 7.81 25.25 45.75
N VAL A 359 7.65 25.26 44.43
CA VAL A 359 7.06 24.16 43.68
C VAL A 359 8.13 23.63 42.74
N SER A 360 8.40 22.32 42.78
CA SER A 360 9.43 21.73 41.93
C SER A 360 8.74 21.12 40.71
N LEU A 361 8.65 21.91 39.64
CA LEU A 361 8.12 21.46 38.36
C LEU A 361 9.24 20.82 37.55
N PRO A 362 9.17 19.54 37.25
CA PRO A 362 10.29 18.89 36.53
C PRO A 362 10.36 19.34 35.08
N TYR A 363 11.59 19.43 34.58
CA TYR A 363 11.82 19.84 33.21
C TYR A 363 12.57 18.78 32.45
N TYR A 364 12.25 18.65 31.16
CA TYR A 364 12.87 17.66 30.28
C TYR A 364 13.42 18.33 29.03
N PHE A 365 14.22 19.38 29.18
CA PHE A 365 14.49 20.28 28.05
C PHE A 365 15.22 19.61 26.91
N HIS A 366 14.66 19.70 25.70
CA HIS A 366 15.48 19.68 24.49
C HIS A 366 16.56 20.73 24.64
N ALA A 367 17.82 20.35 24.44
CA ALA A 367 18.88 21.34 24.64
C ALA A 367 20.15 20.91 23.92
N GLY A 368 20.79 21.87 23.24
CA GLY A 368 22.01 21.59 22.49
C GLY A 368 21.83 20.73 21.25
N GLU A 369 20.64 20.75 20.61
CA GLU A 369 20.39 20.04 19.34
C GLU A 369 20.96 20.90 18.20
N THR A 370 22.29 21.03 18.17
CA THR A 370 22.86 22.07 17.33
C THR A 370 24.32 21.71 17.03
N ASN A 371 24.82 22.21 15.90
CA ASN A 371 26.25 22.22 15.55
C ASN A 371 26.97 23.49 16.02
N TRP A 372 26.25 24.50 16.54
CA TRP A 372 26.88 25.74 16.97
C TRP A 372 27.63 25.54 18.28
N GLN A 373 28.63 26.41 18.51
CA GLN A 373 29.44 26.35 19.70
C GLN A 373 29.63 27.77 20.21
N GLY A 374 29.47 27.96 21.52
CA GLY A 374 29.68 29.30 22.08
C GLY A 374 28.57 30.28 21.78
N THR A 375 27.38 29.81 21.39
CA THR A 375 26.23 30.63 21.00
C THR A 375 25.11 30.49 22.02
N GLU A 376 24.08 31.34 21.89
CA GLU A 376 22.88 31.14 22.69
C GLU A 376 22.33 29.72 22.63
N VAL A 377 22.54 29.02 21.51
CA VAL A 377 21.86 27.75 21.35
C VAL A 377 22.52 26.66 22.17
N ASP A 378 23.85 26.48 22.02
CA ASP A 378 24.46 25.43 22.82
C ASP A 378 24.59 25.83 24.28
N TYR A 379 24.56 27.14 24.59
CA TYR A 379 24.52 27.48 26.01
C TYR A 379 23.16 27.18 26.65
N ASN A 380 22.15 26.75 25.87
CA ASN A 380 20.92 26.24 26.50
C ASN A 380 21.26 25.07 27.41
N LEU A 381 22.38 24.38 27.14
CA LEU A 381 22.75 23.27 28.05
C LEU A 381 23.08 23.79 29.46
N VAL A 382 23.72 24.96 29.57
CA VAL A 382 24.03 25.51 30.87
C VAL A 382 22.73 25.80 31.62
N ASP A 383 21.77 26.45 30.96
CA ASP A 383 20.52 26.77 31.63
C ASP A 383 19.74 25.51 31.98
N ALA A 384 19.79 24.49 31.13
CA ALA A 384 19.10 23.22 31.46
C ALA A 384 19.63 22.69 32.80
N LEU A 385 20.93 22.76 33.02
CA LEU A 385 21.46 22.24 34.27
C LEU A 385 21.15 23.15 35.44
N LEU A 386 21.19 24.49 35.24
CA LEU A 386 20.88 25.38 36.35
C LEU A 386 19.44 25.24 36.78
N LEU A 387 18.55 24.92 35.83
CA LEU A 387 17.14 24.69 36.11
C LEU A 387 16.84 23.27 36.55
N ASN A 388 17.86 22.41 36.72
CA ASN A 388 17.70 21.08 37.30
C ASN A 388 16.91 20.14 36.40
N ALA A 389 17.16 20.18 35.09
CA ALA A 389 16.48 19.27 34.17
C ALA A 389 16.67 17.82 34.61
N THR A 390 15.60 17.05 34.50
CA THR A 390 15.61 15.64 34.90
C THR A 390 16.31 14.79 33.83
N ARG A 391 16.01 15.06 32.57
CA ARG A 391 16.75 14.52 31.42
C ARG A 391 16.97 15.66 30.44
N ILE A 392 17.95 15.48 29.54
CA ILE A 392 18.23 16.46 28.50
C ILE A 392 17.97 15.80 27.13
N GLY A 393 17.19 16.49 26.28
CA GLY A 393 16.93 16.01 24.93
C GLY A 393 18.05 16.32 23.95
N HIS A 394 18.65 15.28 23.34
CA HIS A 394 19.73 15.38 22.35
C HIS A 394 21.09 15.68 22.95
N GLY A 395 21.32 16.91 23.41
CA GLY A 395 22.63 17.25 23.93
C GLY A 395 23.71 17.00 22.90
N PHE A 396 23.43 17.26 21.61
CA PHE A 396 24.42 17.02 20.58
C PHE A 396 25.69 17.85 20.83
N ALA A 397 25.52 19.09 21.29
CA ALA A 397 26.66 19.95 21.57
C ALA A 397 27.36 19.66 22.89
N LEU A 398 26.90 18.66 23.65
CA LEU A 398 27.43 18.48 25.00
C LEU A 398 28.92 18.18 25.03
N ILE A 399 29.44 17.38 24.07
CA ILE A 399 30.88 17.06 24.08
C ILE A 399 31.77 18.30 23.91
N LYS A 400 31.23 19.43 23.42
CA LYS A 400 31.99 20.68 23.40
C LYS A 400 32.00 21.42 24.74
N HIS A 401 31.35 20.88 25.75
CA HIS A 401 31.19 21.59 27.02
C HIS A 401 31.69 20.74 28.19
N PRO A 402 33.00 20.74 28.47
CA PRO A 402 33.52 19.77 29.46
C PRO A 402 32.96 19.94 30.86
N ARG A 403 32.67 21.17 31.33
CA ARG A 403 32.11 21.31 32.68
C ARG A 403 30.67 20.83 32.73
N VAL A 404 29.87 21.13 31.69
CA VAL A 404 28.50 20.62 31.69
C VAL A 404 28.49 19.08 31.71
N ILE A 405 29.41 18.44 30.96
CA ILE A 405 29.51 16.98 31.00
C ILE A 405 29.70 16.49 32.43
N GLU A 406 30.61 17.12 33.16
CA GLU A 406 30.88 16.60 34.51
C GLU A 406 29.66 16.78 35.39
N LEU A 407 28.92 17.89 35.22
CA LEU A 407 27.69 18.07 35.97
C LEU A 407 26.65 17.02 35.60
N VAL A 408 26.54 16.73 34.31
CA VAL A 408 25.57 15.73 33.88
C VAL A 408 25.90 14.37 34.49
N LYS A 409 27.19 14.00 34.49
CA LYS A 409 27.60 12.73 35.09
C LYS A 409 27.36 12.71 36.60
N SER A 410 27.74 13.79 37.29
CA SER A 410 27.69 13.71 38.75
C SER A 410 26.25 13.76 39.26
N ARG A 411 25.34 14.39 38.51
CA ARG A 411 23.94 14.44 38.90
C ARG A 411 23.10 13.31 38.32
N GLY A 412 23.63 12.53 37.39
CA GLY A 412 22.84 11.46 36.80
C GLY A 412 21.70 11.97 35.93
N VAL A 413 21.97 12.98 35.10
CA VAL A 413 20.97 13.55 34.19
C VAL A 413 21.10 12.82 32.85
N ALA A 414 20.16 11.93 32.53
CA ALA A 414 20.35 11.13 31.32
C ALA A 414 20.19 12.01 30.08
N VAL A 415 20.98 11.72 29.05
CA VAL A 415 20.89 12.40 27.77
C VAL A 415 20.10 11.49 26.83
N GLU A 416 19.04 12.03 26.22
CA GLU A 416 18.21 11.24 25.32
C GLU A 416 18.81 11.38 23.94
N VAL A 417 19.36 10.29 23.40
CA VAL A 417 20.10 10.33 22.14
C VAL A 417 19.24 9.73 21.03
N ASN A 418 19.03 10.47 19.95
CA ASN A 418 18.06 10.13 18.88
C ASN A 418 18.85 10.16 17.58
N PRO A 419 19.56 9.07 17.24
CA PRO A 419 20.57 9.20 16.17
C PRO A 419 19.99 9.38 14.77
N VAL A 420 18.92 8.67 14.37
CA VAL A 420 18.40 8.85 13.02
C VAL A 420 17.87 10.26 12.84
N SER A 421 17.19 10.77 13.86
CA SER A 421 16.70 12.16 13.84
C SER A 421 17.84 13.14 13.61
N ASN A 422 18.98 12.93 14.30
CA ASN A 422 20.07 13.90 14.18
C ASN A 422 20.71 13.85 12.80
N GLN A 423 20.73 12.68 12.16
CA GLN A 423 21.24 12.60 10.80
C GLN A 423 20.25 13.25 9.83
N LEU A 424 18.99 12.80 9.83
CA LEU A 424 18.08 13.29 8.80
C LEU A 424 17.78 14.78 8.98
N LEU A 425 17.79 15.28 10.21
CA LEU A 425 17.48 16.71 10.41
C LEU A 425 18.71 17.59 10.47
N GLY A 426 19.86 17.11 10.01
CA GLY A 426 20.92 17.98 9.55
C GLY A 426 22.07 18.24 10.52
N LEU A 427 22.21 17.44 11.57
CA LEU A 427 23.35 17.69 12.46
C LEU A 427 24.59 16.90 12.10
N VAL A 428 24.47 15.83 11.30
CA VAL A 428 25.63 14.99 11.01
C VAL A 428 25.30 14.17 9.78
N LYS A 429 26.32 13.77 9.02
CA LYS A 429 26.10 12.95 7.83
C LYS A 429 26.53 11.51 8.07
N ASP A 430 27.81 11.28 8.33
CA ASP A 430 28.32 9.94 8.67
C ASP A 430 28.05 9.74 10.16
N LEU A 431 27.20 8.74 10.49
CA LEU A 431 26.79 8.60 11.88
C LEU A 431 27.95 8.21 12.81
N ARG A 432 29.09 7.77 12.26
CA ARG A 432 30.20 7.56 13.19
C ARG A 432 30.77 8.88 13.72
N ASN A 433 30.40 10.01 13.12
CA ASN A 433 30.71 11.33 13.68
C ASN A 433 29.65 11.82 14.67
N HIS A 434 28.68 10.99 15.04
CA HIS A 434 27.66 11.47 15.95
C HIS A 434 28.30 11.83 17.29
N ALA A 435 27.96 13.02 17.83
CA ALA A 435 28.63 13.55 19.00
C ALA A 435 28.31 12.80 20.30
N ALA A 436 27.40 11.83 20.30
CA ALA A 436 27.19 11.02 21.48
C ALA A 436 28.19 9.87 21.58
N ALA A 437 28.92 9.54 20.52
CA ALA A 437 29.89 8.46 20.67
C ALA A 437 30.94 8.81 21.73
N PRO A 438 31.52 10.03 21.76
CA PRO A 438 32.45 10.33 22.88
C PRO A 438 31.75 10.41 24.23
N LEU A 439 30.44 10.67 24.29
CA LEU A 439 29.72 10.63 25.55
C LEU A 439 29.63 9.20 26.08
N LEU A 440 29.26 8.26 25.22
CA LEU A 440 29.20 6.87 25.65
C LEU A 440 30.56 6.34 26.06
N ALA A 441 31.63 6.82 25.42
CA ALA A 441 32.96 6.32 25.79
C ALA A 441 33.36 6.73 27.21
N GLN A 442 32.82 7.85 27.74
CA GLN A 442 33.11 8.23 29.12
C GLN A 442 32.00 7.84 30.07
N ASN A 443 31.01 7.07 29.60
CA ASN A 443 29.90 6.63 30.44
C ASN A 443 29.06 7.80 30.98
N VAL A 444 28.85 8.82 30.15
CA VAL A 444 27.75 9.75 30.39
C VAL A 444 26.46 8.95 30.34
N PRO A 445 25.49 9.16 31.24
CA PRO A 445 24.25 8.35 31.18
C PRO A 445 23.44 8.71 29.94
N VAL A 446 23.15 7.70 29.12
CA VAL A 446 22.46 7.89 27.84
C VAL A 446 21.30 6.92 27.76
N VAL A 447 20.21 7.36 27.16
CA VAL A 447 19.14 6.48 26.72
C VAL A 447 18.96 6.72 25.23
N ILE A 448 18.70 5.66 24.48
CA ILE A 448 18.43 5.76 23.04
C ILE A 448 16.94 5.91 22.81
N SER A 449 16.56 6.77 21.87
CA SER A 449 15.14 6.89 21.51
C SER A 449 15.02 7.25 20.03
N SER A 450 13.76 7.36 19.51
CA SER A 450 13.61 7.57 18.07
C SER A 450 13.06 8.94 17.65
N ASP A 451 12.54 9.72 18.59
CA ASP A 451 12.12 11.12 18.40
C ASP A 451 10.81 11.27 17.61
N ASP A 452 10.90 11.13 16.30
CA ASP A 452 9.76 11.26 15.40
C ASP A 452 9.72 10.13 14.39
N PRO A 453 9.69 8.87 14.83
CA PRO A 453 9.90 7.75 13.88
C PRO A 453 8.87 7.65 12.81
N GLY A 454 7.62 8.07 13.08
CA GLY A 454 6.61 7.99 12.03
C GLY A 454 6.90 8.93 10.85
N VAL A 455 7.60 10.03 11.09
CA VAL A 455 7.83 11.02 10.03
C VAL A 455 8.69 10.45 8.92
N TRP A 456 9.64 9.57 9.25
CA TRP A 456 10.57 9.05 8.25
C TRP A 456 10.58 7.52 8.25
N GLU A 457 9.47 6.90 8.65
CA GLU A 457 9.21 5.47 8.45
C GLU A 457 10.18 4.60 9.25
N ALA A 458 10.58 5.04 10.43
CA ALA A 458 11.39 4.17 11.29
C ALA A 458 10.49 3.37 12.23
N LEU A 459 11.05 2.26 12.73
CA LEU A 459 10.41 1.50 13.78
C LEU A 459 10.48 2.27 15.10
N PRO A 460 9.70 1.83 16.09
CA PRO A 460 9.69 2.55 17.37
C PRO A 460 11.08 2.69 18.01
N MET A 461 11.89 1.63 17.97
CA MET A 461 13.21 1.70 18.56
C MET A 461 14.27 0.93 17.81
N SER A 462 13.93 -0.11 17.02
CA SER A 462 14.96 -1.02 16.57
C SER A 462 15.92 -0.36 15.59
N HIS A 463 15.44 0.57 14.75
CA HIS A 463 16.37 1.21 13.82
C HIS A 463 17.36 2.11 14.56
N ASP A 464 16.89 2.88 15.53
CA ASP A 464 17.77 3.78 16.27
C ASP A 464 18.75 2.98 17.14
N MET A 465 18.30 1.88 17.73
CA MET A 465 19.19 1.06 18.53
C MET A 465 20.24 0.39 17.65
N TYR A 466 19.85 -0.05 16.46
CA TYR A 466 20.85 -0.60 15.54
C TYR A 466 21.90 0.43 15.18
N VAL A 467 21.49 1.64 14.77
CA VAL A 467 22.52 2.61 14.37
C VAL A 467 23.35 3.03 15.57
N ALA A 468 22.76 3.13 16.77
CA ALA A 468 23.61 3.43 17.94
C ALA A 468 24.65 2.33 18.16
N PHE A 469 24.20 1.09 18.06
CA PHE A 469 25.09 -0.04 18.29
C PHE A 469 26.18 -0.13 17.23
N MET A 470 25.88 0.20 15.96
CA MET A 470 26.85 -0.01 14.89
C MET A 470 27.75 1.19 14.66
N ASP A 471 27.31 2.39 15.06
CA ASP A 471 27.98 3.64 14.71
C ASP A 471 28.50 4.42 15.90
N LEU A 472 27.87 4.31 17.08
CA LEU A 472 28.23 5.16 18.22
C LEU A 472 29.08 4.46 19.26
N VAL A 473 29.38 3.16 19.08
CA VAL A 473 30.31 2.42 19.90
C VAL A 473 31.15 1.60 18.93
N GLY A 474 32.19 0.95 19.46
CA GLY A 474 33.23 0.39 18.61
C GLY A 474 33.00 -1.07 18.18
N GLU A 475 33.90 -1.55 17.32
CA GLU A 475 33.81 -2.92 16.79
C GLU A 475 33.87 -3.96 17.90
N ASP A 476 34.59 -3.68 18.99
CA ASP A 476 34.71 -4.62 20.09
C ASP A 476 33.64 -4.42 21.18
N ALA A 477 32.59 -3.65 20.92
CA ALA A 477 31.53 -3.42 21.88
C ALA A 477 30.34 -4.32 21.50
N GLY A 478 29.93 -5.18 22.44
CA GLY A 478 28.90 -6.16 22.14
C GLY A 478 27.63 -6.01 22.94
N LEU A 479 27.09 -7.17 23.33
CA LEU A 479 25.81 -7.27 24.00
C LEU A 479 25.76 -6.52 25.34
N ASP A 480 26.92 -6.31 25.99
CA ASP A 480 26.92 -5.52 27.23
C ASP A 480 26.47 -4.08 27.01
N VAL A 481 26.87 -3.48 25.88
CA VAL A 481 26.42 -2.13 25.56
C VAL A 481 24.90 -2.11 25.35
N LEU A 482 24.36 -3.08 24.59
CA LEU A 482 22.92 -3.11 24.39
C LEU A 482 22.20 -3.30 25.70
N LYS A 483 22.69 -4.23 26.53
CA LYS A 483 21.97 -4.51 27.77
C LYS A 483 21.97 -3.26 28.65
N GLN A 484 23.10 -2.55 28.69
CA GLN A 484 23.19 -1.38 29.55
C GLN A 484 22.25 -0.28 29.08
N LEU A 485 22.19 -0.06 27.76
CA LEU A 485 21.30 0.99 27.25
C LEU A 485 19.82 0.64 27.50
N VAL A 486 19.46 -0.63 27.36
CA VAL A 486 18.12 -1.08 27.67
C VAL A 486 17.80 -0.86 29.15
N TRP A 487 18.69 -1.31 30.04
CA TRP A 487 18.43 -1.06 31.46
C TRP A 487 18.40 0.43 31.77
N ASN A 488 19.28 1.21 31.14
CA ASN A 488 19.27 2.65 31.37
C ASN A 488 17.89 3.25 31.08
N SER A 489 17.22 2.75 30.03
CA SER A 489 15.94 3.37 29.65
C SER A 489 14.87 3.20 30.73
N ILE A 490 14.98 2.18 31.58
CA ILE A 490 14.09 2.08 32.72
C ILE A 490 14.68 2.79 33.94
N GLN A 491 15.98 2.62 34.20
CA GLN A 491 16.55 3.20 35.42
C GLN A 491 16.55 4.74 35.39
N TYR A 492 16.62 5.35 34.21
CA TYR A 492 16.54 6.81 34.11
C TYR A 492 15.18 7.31 33.63
N SER A 493 14.18 6.43 33.59
CA SER A 493 12.81 6.88 33.36
C SER A 493 12.33 7.66 34.56
N SER A 494 11.11 8.21 34.44
CA SER A 494 10.50 8.91 35.56
C SER A 494 9.49 8.06 36.31
N MET A 495 9.56 6.73 36.18
CA MET A 495 8.82 5.89 37.12
C MET A 495 9.28 6.15 38.57
N ASN A 496 8.36 5.99 39.52
CA ASN A 496 8.82 6.06 40.90
C ASN A 496 9.61 4.78 41.23
N ALA A 497 10.22 4.73 42.42
CA ALA A 497 11.15 3.63 42.69
C ALA A 497 10.43 2.27 42.68
N THR A 498 9.21 2.22 43.24
CA THR A 498 8.43 0.98 43.24
C THR A 498 8.06 0.56 41.82
N GLU A 499 7.67 1.51 40.97
CA GLU A 499 7.36 1.20 39.59
C GLU A 499 8.57 0.66 38.86
N LYS A 500 9.74 1.27 39.09
CA LYS A 500 10.94 0.83 38.40
C LYS A 500 11.27 -0.61 38.77
N LYS A 501 11.12 -0.97 40.04
CA LYS A 501 11.42 -2.33 40.46
C LYS A 501 10.51 -3.33 39.76
N THR A 502 9.22 -2.99 39.65
CA THR A 502 8.27 -3.84 38.94
C THR A 502 8.63 -3.95 37.47
N ALA A 503 8.95 -2.82 36.84
CA ALA A 503 9.28 -2.81 35.43
C ALA A 503 10.57 -3.60 35.17
N LEU A 504 11.54 -3.49 36.07
CA LEU A 504 12.79 -4.24 35.87
C LEU A 504 12.59 -5.75 36.02
N LYS A 505 11.70 -6.18 36.92
CA LYS A 505 11.41 -7.62 36.98
C LYS A 505 10.80 -8.10 35.67
N LEU A 506 9.88 -7.30 35.11
CA LEU A 506 9.29 -7.65 33.84
C LEU A 506 10.34 -7.64 32.73
N LEU A 507 11.24 -6.64 32.75
CA LEU A 507 12.29 -6.56 31.73
C LEU A 507 13.23 -7.77 31.81
N GLN A 508 13.63 -8.16 33.03
CA GLN A 508 14.50 -9.32 33.21
C GLN A 508 13.88 -10.58 32.61
N ALA A 509 12.58 -10.80 32.82
CA ALA A 509 11.97 -12.00 32.26
C ALA A 509 11.96 -11.97 30.73
N LYS A 510 11.66 -10.80 30.16
CA LYS A 510 11.73 -10.63 28.70
C LYS A 510 13.12 -10.85 28.17
N TRP A 511 14.13 -10.31 28.87
CA TRP A 511 15.53 -10.49 28.49
C TRP A 511 15.91 -11.97 28.50
N ASN A 512 15.53 -12.66 29.55
CA ASN A 512 15.89 -14.08 29.64
C ASN A 512 15.27 -14.86 28.50
N ASN A 513 14.00 -14.57 28.17
CA ASN A 513 13.36 -15.26 27.06
C ASN A 513 14.05 -14.94 25.74
N PHE A 514 14.39 -13.66 25.54
CA PHE A 514 15.14 -13.23 24.35
C PHE A 514 16.50 -13.95 24.23
N ILE A 515 17.24 -14.11 25.33
CA ILE A 515 18.52 -14.81 25.22
C ILE A 515 18.30 -16.25 24.78
N ASN A 516 17.42 -16.96 25.50
CA ASN A 516 17.17 -18.36 25.16
C ASN A 516 16.66 -18.50 23.74
N ASP A 517 15.71 -17.66 23.34
CA ASP A 517 15.17 -17.75 21.98
C ASP A 517 16.26 -17.49 20.95
N SER A 518 17.19 -16.55 21.24
CA SER A 518 18.22 -16.19 20.27
C SER A 518 19.22 -17.31 20.09
N LEU A 519 19.60 -17.98 21.19
CA LEU A 519 20.52 -19.10 21.04
C LEU A 519 19.94 -20.18 20.15
N ILE A 520 18.63 -20.44 20.27
CA ILE A 520 18.01 -21.47 19.43
C ILE A 520 17.91 -20.97 17.99
N LYS A 521 17.47 -19.73 17.81
CA LYS A 521 17.21 -19.19 16.48
C LYS A 521 18.49 -19.09 15.66
N TRP A 522 19.59 -18.66 16.26
CA TRP A 522 20.87 -18.52 15.57
C TRP A 522 21.78 -19.74 15.74
N LYS A 523 21.23 -20.85 16.22
CA LYS A 523 21.92 -22.15 16.29
C LYS A 523 23.24 -22.02 17.05
N LEU A 524 23.15 -21.41 18.23
CA LEU A 524 24.31 -21.13 19.06
C LEU A 524 24.38 -22.02 20.28
N THR A 525 23.41 -22.92 20.48
CA THR A 525 23.32 -23.63 21.75
C THR A 525 24.48 -24.57 21.98
N ASN A 526 25.32 -24.81 20.96
CA ASN A 526 26.44 -25.76 21.01
C ASN A 526 25.91 -27.18 21.27
N LYS A 527 25.10 -27.66 20.32
CA LYS A 527 24.57 -29.02 20.34
C LYS A 527 25.68 -30.03 19.98
N ARG B 31 -66.96 -5.28 -10.52
CA ARG B 31 -65.80 -5.77 -9.78
C ARG B 31 -65.10 -4.64 -9.01
N PHE B 32 -64.75 -3.56 -9.71
CA PHE B 32 -64.10 -2.39 -9.11
C PHE B 32 -64.86 -1.13 -9.50
N PRO B 33 -66.06 -0.93 -8.95
CA PRO B 33 -66.85 0.26 -9.30
C PRO B 33 -66.15 1.56 -8.95
N THR B 34 -65.32 1.59 -7.91
CA THR B 34 -64.55 2.79 -7.57
C THR B 34 -63.08 2.46 -7.38
N MET B 35 -62.28 3.54 -7.28
CA MET B 35 -60.85 3.40 -7.06
C MET B 35 -60.53 2.79 -5.72
N ASP B 36 -61.37 3.06 -4.72
CA ASP B 36 -61.14 2.50 -3.40
C ASP B 36 -61.22 0.98 -3.41
N GLU B 37 -62.18 0.40 -4.16
CA GLU B 37 -62.22 -1.06 -4.25
C GLU B 37 -60.97 -1.59 -4.93
N TYR B 38 -60.57 -0.95 -6.04
CA TYR B 38 -59.37 -1.39 -6.75
C TYR B 38 -58.12 -1.22 -5.88
N THR B 39 -57.99 -0.06 -5.25
CA THR B 39 -56.84 0.19 -4.39
C THR B 39 -56.79 -0.83 -3.26
N ASN B 40 -57.94 -1.14 -2.66
CA ASN B 40 -57.93 -2.10 -1.54
C ASN B 40 -57.49 -3.49 -1.99
N ALA B 41 -57.96 -3.91 -3.16
CA ALA B 41 -57.52 -5.22 -3.68
C ALA B 41 -56.03 -5.23 -3.97
N ARG B 42 -55.52 -4.14 -4.54
CA ARG B 42 -54.11 -4.06 -4.87
C ARG B 42 -53.22 -4.09 -3.62
N GLU B 43 -53.64 -3.35 -2.61
CA GLU B 43 -52.88 -3.30 -1.37
C GLU B 43 -52.97 -4.62 -0.62
N GLU B 44 -54.10 -5.32 -0.73
CA GLU B 44 -54.23 -6.65 -0.13
C GLU B 44 -53.21 -7.62 -0.74
N LEU B 45 -53.07 -7.60 -2.05
CA LEU B 45 -52.18 -8.52 -2.76
C LEU B 45 -50.72 -8.17 -2.50
N ILE B 46 -50.38 -6.90 -2.60
CA ILE B 46 -49.01 -6.50 -2.32
C ILE B 46 -48.67 -6.75 -0.86
N GLY B 47 -49.59 -6.43 0.04
CA GLY B 47 -49.31 -6.65 1.46
C GLY B 47 -49.12 -8.12 1.78
N SER B 48 -49.84 -8.99 1.07
CA SER B 48 -49.69 -10.43 1.28
C SER B 48 -48.31 -10.88 0.88
N GLU B 49 -47.80 -10.36 -0.24
CA GLU B 49 -46.41 -10.67 -0.61
C GLU B 49 -45.42 -10.14 0.40
N GLN B 50 -45.64 -8.93 0.90
CA GLN B 50 -44.66 -8.36 1.82
C GLN B 50 -44.62 -9.14 3.13
N TYR B 51 -45.76 -9.67 3.55
CA TYR B 51 -45.85 -10.47 4.77
C TYR B 51 -45.16 -11.82 4.58
N LEU B 52 -45.26 -12.37 3.36
CA LEU B 52 -44.77 -13.73 3.07
C LEU B 52 -43.24 -13.76 3.00
N ARG B 53 -42.61 -12.71 2.47
CA ARG B 53 -41.17 -12.74 2.23
C ARG B 53 -40.40 -12.70 3.54
N VAL B 54 -39.08 -12.92 3.41
CA VAL B 54 -38.17 -12.90 4.56
C VAL B 54 -38.37 -11.62 5.37
N GLY B 55 -38.51 -11.79 6.68
CA GLY B 55 -38.70 -10.71 7.63
C GLY B 55 -40.04 -10.03 7.56
N GLY B 56 -40.98 -10.57 6.79
CA GLY B 56 -42.28 -9.90 6.65
C GLY B 56 -43.13 -9.88 7.91
N SER B 57 -42.88 -10.76 8.86
CA SER B 57 -43.67 -10.74 10.08
C SER B 57 -43.03 -9.91 11.20
N ILE B 58 -41.87 -9.30 10.97
CA ILE B 58 -41.22 -8.48 12.00
C ILE B 58 -42.02 -7.21 12.26
N ASN B 59 -42.17 -6.85 13.55
CA ASN B 59 -42.75 -5.57 13.93
C ASN B 59 -41.63 -4.67 14.45
N LEU B 60 -41.34 -3.60 13.74
CA LEU B 60 -40.27 -2.70 14.15
C LEU B 60 -40.76 -1.74 15.22
N ASN B 61 -39.89 -1.36 16.17
CA ASN B 61 -40.27 -0.39 17.18
C ASN B 61 -40.10 1.02 16.59
N ASN B 62 -40.50 2.04 17.37
CA ASN B 62 -40.55 3.40 16.82
C ASN B 62 -39.16 3.92 16.42
N LYS B 63 -38.11 3.58 17.17
CA LYS B 63 -36.75 3.97 16.75
C LYS B 63 -36.32 3.24 15.49
N GLU B 64 -36.57 1.92 15.41
CA GLU B 64 -36.25 1.18 14.20
C GLU B 64 -37.00 1.74 13.00
N LYS B 65 -38.25 2.17 13.19
CA LYS B 65 -39.02 2.71 12.09
C LYS B 65 -38.36 3.98 11.53
N LYS B 66 -37.80 4.82 12.40
CA LYS B 66 -37.16 6.04 11.90
C LYS B 66 -35.98 5.68 11.03
N LEU B 67 -35.19 4.70 11.46
CA LEU B 67 -34.06 4.31 10.64
C LEU B 67 -34.52 3.61 9.36
N ASN B 68 -35.54 2.74 9.47
CA ASN B 68 -36.12 2.11 8.29
C ASN B 68 -36.54 3.15 7.25
N GLN B 69 -37.23 4.21 7.69
CA GLN B 69 -37.70 5.24 6.76
C GLN B 69 -36.54 5.86 6.00
N PHE B 70 -35.42 6.11 6.69
CA PHE B 70 -34.27 6.70 6.02
C PHE B 70 -33.67 5.74 5.00
N ILE B 71 -33.54 4.48 5.38
CA ILE B 71 -33.01 3.47 4.48
C ILE B 71 -33.87 3.40 3.22
N LEU B 72 -35.18 3.42 3.40
CA LEU B 72 -36.06 3.28 2.24
C LEU B 72 -36.03 4.53 1.37
N ARG B 73 -35.90 5.73 1.97
CA ARG B 73 -35.75 6.93 1.14
C ARG B 73 -34.48 6.82 0.31
N GLU B 74 -33.39 6.33 0.92
CA GLU B 74 -32.12 6.19 0.19
C GLU B 74 -32.25 5.15 -0.89
N LYS B 75 -32.96 4.07 -0.57
CA LYS B 75 -33.08 2.96 -1.52
C LYS B 75 -33.87 3.41 -2.75
N ARG B 76 -34.98 4.11 -2.52
CA ARG B 76 -35.78 4.63 -3.62
C ARG B 76 -35.01 5.65 -4.46
N ALA B 77 -34.20 6.49 -3.81
CA ALA B 77 -33.45 7.49 -4.56
C ALA B 77 -32.52 6.86 -5.58
N ILE B 78 -31.77 5.82 -5.18
CA ILE B 78 -30.82 5.24 -6.10
C ILE B 78 -31.54 4.41 -7.18
N ILE B 79 -32.62 3.71 -6.81
CA ILE B 79 -33.33 2.92 -7.82
C ILE B 79 -34.04 3.81 -8.83
N GLU B 80 -34.72 4.87 -8.34
CA GLU B 80 -35.46 5.70 -9.27
C GLU B 80 -34.52 6.46 -10.20
N ASN B 81 -33.35 6.87 -9.71
CA ASN B 81 -32.40 7.50 -10.62
C ASN B 81 -31.94 6.53 -11.71
N SER B 82 -31.62 5.30 -11.33
CA SER B 82 -31.23 4.33 -12.35
C SER B 82 -32.35 4.08 -13.36
N ARG B 83 -33.58 3.92 -12.88
CA ARG B 83 -34.70 3.56 -13.75
C ARG B 83 -35.13 4.74 -14.63
N LEU B 84 -35.27 5.91 -14.03
CA LEU B 84 -35.86 7.01 -14.78
C LEU B 84 -34.83 7.82 -15.56
N ASN B 85 -33.59 7.91 -15.08
CA ASN B 85 -32.54 8.56 -15.82
C ASN B 85 -31.72 7.57 -16.66
N LYS B 86 -32.14 6.32 -16.69
CA LYS B 86 -31.68 5.33 -17.67
C LYS B 86 -30.17 5.14 -17.58
N THR B 87 -29.71 4.78 -16.38
CA THR B 87 -28.29 4.52 -16.13
C THR B 87 -28.14 3.22 -15.34
N GLN B 88 -26.96 2.61 -15.42
CA GLN B 88 -26.81 1.30 -14.80
C GLN B 88 -27.02 1.39 -13.29
N TYR B 89 -27.58 0.31 -12.72
CA TYR B 89 -27.81 0.14 -11.27
C TYR B 89 -26.51 -0.39 -10.67
N ILE B 90 -25.73 0.51 -10.08
CA ILE B 90 -24.38 0.13 -9.63
C ILE B 90 -24.38 -1.02 -8.63
N PRO B 91 -25.33 -1.16 -7.69
CA PRO B 91 -25.24 -2.28 -6.75
C PRO B 91 -25.26 -3.64 -7.44
N ALA B 92 -25.71 -3.72 -8.69
CA ALA B 92 -25.84 -5.01 -9.37
C ALA B 92 -24.74 -5.30 -10.38
N VAL B 93 -23.81 -4.35 -10.63
CA VAL B 93 -22.76 -4.61 -11.63
C VAL B 93 -21.63 -5.40 -10.96
N SER B 94 -20.62 -5.74 -11.72
CA SER B 94 -19.44 -6.45 -11.17
C SER B 94 -18.94 -5.78 -9.90
N PHE B 95 -18.66 -6.59 -8.89
CA PHE B 95 -18.06 -6.06 -7.66
C PHE B 95 -16.79 -5.25 -7.96
N PHE B 96 -16.02 -5.63 -9.00
CA PHE B 96 -14.83 -4.86 -9.34
C PHE B 96 -15.18 -3.39 -9.53
N LEU B 97 -16.32 -3.12 -10.17
CA LEU B 97 -16.81 -1.77 -10.42
C LEU B 97 -17.58 -1.19 -9.24
N SER B 98 -18.41 -2.00 -8.56
CA SER B 98 -19.28 -1.43 -7.53
C SER B 98 -18.60 -1.18 -6.20
N LYS B 99 -17.52 -1.90 -5.90
CA LYS B 99 -16.97 -1.87 -4.55
C LYS B 99 -16.67 -0.44 -4.11
N SER B 100 -15.93 0.32 -4.95
CA SER B 100 -15.48 1.65 -4.56
C SER B 100 -16.63 2.63 -4.58
N GLN B 101 -17.70 2.32 -5.32
CA GLN B 101 -18.86 3.20 -5.40
C GLN B 101 -19.84 3.00 -4.24
N MET B 102 -20.10 1.75 -3.82
CA MET B 102 -21.05 1.55 -2.73
C MET B 102 -20.50 2.07 -1.40
N GLU B 103 -19.17 2.08 -1.23
CA GLU B 103 -18.61 2.38 0.10
C GLU B 103 -18.87 3.81 0.56
N SER B 104 -19.17 4.74 -0.35
CA SER B 104 -19.45 6.12 0.03
C SER B 104 -20.91 6.38 0.38
N THR B 105 -21.77 5.35 0.28
CA THR B 105 -23.21 5.67 0.39
C THR B 105 -23.75 5.44 1.80
N PRO B 106 -24.82 6.15 2.18
CA PRO B 106 -25.39 5.91 3.52
C PRO B 106 -25.87 4.48 3.78
N ILE B 107 -26.50 3.79 2.81
CA ILE B 107 -26.99 2.46 3.11
C ILE B 107 -25.80 1.56 3.41
N PHE B 108 -24.72 1.68 2.63
CA PHE B 108 -23.54 0.84 2.92
C PHE B 108 -22.98 1.13 4.29
N LYS B 109 -22.91 2.40 4.66
CA LYS B 109 -22.32 2.78 5.95
C LYS B 109 -23.17 2.30 7.10
N ILE B 110 -24.50 2.30 6.93
CA ILE B 110 -25.37 1.72 7.93
C ILE B 110 -25.15 0.22 8.06
N ILE B 111 -25.06 -0.49 6.92
CA ILE B 111 -24.81 -1.94 6.98
C ILE B 111 -23.43 -2.23 7.57
N LYS B 112 -22.44 -1.38 7.29
CA LYS B 112 -21.12 -1.57 7.90
C LYS B 112 -21.22 -1.53 9.41
N ASP B 113 -21.98 -0.55 9.96
CA ASP B 113 -22.13 -0.40 11.39
C ASP B 113 -23.01 -1.47 12.02
N MET B 114 -23.90 -2.05 11.25
CA MET B 114 -24.87 -3.00 11.77
C MET B 114 -24.20 -4.27 12.31
N PRO B 115 -24.63 -4.79 13.46
CA PRO B 115 -24.17 -6.14 13.86
C PRO B 115 -24.70 -7.15 12.87
N LYS B 116 -23.81 -8.04 12.43
CA LYS B 116 -24.17 -9.05 11.42
C LYS B 116 -24.67 -10.34 12.03
N GLY B 117 -24.41 -10.55 13.32
CA GLY B 117 -24.64 -11.87 13.89
C GLY B 117 -23.49 -12.79 13.54
N ALA B 118 -23.70 -13.65 12.57
CA ALA B 118 -22.71 -14.70 12.26
C ALA B 118 -22.44 -14.74 10.77
N ALA B 119 -21.20 -15.16 10.43
CA ALA B 119 -20.84 -15.59 9.08
C ALA B 119 -20.74 -17.11 9.13
N LEU B 120 -21.68 -17.80 8.44
CA LEU B 120 -21.79 -19.25 8.59
C LEU B 120 -21.19 -19.98 7.41
N HIS B 121 -20.71 -19.30 6.37
CA HIS B 121 -20.13 -20.00 5.21
C HIS B 121 -18.83 -19.30 4.84
N LEU B 122 -17.70 -19.88 5.26
CA LEU B 122 -16.40 -19.28 5.06
C LEU B 122 -15.40 -20.40 4.85
N HIS B 123 -14.32 -20.11 4.12
CA HIS B 123 -13.21 -21.06 3.95
C HIS B 123 -11.95 -20.51 4.59
N ASP B 124 -11.29 -21.32 5.44
CA ASP B 124 -10.28 -20.77 6.33
C ASP B 124 -9.07 -20.20 5.58
N THR B 125 -8.74 -20.67 4.40
CA THR B 125 -7.58 -20.08 3.71
C THR B 125 -7.96 -18.92 2.81
N ALA B 126 -9.21 -18.42 2.91
CA ALA B 126 -9.67 -17.37 2.01
C ALA B 126 -10.40 -16.27 2.76
N SER B 127 -10.24 -16.20 4.08
CA SER B 127 -11.12 -15.37 4.87
C SER B 127 -10.41 -14.26 5.61
N ALA B 128 -9.11 -14.03 5.33
CA ALA B 128 -8.43 -12.85 5.85
C ALA B 128 -7.73 -12.15 4.69
N ARG B 129 -7.16 -10.97 4.95
CA ARG B 129 -6.72 -10.07 3.88
C ARG B 129 -5.45 -10.53 3.20
N ILE B 130 -5.43 -10.47 1.85
CA ILE B 130 -4.16 -10.61 1.13
C ILE B 130 -3.11 -9.60 1.62
N ASP B 131 -3.53 -8.36 1.97
CA ASP B 131 -2.63 -7.35 2.52
C ASP B 131 -1.87 -7.88 3.72
N TRP B 132 -2.53 -8.72 4.55
CA TRP B 132 -1.85 -9.31 5.70
C TRP B 132 -0.85 -10.39 5.27
N ILE B 133 -1.22 -11.20 4.27
CA ILE B 133 -0.25 -12.13 3.72
C ILE B 133 0.99 -11.39 3.24
N VAL B 134 0.80 -10.26 2.54
CA VAL B 134 1.97 -9.54 2.02
C VAL B 134 2.74 -8.83 3.14
N SER B 135 2.05 -8.02 3.94
CA SER B 135 2.73 -7.11 4.88
CA SER B 135 2.78 -7.14 4.85
C SER B 135 3.25 -7.85 6.12
N ASN B 136 2.60 -8.96 6.50
CA ASN B 136 3.05 -9.75 7.63
C ASN B 136 3.74 -11.04 7.18
N ALA B 137 3.04 -11.92 6.48
CA ALA B 137 3.59 -13.26 6.25
C ALA B 137 4.83 -13.22 5.36
N THR B 138 4.85 -12.40 4.29
CA THR B 138 6.03 -12.44 3.41
C THR B 138 7.18 -11.64 3.95
N TYR B 139 7.04 -10.99 5.12
CA TYR B 139 8.18 -10.41 5.80
C TYR B 139 8.80 -11.35 6.83
N ARG B 140 8.30 -12.58 6.97
CA ARG B 140 8.89 -13.50 7.93
C ARG B 140 10.13 -14.19 7.34
N ASP B 141 10.98 -14.69 8.23
CA ASP B 141 12.18 -15.39 7.78
C ASP B 141 11.80 -16.67 7.02
N HIS B 142 12.64 -17.02 6.04
CA HIS B 142 12.59 -18.29 5.30
C HIS B 142 11.44 -18.37 4.31
N VAL B 143 10.87 -17.25 3.89
CA VAL B 143 9.83 -17.25 2.87
C VAL B 143 10.46 -17.15 1.49
N TYR B 144 10.02 -18.00 0.57
CA TYR B 144 10.53 -18.07 -0.80
C TYR B 144 9.39 -17.77 -1.78
N MET B 145 9.76 -17.24 -2.95
CA MET B 145 8.83 -16.98 -4.04
C MET B 145 9.40 -17.54 -5.34
N CYS B 146 8.49 -17.81 -6.29
CA CYS B 146 8.92 -18.19 -7.63
C CYS B 146 7.84 -17.79 -8.63
N MET B 147 8.23 -17.62 -9.89
CA MET B 147 7.23 -17.42 -10.95
C MET B 147 6.96 -18.77 -11.63
N ASP B 148 5.68 -19.18 -11.67
CA ASP B 148 5.39 -20.50 -12.20
C ASP B 148 5.23 -20.42 -13.71
N GLN B 149 4.97 -21.57 -14.35
CA GLN B 149 4.92 -21.61 -15.79
C GLN B 149 3.76 -20.83 -16.39
N ASP B 150 2.76 -20.50 -15.61
CA ASP B 150 1.66 -19.67 -16.06
C ASP B 150 1.89 -18.20 -15.75
N ASN B 151 3.08 -17.85 -15.25
CA ASN B 151 3.47 -16.47 -14.93
C ASN B 151 2.70 -15.89 -13.74
N PHE B 152 2.46 -16.72 -12.71
CA PHE B 152 1.94 -16.27 -11.42
C PHE B 152 2.97 -16.49 -10.32
N VAL B 153 2.98 -15.59 -9.32
CA VAL B 153 3.90 -15.77 -8.19
C VAL B 153 3.37 -16.85 -7.25
N ARG B 154 4.25 -17.72 -6.77
CA ARG B 154 3.91 -18.65 -5.71
C ARG B 154 4.78 -18.38 -4.49
N LEU B 155 4.24 -18.68 -3.31
CA LEU B 155 4.94 -18.41 -2.04
C LEU B 155 5.02 -19.69 -1.20
N THR B 156 6.14 -19.88 -0.51
CA THR B 156 6.23 -21.01 0.40
C THR B 156 7.25 -20.70 1.49
N VAL B 157 7.36 -21.61 2.46
CA VAL B 157 8.36 -21.52 3.54
C VAL B 157 9.28 -22.73 3.48
N SER B 158 10.59 -22.52 3.69
CA SER B 158 11.56 -23.62 3.74
C SER B 158 12.68 -23.24 4.70
N GLY B 159 12.76 -23.91 5.83
CA GLY B 159 13.80 -23.58 6.79
C GLY B 159 15.07 -24.38 6.55
N THR B 160 14.88 -25.42 5.76
CA THR B 160 15.85 -26.50 5.61
C THR B 160 16.54 -26.41 4.26
N GLY B 161 16.84 -25.18 3.82
CA GLY B 161 17.38 -24.91 2.51
C GLY B 161 16.36 -24.23 1.60
N PRO B 162 16.80 -23.76 0.43
CA PRO B 162 15.84 -23.35 -0.60
C PRO B 162 15.05 -24.55 -1.10
N PRO B 163 13.80 -24.35 -1.53
CA PRO B 163 13.01 -25.49 -2.07
C PRO B 163 13.54 -25.96 -3.43
N ALA B 164 13.31 -27.24 -3.73
CA ALA B 164 13.72 -27.79 -5.03
C ALA B 164 13.08 -27.04 -6.20
N ASN B 165 13.87 -26.80 -7.25
CA ASN B 165 13.40 -26.06 -8.43
C ASN B 165 12.58 -26.94 -9.38
N SER B 166 11.48 -27.48 -8.85
CA SER B 166 10.60 -28.34 -9.64
C SER B 166 9.55 -27.45 -10.29
N GLY B 167 9.81 -27.06 -11.55
CA GLY B 167 8.86 -26.26 -12.30
C GLY B 167 8.95 -24.77 -12.08
N CYS B 168 9.81 -24.31 -11.18
CA CYS B 168 10.06 -22.89 -11.01
C CYS B 168 11.31 -22.71 -10.18
N GLU B 169 11.87 -21.51 -10.26
CA GLU B 169 13.13 -21.17 -9.60
C GLU B 169 12.83 -20.35 -8.36
N TRP B 170 13.00 -20.95 -7.17
CA TRP B 170 12.64 -20.31 -5.92
C TRP B 170 13.72 -19.29 -5.52
N LYS B 171 13.28 -18.17 -5.00
CA LYS B 171 14.15 -17.08 -4.58
C LYS B 171 13.70 -16.60 -3.21
N LEU B 172 14.67 -16.22 -2.36
CA LEU B 172 14.28 -15.72 -1.04
C LEU B 172 13.59 -14.36 -1.16
N VAL B 173 12.39 -14.22 -0.57
CA VAL B 173 11.62 -12.98 -0.73
C VAL B 173 12.38 -11.79 -0.14
N GLU B 174 13.01 -11.99 1.01
CA GLU B 174 13.78 -10.92 1.62
C GLU B 174 14.80 -10.34 0.64
N THR B 175 15.45 -11.19 -0.16
CA THR B 175 16.49 -10.72 -1.08
C THR B 175 15.87 -10.01 -2.27
N GLU B 176 14.78 -10.57 -2.81
CA GLU B 176 14.09 -9.96 -3.94
C GLU B 176 13.53 -8.59 -3.56
N ARG B 177 12.99 -8.46 -2.36
CA ARG B 177 12.41 -7.19 -1.92
C ARG B 177 13.50 -6.14 -1.73
N ALA B 178 14.58 -6.53 -1.08
CA ALA B 178 15.73 -5.64 -0.83
C ALA B 178 16.37 -5.16 -2.12
N ASN B 179 16.31 -5.95 -3.19
CA ASN B 179 16.92 -5.60 -4.47
C ASN B 179 15.94 -4.98 -5.45
N SER B 180 14.70 -4.69 -5.04
CA SER B 180 13.71 -4.24 -6.01
C SER B 180 13.89 -2.78 -6.41
N GLY B 181 14.52 -1.97 -5.58
CA GLY B 181 14.60 -0.56 -5.89
C GLY B 181 13.35 0.22 -5.55
N ASP B 182 12.24 -0.45 -5.21
CA ASP B 182 11.02 0.25 -4.83
C ASP B 182 10.18 -0.77 -4.06
N ILE B 183 10.30 -0.74 -2.74
CA ILE B 183 9.67 -1.77 -1.94
C ILE B 183 8.15 -1.63 -1.97
N ALA B 184 7.64 -0.39 -1.94
CA ALA B 184 6.19 -0.19 -2.03
C ALA B 184 5.64 -0.83 -3.29
N ALA B 185 6.33 -0.64 -4.43
CA ALA B 185 5.86 -1.23 -5.68
C ALA B 185 6.02 -2.75 -5.66
N PHE B 186 7.09 -3.25 -5.04
CA PHE B 186 7.27 -4.71 -4.94
C PHE B 186 6.12 -5.35 -4.16
N ASP B 187 5.77 -4.77 -3.01
CA ASP B 187 4.68 -5.32 -2.20
C ASP B 187 3.33 -5.16 -2.90
N HIS B 188 3.08 -4.00 -3.53
CA HIS B 188 1.86 -3.82 -4.32
C HIS B 188 1.79 -4.87 -5.43
N TRP B 189 2.92 -5.10 -6.11
CA TRP B 189 2.93 -6.11 -7.16
C TRP B 189 2.54 -7.49 -6.62
N LEU B 190 3.06 -7.88 -5.44
CA LEU B 190 2.67 -9.16 -4.85
C LEU B 190 1.15 -9.22 -4.65
N LYS B 191 0.59 -8.19 -4.03
CA LYS B 191 -0.86 -8.16 -3.81
C LYS B 191 -1.59 -8.25 -5.14
N SER B 192 -1.13 -7.49 -6.16
CA SER B 192 -1.80 -7.45 -7.45
CA SER B 192 -1.81 -7.45 -7.44
C SER B 192 -1.74 -8.80 -8.15
N ASN B 193 -0.66 -9.56 -7.93
CA ASN B 193 -0.49 -10.85 -8.62
C ASN B 193 -1.30 -11.95 -7.99
N ILE B 194 -1.82 -11.72 -6.79
CA ILE B 194 -2.53 -12.73 -6.01
C ILE B 194 -4.04 -12.46 -5.93
N SER B 195 -4.47 -11.20 -5.91
CA SER B 195 -5.89 -10.84 -5.78
C SER B 195 -6.67 -11.09 -7.07
N LEU B 196 -7.87 -11.60 -6.92
CA LEU B 196 -8.75 -11.72 -8.09
C LEU B 196 -9.48 -10.42 -8.42
N LEU B 197 -9.34 -9.37 -7.60
CA LEU B 197 -9.94 -8.09 -7.93
C LEU B 197 -8.96 -7.08 -8.51
N THR B 198 -7.76 -7.52 -8.93
CA THR B 198 -6.82 -6.56 -9.54
C THR B 198 -7.36 -6.04 -10.85
N THR B 199 -8.01 -6.91 -11.62
CA THR B 199 -8.79 -6.55 -12.79
C THR B 199 -10.20 -7.10 -12.59
N ASP B 200 -11.10 -6.73 -13.47
CA ASP B 200 -12.47 -7.24 -13.34
C ASP B 200 -12.53 -8.69 -13.80
N PRO B 201 -12.80 -9.66 -12.93
CA PRO B 201 -12.79 -11.06 -13.39
C PRO B 201 -13.75 -11.31 -14.51
N LEU B 202 -14.87 -10.56 -14.55
CA LEU B 202 -15.87 -10.79 -15.59
C LEU B 202 -15.35 -10.39 -16.97
N VAL B 203 -14.30 -9.58 -17.00
CA VAL B 203 -13.68 -9.17 -18.25
C VAL B 203 -12.46 -10.04 -18.54
N THR B 204 -11.59 -10.18 -17.55
CA THR B 204 -10.31 -10.86 -17.75
C THR B 204 -10.44 -12.37 -17.89
N TYR B 205 -11.42 -12.97 -17.23
CA TYR B 205 -11.61 -14.44 -17.20
C TYR B 205 -13.05 -14.72 -17.59
N PRO B 206 -13.42 -14.45 -18.87
CA PRO B 206 -14.85 -14.31 -19.25
C PRO B 206 -15.57 -15.63 -19.55
N SER B 207 -15.30 -16.64 -18.72
CA SER B 207 -16.06 -17.87 -18.75
C SER B 207 -15.88 -18.56 -17.40
N LEU B 208 -16.78 -19.53 -17.14
CA LEU B 208 -16.72 -20.30 -15.90
C LEU B 208 -15.37 -20.98 -15.76
N ASP B 209 -14.94 -21.66 -16.83
CA ASP B 209 -13.69 -22.43 -16.71
C ASP B 209 -12.48 -21.52 -16.56
N LYS B 210 -12.49 -20.38 -17.24
CA LYS B 210 -11.38 -19.43 -17.09
C LYS B 210 -11.32 -18.83 -15.69
N VAL B 211 -12.46 -18.45 -15.10
CA VAL B 211 -12.37 -17.84 -13.78
C VAL B 211 -12.11 -18.89 -12.72
N TRP B 212 -12.62 -20.12 -12.87
CA TRP B 212 -12.26 -21.16 -11.93
C TRP B 212 -10.78 -21.53 -12.07
N GLY B 213 -10.24 -21.42 -13.28
CA GLY B 213 -8.80 -21.63 -13.45
C GLY B 213 -8.01 -20.60 -12.65
N ARG B 214 -8.44 -19.34 -12.71
CA ARG B 214 -7.80 -18.28 -11.93
C ARG B 214 -7.98 -18.47 -10.42
N PHE B 215 -9.18 -18.86 -10.00
CA PHE B 215 -9.48 -19.09 -8.58
C PHE B 215 -8.66 -20.25 -8.02
N ASP B 216 -8.66 -21.39 -8.73
CA ASP B 216 -7.78 -22.50 -8.36
C ASP B 216 -6.34 -22.04 -8.29
N LYS B 217 -5.91 -21.21 -9.26
CA LYS B 217 -4.53 -20.75 -9.24
C LYS B 217 -4.22 -19.92 -7.99
N HIS B 218 -5.16 -19.04 -7.58
CA HIS B 218 -4.96 -18.29 -6.32
C HIS B 218 -4.59 -19.22 -5.15
N PHE B 219 -5.31 -20.32 -4.99
CA PHE B 219 -5.03 -21.19 -3.86
C PHE B 219 -3.66 -21.85 -4.01
N SER B 220 -3.25 -22.16 -5.24
CA SER B 220 -1.91 -22.71 -5.49
CA SER B 220 -1.91 -22.71 -5.45
C SER B 220 -0.84 -21.69 -5.14
N GLN B 221 -1.10 -20.41 -5.40
CA GLN B 221 -0.10 -19.37 -5.11
C GLN B 221 0.17 -19.26 -3.62
N LEU B 222 -0.86 -19.41 -2.79
CA LEU B 222 -0.65 -19.25 -1.36
C LEU B 222 -0.48 -20.57 -0.62
N ARG B 223 -0.69 -21.72 -1.27
CA ARG B 223 -0.76 -22.97 -0.50
C ARG B 223 0.47 -23.20 0.37
N GLY B 224 1.67 -23.02 -0.17
CA GLY B 224 2.88 -23.28 0.62
C GLY B 224 2.94 -22.39 1.84
N ILE B 225 2.76 -21.08 1.66
CA ILE B 225 2.98 -20.20 2.81
C ILE B 225 1.88 -20.37 3.86
N ILE B 226 0.64 -20.61 3.42
CA ILE B 226 -0.46 -20.57 4.37
C ILE B 226 -0.60 -21.88 5.13
N TYR B 227 0.11 -22.93 4.72
CA TYR B 227 0.11 -24.18 5.48
C TYR B 227 1.28 -24.26 6.46
N HIS B 228 2.14 -23.23 6.52
CA HIS B 228 3.21 -23.22 7.53
C HIS B 228 2.58 -22.89 8.88
N THR B 229 2.83 -23.73 9.89
CA THR B 229 2.00 -23.68 11.10
C THR B 229 1.89 -22.30 11.75
N PRO B 230 2.97 -21.59 12.04
CA PRO B 230 2.79 -20.31 12.75
C PRO B 230 2.06 -19.30 11.90
N ILE B 231 2.25 -19.32 10.58
CA ILE B 231 1.50 -18.41 9.72
C ILE B 231 0.05 -18.81 9.69
N ARG B 232 -0.22 -20.13 9.64
CA ARG B 232 -1.62 -20.60 9.63
C ARG B 232 -2.33 -20.21 10.92
N ARG B 233 -1.67 -20.40 12.06
CA ARG B 233 -2.21 -19.97 13.35
C ARG B 233 -2.53 -18.47 13.35
N ASP B 234 -1.59 -17.65 12.86
CA ASP B 234 -1.76 -16.21 12.92
C ASP B 234 -2.79 -15.73 11.89
N TYR B 235 -2.85 -16.41 10.73
CA TYR B 235 -3.88 -16.13 9.74
C TYR B 235 -5.28 -16.37 10.30
N TYR B 236 -5.46 -17.48 11.00
CA TYR B 236 -6.77 -17.77 11.60
C TYR B 236 -7.14 -16.73 12.66
N ARG B 237 -6.16 -16.29 13.47
CA ARG B 237 -6.41 -15.18 14.38
C ARG B 237 -6.84 -13.93 13.61
N GLN B 238 -6.23 -13.68 12.45
CA GLN B 238 -6.63 -12.52 11.68
C GLN B 238 -8.05 -12.65 11.17
N ILE B 239 -8.50 -13.87 10.82
CA ILE B 239 -9.91 -14.05 10.47
C ILE B 239 -10.81 -13.55 11.59
N LEU B 240 -10.51 -13.97 12.82
CA LEU B 240 -11.35 -13.57 13.94
C LEU B 240 -11.29 -12.07 14.15
N GLU B 241 -10.10 -11.48 14.06
CA GLU B 241 -9.97 -10.04 14.24
CA GLU B 241 -9.97 -10.04 14.24
C GLU B 241 -10.75 -9.28 13.18
N GLU B 242 -10.57 -9.67 11.91
CA GLU B 242 -11.26 -8.93 10.84
C GLU B 242 -12.78 -9.08 10.96
N PHE B 243 -13.24 -10.29 11.26
CA PHE B 243 -14.71 -10.46 11.33
C PHE B 243 -15.28 -9.69 12.52
N ARG B 244 -14.57 -9.67 13.65
CA ARG B 244 -15.05 -8.86 14.76
C ARG B 244 -15.08 -7.38 14.37
N SER B 245 -14.08 -6.93 13.61
CA SER B 245 -14.03 -5.51 13.25
CA SER B 245 -14.00 -5.54 13.19
C SER B 245 -15.15 -5.11 12.29
N ASP B 246 -15.75 -6.06 11.57
CA ASP B 246 -16.90 -5.77 10.71
C ASP B 246 -18.20 -6.06 11.44
N ASN B 247 -18.13 -6.14 12.77
CA ASN B 247 -19.30 -6.30 13.66
C ASN B 247 -19.97 -7.66 13.45
N VAL B 248 -19.16 -8.68 13.23
CA VAL B 248 -19.59 -10.07 13.22
C VAL B 248 -19.21 -10.68 14.56
N GLN B 249 -20.13 -11.38 15.25
CA GLN B 249 -19.80 -11.88 16.58
C GLN B 249 -19.52 -13.38 16.62
N TYR B 250 -19.66 -14.07 15.50
CA TYR B 250 -19.56 -15.53 15.53
C TYR B 250 -19.27 -16.04 14.12
N VAL B 251 -18.41 -17.08 14.00
CA VAL B 251 -18.15 -17.65 12.69
C VAL B 251 -18.20 -19.18 12.75
N GLU B 252 -18.64 -19.79 11.64
CA GLU B 252 -18.46 -21.23 11.42
C GLU B 252 -17.63 -21.33 10.16
N VAL B 253 -16.55 -22.10 10.22
CA VAL B 253 -15.50 -22.02 9.21
C VAL B 253 -15.21 -23.40 8.66
N ARG B 254 -15.14 -23.53 7.32
CA ARG B 254 -14.69 -24.78 6.72
C ARG B 254 -13.17 -24.81 6.72
N SER B 255 -12.60 -25.97 7.09
CA SER B 255 -11.14 -26.12 7.08
C SER B 255 -10.76 -27.57 6.74
N SER B 256 -9.66 -27.74 6.00
CA SER B 256 -9.18 -29.11 5.78
C SER B 256 -8.49 -29.70 7.01
N LEU B 257 -7.97 -28.87 7.91
CA LEU B 257 -7.37 -29.15 9.22
C LEU B 257 -5.98 -29.79 9.14
N SER B 258 -5.63 -30.41 8.03
CA SER B 258 -4.52 -31.35 8.06
C SER B 258 -3.32 -30.77 7.34
N GLY B 259 -2.12 -31.21 7.76
CA GLY B 259 -0.90 -30.93 7.03
C GLY B 259 -0.21 -29.60 7.32
N TYR B 260 -0.52 -28.93 8.43
CA TYR B 260 0.26 -27.74 8.78
C TYR B 260 1.70 -28.16 9.09
N TYR B 261 2.69 -27.39 8.61
CA TYR B 261 4.06 -27.89 8.74
C TYR B 261 4.96 -26.86 9.41
N ASP B 262 5.89 -27.35 10.23
CA ASP B 262 6.83 -26.52 10.97
C ASP B 262 8.10 -26.26 10.17
N LEU B 263 8.92 -25.32 10.67
CA LEU B 263 10.18 -25.03 10.03
C LEU B 263 11.07 -26.26 9.91
N ASP B 264 11.04 -27.12 10.92
CA ASP B 264 11.91 -28.29 10.85
C ASP B 264 11.35 -29.39 9.99
N GLY B 265 10.22 -29.16 9.34
CA GLY B 265 9.61 -30.14 8.44
C GLY B 265 8.54 -31.02 9.05
N THR B 266 8.31 -30.94 10.37
CA THR B 266 7.22 -31.68 10.99
C THR B 266 5.90 -31.33 10.32
N VAL B 267 5.12 -32.34 9.95
CA VAL B 267 3.79 -32.14 9.37
C VAL B 267 2.79 -32.64 10.40
N HIS B 268 1.81 -31.80 10.74
CA HIS B 268 0.84 -32.12 11.79
C HIS B 268 -0.41 -32.77 11.22
N ASP B 269 -1.14 -33.46 12.09
CA ASP B 269 -2.34 -34.20 11.71
C ASP B 269 -3.57 -33.33 11.89
N PRO B 270 -4.75 -33.80 11.45
CA PRO B 270 -5.96 -32.95 11.54
C PRO B 270 -6.40 -32.65 12.96
N GLU B 271 -6.22 -33.58 13.92
CA GLU B 271 -6.58 -33.23 15.29
C GLU B 271 -5.71 -32.08 15.80
N TYR B 272 -4.41 -32.08 15.48
CA TYR B 272 -3.57 -30.96 15.87
C TYR B 272 -4.10 -29.64 15.28
N GLY B 273 -4.45 -29.64 13.99
CA GLY B 273 -4.97 -28.42 13.40
C GLY B 273 -6.25 -27.93 14.06
N LEU B 274 -7.13 -28.86 14.42
CA LEU B 274 -8.34 -28.47 15.16
C LEU B 274 -8.01 -27.90 16.54
N GLN B 275 -7.08 -28.53 17.24
CA GLN B 275 -6.69 -28.03 18.57
C GLN B 275 -6.07 -26.65 18.46
N LEU B 276 -5.27 -26.42 17.41
CA LEU B 276 -4.67 -25.12 17.17
C LEU B 276 -5.75 -24.05 17.02
N TYR B 277 -6.76 -24.31 16.20
CA TYR B 277 -7.85 -23.35 16.06
C TYR B 277 -8.61 -23.17 17.36
N LYS B 278 -8.80 -24.26 18.08
CA LYS B 278 -9.54 -24.18 19.34
C LYS B 278 -8.81 -23.28 20.33
N ALA B 279 -7.49 -23.43 20.45
CA ALA B 279 -6.73 -22.58 21.36
C ALA B 279 -6.78 -21.10 20.95
N VAL B 280 -6.66 -20.83 19.64
CA VAL B 280 -6.72 -19.44 19.17
C VAL B 280 -8.09 -18.85 19.48
N THR B 281 -9.16 -19.59 19.19
CA THR B 281 -10.53 -19.12 19.45
C THR B 281 -10.75 -18.87 20.94
N GLU B 282 -10.28 -19.77 21.79
CA GLU B 282 -10.49 -19.56 23.23
C GLU B 282 -9.78 -18.31 23.73
N GLU B 283 -8.55 -18.08 23.27
CA GLU B 283 -7.83 -16.87 23.66
CA GLU B 283 -7.83 -16.87 23.67
C GLU B 283 -8.52 -15.62 23.14
N PHE B 284 -9.02 -15.69 21.91
CA PHE B 284 -9.70 -14.54 21.33
C PHE B 284 -10.94 -14.16 22.13
N VAL B 285 -11.75 -15.16 22.52
CA VAL B 285 -12.96 -14.89 23.29
C VAL B 285 -12.62 -14.41 24.71
N ARG B 286 -11.53 -14.92 25.30
CA ARG B 286 -11.09 -14.36 26.58
C ARG B 286 -10.80 -12.86 26.46
N THR B 287 -10.08 -12.49 25.40
CA THR B 287 -9.66 -11.11 25.15
C THR B 287 -10.87 -10.22 24.82
N TYR B 288 -11.83 -10.77 24.08
CA TYR B 288 -12.99 -10.03 23.55
C TYR B 288 -14.28 -10.71 23.96
N PRO B 289 -14.78 -10.44 25.17
CA PRO B 289 -16.04 -11.05 25.61
C PRO B 289 -17.24 -10.58 24.84
N ASP B 290 -17.11 -9.54 24.00
CA ASP B 290 -18.21 -9.19 23.10
C ASP B 290 -18.28 -10.06 21.87
N PHE B 291 -17.45 -11.10 21.77
CA PHE B 291 -17.42 -12.01 20.62
C PHE B 291 -17.86 -13.41 21.06
N SER B 292 -18.80 -14.03 20.32
CA SER B 292 -19.40 -15.30 20.72
C SER B 292 -18.47 -16.49 20.44
N GLY B 293 -17.62 -16.39 19.43
CA GLY B 293 -16.66 -17.46 19.17
C GLY B 293 -16.75 -18.10 17.80
N ALA B 294 -16.32 -19.37 17.68
CA ALA B 294 -16.21 -20.03 16.41
C ALA B 294 -16.39 -21.54 16.58
N LYS B 295 -16.80 -22.17 15.49
CA LYS B 295 -16.83 -23.61 15.41
C LYS B 295 -16.38 -23.99 14.00
N ILE B 296 -15.99 -25.26 13.80
CA ILE B 296 -15.23 -25.67 12.62
C ILE B 296 -15.95 -26.82 11.92
N ILE B 297 -15.99 -26.77 10.57
CA ILE B 297 -16.50 -27.86 9.73
C ILE B 297 -15.32 -28.42 8.93
N LYS B 298 -15.08 -29.76 8.99
CA LYS B 298 -14.01 -30.35 8.17
C LYS B 298 -14.42 -30.38 6.69
N SER B 299 -13.55 -29.89 5.81
CA SER B 299 -13.83 -29.91 4.39
C SER B 299 -12.80 -30.77 3.67
N THR B 300 -13.26 -31.47 2.62
CA THR B 300 -12.38 -32.27 1.76
C THR B 300 -12.74 -31.97 0.33
N ALA B 301 -11.73 -31.91 -0.55
CA ALA B 301 -12.00 -31.65 -1.96
C ALA B 301 -12.60 -32.88 -2.65
N ARG B 302 -13.64 -32.62 -3.47
CA ARG B 302 -14.41 -33.65 -4.16
C ARG B 302 -13.73 -34.11 -5.44
N VAL B 303 -12.39 -34.08 -5.45
CA VAL B 303 -11.56 -34.63 -6.52
C VAL B 303 -10.95 -35.96 -6.13
N LYS B 304 -11.11 -36.39 -4.85
CA LYS B 304 -10.46 -37.58 -4.34
C LYS B 304 -11.25 -38.87 -4.58
N PRO B 305 -10.58 -40.01 -4.65
CA PRO B 305 -11.30 -41.28 -4.79
C PRO B 305 -12.18 -41.54 -3.57
N ASN B 306 -13.21 -42.33 -3.81
CA ASN B 306 -14.15 -42.64 -2.75
C ASN B 306 -13.50 -43.29 -1.54
N THR B 307 -12.52 -44.18 -1.75
CA THR B 307 -11.83 -44.79 -0.61
C THR B 307 -11.18 -43.74 0.29
N ASP B 308 -10.69 -42.61 -0.24
CA ASP B 308 -10.15 -41.57 0.63
C ASP B 308 -11.23 -40.76 1.32
N ILE B 309 -12.36 -40.52 0.64
CA ILE B 309 -13.44 -39.82 1.32
C ILE B 309 -13.95 -40.65 2.50
N PHE B 310 -14.04 -41.97 2.32
CA PHE B 310 -14.45 -42.82 3.41
C PHE B 310 -13.59 -42.57 4.64
N ASN B 311 -12.29 -42.44 4.44
CA ASN B 311 -11.43 -42.21 5.59
C ASN B 311 -11.70 -40.85 6.24
N ASP B 312 -11.99 -39.81 5.43
CA ASP B 312 -12.30 -38.50 6.00
C ASP B 312 -13.65 -38.48 6.71
N VAL B 313 -14.61 -39.31 6.27
CA VAL B 313 -15.83 -39.49 7.04
C VAL B 313 -15.52 -40.11 8.39
N LYS B 314 -14.71 -41.17 8.40
CA LYS B 314 -14.39 -41.83 9.66
C LYS B 314 -13.64 -40.87 10.58
N LEU B 315 -12.73 -40.07 10.02
CA LEU B 315 -12.01 -39.07 10.81
C LEU B 315 -12.98 -38.08 11.42
N SER B 316 -13.94 -37.62 10.61
CA SER B 316 -14.91 -36.65 11.11
C SER B 316 -15.80 -37.23 12.20
N MET B 317 -16.15 -38.52 12.10
CA MET B 317 -16.94 -39.17 13.15
C MET B 317 -16.18 -39.09 14.47
N ASP B 318 -14.87 -39.30 14.42
CA ASP B 318 -14.07 -39.34 15.63
C ASP B 318 -13.96 -37.93 16.23
N LEU B 319 -13.68 -36.94 15.38
CA LEU B 319 -13.53 -35.58 15.91
C LEU B 319 -14.87 -35.06 16.42
N TYR B 320 -15.98 -35.47 15.79
CA TYR B 320 -17.30 -35.04 16.26
C TYR B 320 -17.60 -35.61 17.64
N LYS B 321 -17.19 -36.86 17.85
CA LYS B 321 -17.38 -37.49 19.15
C LYS B 321 -16.52 -36.85 20.22
N ARG B 322 -15.28 -36.54 19.87
CA ARG B 322 -14.35 -36.11 20.90
C ARG B 322 -14.22 -34.59 21.07
N TYR B 323 -14.72 -33.78 20.12
CA TYR B 323 -14.74 -32.32 20.27
C TYR B 323 -16.16 -31.81 20.08
N PRO B 324 -17.11 -32.28 20.90
CA PRO B 324 -18.52 -31.91 20.66
C PRO B 324 -18.76 -30.42 20.77
N GLY B 325 -18.01 -29.70 21.57
CA GLY B 325 -18.31 -28.25 21.54
C GLY B 325 -17.96 -27.50 20.23
N PHE B 326 -17.09 -28.02 19.41
CA PHE B 326 -16.29 -27.20 18.51
C PHE B 326 -16.23 -27.75 17.08
N PHE B 327 -16.14 -29.07 16.92
CA PHE B 327 -16.15 -29.70 15.60
C PHE B 327 -17.59 -29.99 15.20
N LEU B 328 -18.02 -29.50 14.03
CA LEU B 328 -19.44 -29.56 13.67
C LEU B 328 -19.81 -30.73 12.78
N GLY B 329 -18.90 -31.14 11.88
CA GLY B 329 -19.29 -32.13 10.89
C GLY B 329 -18.43 -31.98 9.65
N PHE B 330 -19.01 -32.32 8.50
CA PHE B 330 -18.23 -32.55 7.28
C PHE B 330 -18.87 -31.90 6.08
N ASP B 331 -18.04 -31.55 5.08
CA ASP B 331 -18.48 -30.93 3.82
C ASP B 331 -17.50 -31.33 2.72
N LEU B 332 -18.00 -31.35 1.50
CA LEU B 332 -17.17 -31.58 0.31
C LEU B 332 -17.06 -30.28 -0.48
N VAL B 333 -15.83 -29.92 -0.87
CA VAL B 333 -15.59 -28.66 -1.55
C VAL B 333 -14.82 -28.90 -2.85
N ALA B 334 -14.33 -27.82 -3.45
CA ALA B 334 -13.73 -27.74 -4.78
C ALA B 334 -14.83 -27.56 -5.82
N GLN B 335 -14.47 -27.26 -7.07
CA GLN B 335 -15.49 -26.90 -8.05
C GLN B 335 -16.54 -28.03 -8.18
N GLU B 336 -17.83 -27.64 -8.18
CA GLU B 336 -18.84 -28.69 -8.15
C GLU B 336 -19.09 -29.29 -9.53
N ASP B 337 -19.11 -28.47 -10.60
CA ASP B 337 -19.60 -28.94 -11.90
C ASP B 337 -18.77 -30.08 -12.49
N PRO B 338 -17.44 -30.01 -12.53
CA PRO B 338 -16.68 -31.05 -13.22
C PRO B 338 -16.26 -32.21 -12.36
N ASN B 339 -16.57 -32.21 -11.07
CA ASN B 339 -15.93 -33.15 -10.13
C ASN B 339 -16.99 -34.12 -9.60
N THR B 340 -16.69 -34.84 -8.51
CA THR B 340 -17.53 -35.98 -8.12
C THR B 340 -18.79 -35.50 -7.41
N SER B 341 -19.93 -36.13 -7.76
CA SER B 341 -21.20 -35.84 -7.13
C SER B 341 -21.28 -36.43 -5.74
N LEU B 342 -22.25 -35.95 -4.95
CA LEU B 342 -22.50 -36.60 -3.68
C LEU B 342 -22.87 -38.07 -3.88
N LEU B 343 -23.67 -38.38 -4.91
CA LEU B 343 -24.04 -39.77 -5.16
C LEU B 343 -22.80 -40.65 -5.46
N GLY B 344 -21.76 -40.05 -6.03
CA GLY B 344 -20.48 -40.74 -6.28
C GLY B 344 -19.74 -41.16 -5.01
N TYR B 345 -20.12 -40.58 -3.87
CA TYR B 345 -19.55 -40.92 -2.58
C TYR B 345 -20.58 -41.51 -1.63
N ILE B 346 -21.71 -42.01 -2.16
CA ILE B 346 -22.87 -42.18 -1.29
C ILE B 346 -22.65 -43.24 -0.22
N ASP B 347 -21.90 -44.32 -0.52
CA ASP B 347 -21.66 -45.31 0.52
C ASP B 347 -20.80 -44.74 1.66
N SER B 348 -19.82 -43.90 1.33
CA SER B 348 -19.05 -43.21 2.37
C SER B 348 -19.95 -42.29 3.19
N LEU B 349 -20.83 -41.55 2.52
CA LEU B 349 -21.63 -40.55 3.25
C LEU B 349 -22.75 -41.21 4.08
N LEU B 350 -23.21 -42.41 3.68
CA LEU B 350 -24.20 -43.15 4.47
C LEU B 350 -23.60 -43.96 5.58
N TYR B 351 -22.27 -44.14 5.60
CA TYR B 351 -21.68 -45.06 6.57
C TYR B 351 -22.02 -44.73 8.03
N PRO B 352 -21.97 -43.47 8.49
CA PRO B 352 -22.33 -43.21 9.90
C PRO B 352 -23.73 -43.68 10.23
N SER B 353 -24.71 -43.38 9.38
CA SER B 353 -26.09 -43.74 9.69
C SER B 353 -26.32 -45.24 9.69
N ARG B 354 -25.46 -45.99 9.03
CA ARG B 354 -25.60 -47.43 8.91
C ARG B 354 -24.94 -48.18 10.04
N GLN B 355 -24.26 -47.49 10.95
CA GLN B 355 -23.58 -48.19 12.02
C GLN B 355 -24.58 -48.70 13.05
N ASN B 356 -24.11 -49.64 13.87
CA ASN B 356 -24.92 -50.21 14.94
C ASN B 356 -24.22 -49.96 16.28
N PRO B 357 -24.68 -48.99 17.08
CA PRO B 357 -25.79 -48.06 16.82
C PRO B 357 -25.41 -46.97 15.82
N PRO B 358 -26.39 -46.30 15.21
CA PRO B 358 -26.06 -45.27 14.22
C PRO B 358 -25.25 -44.15 14.84
N VAL B 359 -24.44 -43.51 14.00
CA VAL B 359 -23.76 -42.25 14.32
C VAL B 359 -24.32 -41.16 13.42
N SER B 360 -24.77 -40.04 14.00
CA SER B 360 -25.36 -38.96 13.21
C SER B 360 -24.29 -37.89 12.96
N LEU B 361 -23.45 -38.13 11.96
CA LEU B 361 -22.43 -37.14 11.57
C LEU B 361 -23.10 -36.00 10.78
N PRO B 362 -23.08 -34.76 11.29
CA PRO B 362 -23.73 -33.66 10.56
C PRO B 362 -22.98 -33.34 9.29
N TYR B 363 -23.74 -32.92 8.28
CA TYR B 363 -23.22 -32.51 7.00
C TYR B 363 -23.65 -31.09 6.68
N TYR B 364 -22.78 -30.37 5.98
CA TYR B 364 -22.99 -28.99 5.58
C TYR B 364 -22.72 -28.81 4.09
N PHE B 365 -23.29 -29.70 3.25
CA PHE B 365 -22.83 -29.78 1.87
C PHE B 365 -23.00 -28.50 1.09
N HIS B 366 -21.91 -28.06 0.46
CA HIS B 366 -22.01 -27.26 -0.74
C HIS B 366 -22.88 -28.01 -1.75
N ALA B 367 -23.91 -27.38 -2.29
CA ALA B 367 -24.71 -28.18 -3.23
C ALA B 367 -25.49 -27.27 -4.17
N GLY B 368 -25.53 -27.62 -5.45
CA GLY B 368 -26.29 -26.79 -6.40
C GLY B 368 -25.66 -25.48 -6.77
N GLU B 369 -24.32 -25.36 -6.66
CA GLU B 369 -23.58 -24.14 -7.01
C GLU B 369 -23.35 -24.19 -8.53
N THR B 370 -24.44 -24.02 -9.28
CA THR B 370 -24.39 -24.39 -10.70
C THR B 370 -25.52 -23.71 -11.44
N ASN B 371 -25.29 -23.44 -12.72
CA ASN B 371 -26.34 -23.09 -13.67
C ASN B 371 -27.00 -24.27 -14.37
N TRP B 372 -26.47 -25.49 -14.20
CA TRP B 372 -27.07 -26.65 -14.89
C TRP B 372 -28.39 -27.04 -14.26
N GLN B 373 -29.26 -27.67 -15.07
CA GLN B 373 -30.55 -28.14 -14.61
C GLN B 373 -30.74 -29.57 -15.12
N GLY B 374 -31.19 -30.45 -14.23
CA GLY B 374 -31.45 -31.84 -14.60
C GLY B 374 -30.22 -32.69 -14.77
N THR B 375 -29.09 -32.25 -14.21
CA THR B 375 -27.83 -32.95 -14.32
C THR B 375 -27.40 -33.51 -12.98
N GLU B 376 -26.30 -34.25 -13.03
CA GLU B 376 -25.66 -34.76 -11.82
CA GLU B 376 -25.74 -34.78 -11.80
C GLU B 376 -25.37 -33.67 -10.81
N VAL B 377 -25.08 -32.46 -11.29
CA VAL B 377 -24.63 -31.40 -10.39
C VAL B 377 -25.80 -30.81 -9.59
N ASP B 378 -26.84 -30.35 -10.28
CA ASP B 378 -27.91 -29.79 -9.48
C ASP B 378 -28.69 -30.87 -8.74
N TYR B 379 -28.67 -32.13 -9.20
CA TYR B 379 -29.32 -33.14 -8.39
C TYR B 379 -28.53 -33.45 -7.10
N ASN B 380 -27.33 -32.88 -6.90
CA ASN B 380 -26.71 -32.95 -5.57
C ASN B 380 -27.63 -32.38 -4.49
N LEU B 381 -28.54 -31.45 -4.87
CA LEU B 381 -29.46 -30.93 -3.85
C LEU B 381 -30.36 -32.03 -3.29
N VAL B 382 -30.78 -32.97 -4.14
CA VAL B 382 -31.61 -34.05 -3.65
C VAL B 382 -30.85 -34.88 -2.63
N ASP B 383 -29.62 -35.27 -2.96
CA ASP B 383 -28.85 -36.09 -2.03
C ASP B 383 -28.51 -35.34 -0.75
N ALA B 384 -28.23 -34.04 -0.84
CA ALA B 384 -27.95 -33.29 0.39
C ALA B 384 -29.12 -33.37 1.35
N LEU B 385 -30.36 -33.26 0.83
CA LEU B 385 -31.52 -33.39 1.72
C LEU B 385 -31.70 -34.83 2.23
N LEU B 386 -31.48 -35.84 1.39
CA LEU B 386 -31.70 -37.20 1.88
C LEU B 386 -30.66 -37.58 2.93
N LEU B 387 -29.47 -36.98 2.86
CA LEU B 387 -28.42 -37.15 3.86
C LEU B 387 -28.61 -36.23 5.07
N ASN B 388 -29.75 -35.54 5.19
CA ASN B 388 -30.08 -34.73 6.36
C ASN B 388 -29.07 -33.60 6.59
N ALA B 389 -28.64 -32.91 5.54
CA ALA B 389 -27.74 -31.76 5.74
C ALA B 389 -28.35 -30.73 6.69
N THR B 390 -27.49 -30.18 7.55
CA THR B 390 -27.94 -29.17 8.52
C THR B 390 -28.19 -27.84 7.84
N ARG B 391 -27.29 -27.46 6.93
CA ARG B 391 -27.41 -26.31 6.04
C ARG B 391 -26.90 -26.74 4.68
N ILE B 392 -27.23 -25.96 3.66
CA ILE B 392 -26.80 -26.16 2.29
C ILE B 392 -25.98 -24.97 1.85
N GLY B 393 -24.81 -25.23 1.25
CA GLY B 393 -24.00 -24.14 0.72
C GLY B 393 -24.44 -23.77 -0.68
N HIS B 394 -24.81 -22.49 -0.87
CA HIS B 394 -25.21 -21.88 -2.13
C HIS B 394 -26.62 -22.24 -2.54
N GLY B 395 -26.86 -23.47 -2.95
CA GLY B 395 -28.20 -23.76 -3.44
C GLY B 395 -28.64 -22.91 -4.62
N PHE B 396 -27.71 -22.50 -5.49
CA PHE B 396 -28.09 -21.59 -6.57
C PHE B 396 -29.15 -22.22 -7.49
N ALA B 397 -29.09 -23.51 -7.71
CA ALA B 397 -30.08 -24.20 -8.54
C ALA B 397 -31.37 -24.53 -7.80
N LEU B 398 -31.50 -24.20 -6.51
CA LEU B 398 -32.65 -24.65 -5.74
C LEU B 398 -33.98 -24.17 -6.32
N ILE B 399 -34.04 -22.95 -6.88
CA ILE B 399 -35.31 -22.43 -7.39
C ILE B 399 -35.84 -23.25 -8.59
N LYS B 400 -34.97 -24.04 -9.22
CA LYS B 400 -35.42 -24.94 -10.30
C LYS B 400 -35.98 -26.26 -9.79
N HIS B 401 -36.05 -26.47 -8.47
CA HIS B 401 -36.40 -27.77 -7.87
C HIS B 401 -37.50 -27.61 -6.82
N PRO B 402 -38.75 -27.53 -7.24
CA PRO B 402 -39.82 -27.24 -6.28
C PRO B 402 -40.01 -28.27 -5.18
N ARG B 403 -39.77 -29.56 -5.47
CA ARG B 403 -39.95 -30.57 -4.41
C ARG B 403 -38.83 -30.48 -3.39
N VAL B 404 -37.62 -30.13 -3.83
CA VAL B 404 -36.53 -29.91 -2.87
C VAL B 404 -36.84 -28.68 -2.01
N ILE B 405 -37.41 -27.62 -2.61
CA ILE B 405 -37.73 -26.42 -1.81
C ILE B 405 -38.67 -26.76 -0.66
N GLU B 406 -39.67 -27.61 -0.95
CA GLU B 406 -40.62 -28.02 0.08
C GLU B 406 -39.92 -28.61 1.29
N LEU B 407 -38.91 -29.47 1.07
CA LEU B 407 -38.19 -30.12 2.17
C LEU B 407 -37.31 -29.12 2.92
N VAL B 408 -36.63 -28.24 2.18
CA VAL B 408 -35.79 -27.21 2.80
C VAL B 408 -36.64 -26.41 3.76
N LYS B 409 -37.83 -25.98 3.32
CA LYS B 409 -38.70 -25.21 4.19
C LYS B 409 -39.22 -26.03 5.37
N SER B 410 -39.72 -27.24 5.10
CA SER B 410 -40.36 -27.97 6.19
C SER B 410 -39.33 -28.44 7.22
N ARG B 411 -38.11 -28.74 6.78
CA ARG B 411 -37.09 -29.18 7.74
C ARG B 411 -36.29 -28.05 8.35
N GLY B 412 -36.46 -26.83 7.88
CA GLY B 412 -35.66 -25.71 8.36
C GLY B 412 -34.18 -25.82 8.06
N VAL B 413 -33.83 -26.15 6.82
CA VAL B 413 -32.44 -26.28 6.39
C VAL B 413 -32.01 -24.95 5.77
N ALA B 414 -31.21 -24.15 6.49
CA ALA B 414 -30.89 -22.84 5.93
C ALA B 414 -30.00 -22.97 4.70
N VAL B 415 -30.21 -22.08 3.73
CA VAL B 415 -29.41 -22.00 2.52
C VAL B 415 -28.41 -20.86 2.74
N GLU B 416 -27.11 -21.19 2.60
CA GLU B 416 -26.04 -20.21 2.81
C GLU B 416 -25.79 -19.51 1.48
N VAL B 417 -26.22 -18.25 1.41
CA VAL B 417 -26.20 -17.49 0.16
C VAL B 417 -25.00 -16.56 0.16
N ASN B 418 -24.17 -16.65 -0.88
CA ASN B 418 -22.86 -15.97 -0.98
C ASN B 418 -22.85 -15.16 -2.27
N PRO B 419 -23.43 -13.94 -2.27
CA PRO B 419 -23.76 -13.32 -3.58
C PRO B 419 -22.55 -12.84 -4.37
N VAL B 420 -21.53 -12.22 -3.74
CA VAL B 420 -20.38 -11.77 -4.52
C VAL B 420 -19.66 -12.97 -5.12
N SER B 421 -19.48 -14.02 -4.32
CA SER B 421 -18.86 -15.25 -4.84
C SER B 421 -19.58 -15.73 -6.09
N ASN B 422 -20.90 -15.81 -6.05
CA ASN B 422 -21.63 -16.37 -7.18
C ASN B 422 -21.49 -15.50 -8.42
N GLN B 423 -21.38 -14.19 -8.24
CA GLN B 423 -21.15 -13.32 -9.40
C GLN B 423 -19.73 -13.48 -9.94
N LEU B 424 -18.73 -13.28 -9.07
CA LEU B 424 -17.35 -13.31 -9.57
C LEU B 424 -16.97 -14.68 -10.11
N LEU B 425 -17.50 -15.76 -9.54
CA LEU B 425 -17.15 -17.12 -9.98
C LEU B 425 -18.12 -17.69 -11.04
N GLY B 426 -18.91 -16.84 -11.71
CA GLY B 426 -19.46 -17.23 -13.00
C GLY B 426 -20.86 -17.74 -13.04
N LEU B 427 -21.62 -17.62 -11.97
CA LEU B 427 -23.01 -18.09 -12.01
C LEU B 427 -23.99 -17.01 -12.44
N VAL B 428 -23.64 -15.73 -12.33
CA VAL B 428 -24.62 -14.70 -12.66
C VAL B 428 -23.85 -13.42 -12.93
N LYS B 429 -24.39 -12.55 -13.79
CA LYS B 429 -23.77 -11.25 -14.08
C LYS B 429 -24.46 -10.10 -13.35
N ASP B 430 -25.73 -9.84 -13.68
CA ASP B 430 -26.51 -8.82 -12.97
C ASP B 430 -27.06 -9.46 -11.71
N LEU B 431 -26.64 -8.97 -10.52
CA LEU B 431 -27.03 -9.64 -9.30
C LEU B 431 -28.55 -9.62 -9.03
N ARG B 432 -29.33 -8.79 -9.72
CA ARG B 432 -30.80 -8.88 -9.59
C ARG B 432 -31.34 -10.17 -10.18
N ASN B 433 -30.52 -10.86 -10.95
CA ASN B 433 -30.87 -12.20 -11.45
C ASN B 433 -30.40 -13.32 -10.51
N HIS B 434 -29.87 -12.98 -9.35
CA HIS B 434 -29.40 -14.02 -8.43
C HIS B 434 -30.55 -14.93 -8.03
N ALA B 435 -30.32 -16.25 -8.12
CA ALA B 435 -31.42 -17.19 -7.91
C ALA B 435 -31.91 -17.27 -6.47
N ALA B 436 -31.24 -16.63 -5.49
CA ALA B 436 -31.80 -16.58 -4.14
C ALA B 436 -32.89 -15.52 -3.98
N ALA B 437 -33.04 -14.55 -4.90
CA ALA B 437 -34.13 -13.59 -4.71
C ALA B 437 -35.48 -14.30 -4.67
N PRO B 438 -35.80 -15.22 -5.57
CA PRO B 438 -37.09 -15.92 -5.45
C PRO B 438 -37.16 -16.82 -4.23
N LEU B 439 -36.02 -17.27 -3.69
CA LEU B 439 -36.09 -18.04 -2.44
C LEU B 439 -36.51 -17.14 -1.29
N LEU B 440 -35.92 -15.95 -1.19
CA LEU B 440 -36.25 -15.02 -0.12
C LEU B 440 -37.71 -14.54 -0.25
N ALA B 441 -38.23 -14.43 -1.48
CA ALA B 441 -39.62 -14.00 -1.68
C ALA B 441 -40.60 -15.02 -1.11
N GLN B 442 -40.21 -16.30 -1.04
CA GLN B 442 -41.02 -17.39 -0.48
C GLN B 442 -40.69 -17.70 0.97
N ASN B 443 -39.76 -16.96 1.58
CA ASN B 443 -39.33 -17.22 2.96
C ASN B 443 -38.67 -18.58 3.11
N VAL B 444 -37.94 -19.00 2.10
CA VAL B 444 -36.98 -20.10 2.34
C VAL B 444 -35.97 -19.63 3.38
N PRO B 445 -35.56 -20.45 4.37
CA PRO B 445 -34.56 -19.95 5.36
C PRO B 445 -33.20 -19.69 4.71
N VAL B 446 -32.69 -18.46 4.90
CA VAL B 446 -31.45 -18.03 4.25
C VAL B 446 -30.57 -17.35 5.28
N VAL B 447 -29.27 -17.58 5.16
CA VAL B 447 -28.25 -16.77 5.83
C VAL B 447 -27.35 -16.23 4.75
N ILE B 448 -26.88 -14.96 4.90
CA ILE B 448 -25.92 -14.36 3.97
C ILE B 448 -24.50 -14.63 4.49
N SER B 449 -23.57 -14.91 3.59
CA SER B 449 -22.16 -15.06 4.01
C SER B 449 -21.27 -14.62 2.86
N SER B 450 -19.95 -14.60 3.11
CA SER B 450 -19.06 -14.05 2.10
C SER B 450 -18.18 -15.06 1.36
N ASP B 451 -18.08 -16.31 1.84
CA ASP B 451 -17.39 -17.45 1.18
C ASP B 451 -15.88 -17.34 1.19
N ASP B 452 -15.31 -16.51 0.31
CA ASP B 452 -13.85 -16.38 0.15
C ASP B 452 -13.50 -14.90 0.08
N PRO B 453 -13.91 -14.11 1.06
CA PRO B 453 -13.77 -12.64 0.90
C PRO B 453 -12.34 -12.18 0.69
N GLY B 454 -11.34 -12.85 1.25
CA GLY B 454 -9.98 -12.37 1.06
C GLY B 454 -9.51 -12.46 -0.38
N VAL B 455 -10.06 -13.41 -1.14
CA VAL B 455 -9.56 -13.67 -2.48
C VAL B 455 -9.81 -12.48 -3.40
N TRP B 456 -10.93 -11.81 -3.20
CA TRP B 456 -11.34 -10.68 -4.07
C TRP B 456 -11.60 -9.40 -3.26
N GLU B 457 -10.89 -9.24 -2.15
CA GLU B 457 -10.78 -7.97 -1.39
C GLU B 457 -12.09 -7.48 -0.78
N ALA B 458 -13.03 -8.38 -0.46
CA ALA B 458 -14.28 -8.04 0.21
C ALA B 458 -14.08 -8.00 1.71
N LEU B 459 -14.95 -7.24 2.39
CA LEU B 459 -15.05 -7.25 3.84
C LEU B 459 -15.65 -8.59 4.31
N PRO B 460 -15.57 -8.86 5.60
CA PRO B 460 -16.08 -10.15 6.08
C PRO B 460 -17.56 -10.37 5.74
N MET B 461 -18.36 -9.33 5.91
CA MET B 461 -19.81 -9.47 5.63
C MET B 461 -20.45 -8.26 4.98
N SER B 462 -19.92 -7.05 5.18
CA SER B 462 -20.72 -5.87 4.80
C SER B 462 -20.98 -5.78 3.29
N HIS B 463 -20.00 -6.15 2.47
CA HIS B 463 -20.22 -6.07 1.02
C HIS B 463 -21.28 -7.07 0.56
N ASP B 464 -21.26 -8.31 1.08
CA ASP B 464 -22.27 -9.30 0.69
C ASP B 464 -23.65 -8.93 1.24
N MET B 465 -23.70 -8.37 2.47
CA MET B 465 -24.98 -7.95 3.02
C MET B 465 -25.55 -6.78 2.22
N TYR B 466 -24.68 -5.85 1.79
CA TYR B 466 -25.14 -4.76 0.94
C TYR B 466 -25.69 -5.29 -0.39
N VAL B 467 -24.96 -6.18 -1.07
CA VAL B 467 -25.51 -6.59 -2.38
C VAL B 467 -26.77 -7.42 -2.18
N ALA B 468 -26.85 -8.22 -1.11
CA ALA B 468 -28.08 -8.97 -0.84
C ALA B 468 -29.24 -8.01 -0.65
N PHE B 469 -29.01 -6.98 0.16
CA PHE B 469 -30.07 -6.02 0.47
C PHE B 469 -30.51 -5.20 -0.75
N MET B 470 -29.57 -4.83 -1.63
CA MET B 470 -29.90 -3.97 -2.78
C MET B 470 -30.32 -4.74 -4.04
N ASP B 471 -29.95 -6.01 -4.15
CA ASP B 471 -30.18 -6.77 -5.38
C ASP B 471 -31.09 -7.97 -5.23
N LEU B 472 -31.17 -8.58 -4.03
CA LEU B 472 -31.93 -9.84 -3.85
C LEU B 472 -33.28 -9.65 -3.20
N VAL B 473 -33.64 -8.42 -2.80
CA VAL B 473 -34.95 -8.07 -2.31
C VAL B 473 -35.29 -6.73 -2.94
N GLY B 474 -36.53 -6.29 -2.75
CA GLY B 474 -37.09 -5.21 -3.54
C GLY B 474 -36.90 -3.80 -2.96
N GLU B 475 -37.32 -2.82 -3.77
CA GLU B 475 -37.20 -1.41 -3.39
C GLU B 475 -37.92 -1.09 -2.10
N ASP B 476 -38.99 -1.84 -1.79
CA ASP B 476 -39.81 -1.55 -0.64
C ASP B 476 -39.47 -2.45 0.54
N ALA B 477 -38.31 -3.10 0.50
CA ALA B 477 -37.87 -4.00 1.55
C ALA B 477 -36.75 -3.27 2.30
N GLY B 478 -36.92 -3.10 3.60
CA GLY B 478 -36.03 -2.22 4.39
C GLY B 478 -35.41 -2.95 5.56
N LEU B 479 -35.45 -2.31 6.73
CA LEU B 479 -34.69 -2.79 7.89
C LEU B 479 -35.24 -4.11 8.42
N ASP B 480 -36.51 -4.41 8.16
CA ASP B 480 -36.98 -5.73 8.58
C ASP B 480 -36.27 -6.85 7.86
N VAL B 481 -35.93 -6.69 6.58
CA VAL B 481 -35.17 -7.76 5.89
C VAL B 481 -33.79 -7.93 6.52
N LEU B 482 -33.08 -6.80 6.73
CA LEU B 482 -31.75 -6.90 7.35
C LEU B 482 -31.83 -7.55 8.72
N LYS B 483 -32.77 -7.10 9.55
CA LYS B 483 -32.84 -7.67 10.89
C LYS B 483 -33.10 -9.17 10.83
N GLN B 484 -34.00 -9.61 9.92
CA GLN B 484 -34.30 -11.04 9.90
C GLN B 484 -33.09 -11.84 9.46
N LEU B 485 -32.35 -11.35 8.45
CA LEU B 485 -31.17 -12.09 7.98
C LEU B 485 -30.12 -12.16 9.07
N VAL B 486 -29.95 -11.06 9.80
CA VAL B 486 -29.01 -11.06 10.93
C VAL B 486 -29.43 -12.08 12.01
N TRP B 487 -30.71 -12.06 12.44
CA TRP B 487 -31.16 -13.04 13.43
C TRP B 487 -31.05 -14.48 12.89
N ASN B 488 -31.37 -14.69 11.61
CA ASN B 488 -31.26 -16.03 11.03
C ASN B 488 -29.85 -16.59 11.19
N SER B 489 -28.83 -15.73 11.05
CA SER B 489 -27.46 -16.24 11.11
C SER B 489 -27.10 -16.79 12.49
N ILE B 490 -27.79 -16.38 13.57
CA ILE B 490 -27.62 -17.04 14.85
C ILE B 490 -28.61 -18.18 15.03
N GLN B 491 -29.86 -17.95 14.63
CA GLN B 491 -30.89 -18.98 14.83
C GLN B 491 -30.58 -20.27 14.07
N TYR B 492 -29.99 -20.17 12.88
CA TYR B 492 -29.65 -21.32 12.07
C TYR B 492 -28.18 -21.69 12.17
N SER B 493 -27.46 -21.08 13.11
CA SER B 493 -26.11 -21.53 13.43
C SER B 493 -26.20 -22.91 14.07
N SER B 494 -25.03 -23.50 14.34
CA SER B 494 -24.99 -24.78 15.03
C SER B 494 -24.75 -24.66 16.53
N MET B 495 -25.03 -23.52 17.12
CA MET B 495 -24.92 -23.40 18.56
C MET B 495 -25.96 -24.30 19.24
N ASN B 496 -25.63 -24.78 20.45
CA ASN B 496 -26.65 -25.49 21.24
C ASN B 496 -27.64 -24.46 21.83
N ALA B 497 -28.70 -24.95 22.49
CA ALA B 497 -29.80 -24.06 22.87
C ALA B 497 -29.33 -23.01 23.88
N THR B 498 -28.49 -23.40 24.83
CA THR B 498 -27.95 -22.45 25.80
C THR B 498 -27.08 -21.39 25.13
N GLU B 499 -26.15 -21.81 24.27
CA GLU B 499 -25.29 -20.88 23.55
C GLU B 499 -26.12 -19.91 22.71
N LYS B 500 -27.15 -20.41 22.05
CA LYS B 500 -27.93 -19.57 21.15
C LYS B 500 -28.66 -18.48 21.95
N LYS B 501 -29.23 -18.85 23.10
CA LYS B 501 -29.91 -17.86 23.93
C LYS B 501 -28.93 -16.77 24.40
N THR B 502 -27.71 -17.18 24.77
CA THR B 502 -26.69 -16.20 25.17
C THR B 502 -26.33 -15.30 24.00
N ALA B 503 -26.17 -15.90 22.83
CA ALA B 503 -25.72 -15.13 21.69
C ALA B 503 -26.78 -14.16 21.23
N LEU B 504 -28.06 -14.57 21.33
CA LEU B 504 -29.16 -13.69 20.93
C LEU B 504 -29.29 -12.49 21.89
N LYS B 505 -29.03 -12.72 23.18
CA LYS B 505 -29.04 -11.62 24.14
C LYS B 505 -27.95 -10.63 23.82
N LEU B 506 -26.75 -11.15 23.50
CA LEU B 506 -25.64 -10.28 23.09
C LEU B 506 -25.97 -9.53 21.79
N LEU B 507 -26.53 -10.23 20.81
CA LEU B 507 -26.89 -9.58 19.54
C LEU B 507 -27.93 -8.48 19.77
N GLN B 508 -28.91 -8.75 20.63
CA GLN B 508 -29.94 -7.75 20.87
C GLN B 508 -29.33 -6.48 21.45
N ALA B 509 -28.38 -6.63 22.39
CA ALA B 509 -27.72 -5.46 22.95
C ALA B 509 -26.97 -4.68 21.88
N LYS B 510 -26.22 -5.38 21.04
CA LYS B 510 -25.51 -4.75 19.91
C LYS B 510 -26.48 -4.05 18.98
N TRP B 511 -27.61 -4.70 18.67
CA TRP B 511 -28.61 -4.10 17.77
C TRP B 511 -29.16 -2.80 18.34
N ASN B 512 -29.50 -2.81 19.63
CA ASN B 512 -30.04 -1.62 20.27
C ASN B 512 -29.06 -0.46 20.21
N ASN B 513 -27.78 -0.74 20.48
CA ASN B 513 -26.76 0.30 20.37
C ASN B 513 -26.65 0.82 18.94
N PHE B 514 -26.68 -0.11 17.97
CA PHE B 514 -26.62 0.27 16.56
C PHE B 514 -27.79 1.18 16.17
N ILE B 515 -29.01 0.89 16.64
CA ILE B 515 -30.16 1.71 16.27
C ILE B 515 -30.01 3.11 16.87
N ASN B 516 -29.66 3.18 18.15
CA ASN B 516 -29.50 4.50 18.79
C ASN B 516 -28.38 5.30 18.14
N ASP B 517 -27.21 4.65 17.93
CA ASP B 517 -26.09 5.36 17.30
C ASP B 517 -26.45 5.84 15.90
N SER B 518 -27.17 5.02 15.13
CA SER B 518 -27.50 5.39 13.76
C SER B 518 -28.46 6.58 13.71
N LEU B 519 -29.43 6.64 14.62
CA LEU B 519 -30.35 7.79 14.65
C LEU B 519 -29.58 9.09 14.86
N ILE B 520 -28.62 9.06 15.78
CA ILE B 520 -27.80 10.23 16.02
C ILE B 520 -26.91 10.53 14.81
N LYS B 521 -26.25 9.49 14.30
CA LYS B 521 -25.27 9.68 13.23
C LYS B 521 -25.93 10.28 11.98
N TRP B 522 -27.11 9.78 11.59
CA TRP B 522 -27.79 10.20 10.36
C TRP B 522 -28.78 11.32 10.61
N LYS B 523 -28.69 11.95 11.79
CA LYS B 523 -29.46 13.17 12.11
C LYS B 523 -30.96 12.93 11.95
N LEU B 524 -31.41 11.81 12.49
CA LEU B 524 -32.80 11.41 12.39
C LEU B 524 -33.60 11.66 13.65
N THR B 525 -32.99 12.20 14.70
CA THR B 525 -33.71 12.53 15.92
C THR B 525 -34.33 13.93 15.82
N ASN B 526 -35.12 14.28 16.84
CA ASN B 526 -35.79 15.59 16.88
C ASN B 526 -34.92 16.67 17.51
N LYS B 527 -33.69 16.86 17.01
CA LYS B 527 -32.74 17.70 17.73
C LYS B 527 -33.17 19.15 17.88
N LYS B 528 -33.25 19.91 16.78
CA LYS B 528 -33.51 21.34 16.94
C LYS B 528 -34.55 21.82 15.92
N VAL B 529 -35.75 22.05 16.41
CA VAL B 529 -36.85 22.50 15.56
C VAL B 529 -37.01 24.01 15.75
N ILE B 530 -37.00 24.76 14.67
CA ILE B 530 -37.09 26.20 14.80
C ILE B 530 -38.44 26.65 14.28
N GLY B 531 -38.81 27.87 14.66
CA GLY B 531 -40.14 28.43 14.52
C GLY B 531 -40.40 29.16 13.23
N HIS B 532 -39.50 29.08 12.26
CA HIS B 532 -39.59 29.83 11.00
C HIS B 532 -38.63 29.16 10.03
N HIS B 533 -38.45 29.76 8.88
CA HIS B 533 -37.72 29.16 7.76
C HIS B 533 -36.26 29.62 7.68
N HIS B 534 -35.78 30.41 8.64
CA HIS B 534 -34.37 30.84 8.61
C HIS B 534 -33.51 29.80 9.35
N HIS B 535 -33.15 28.74 8.62
CA HIS B 535 -32.36 27.63 9.15
C HIS B 535 -30.86 27.87 9.27
N VAL C 30 -32.12 -47.63 10.83
CA VAL C 30 -31.39 -47.25 9.62
C VAL C 30 -32.34 -47.04 8.45
N ARG C 31 -32.39 -45.80 7.93
CA ARG C 31 -33.32 -45.43 6.87
CA ARG C 31 -33.32 -45.43 6.88
C ARG C 31 -32.87 -45.94 5.50
N PHE C 32 -31.56 -45.95 5.22
CA PHE C 32 -31.07 -46.43 3.91
C PHE C 32 -30.03 -47.54 4.10
N PRO C 33 -30.44 -48.72 4.55
CA PRO C 33 -29.45 -49.78 4.80
C PRO C 33 -28.80 -50.31 3.54
N THR C 34 -29.47 -50.18 2.39
CA THR C 34 -28.99 -50.70 1.11
C THR C 34 -29.04 -49.61 0.05
N MET C 35 -28.33 -49.89 -1.06
CA MET C 35 -28.38 -48.96 -2.19
C MET C 35 -29.79 -48.83 -2.74
N ASP C 36 -30.53 -49.94 -2.85
CA ASP C 36 -31.87 -49.85 -3.46
C ASP C 36 -32.78 -48.92 -2.66
N GLU C 37 -32.73 -48.99 -1.33
CA GLU C 37 -33.57 -48.11 -0.51
C GLU C 37 -33.21 -46.65 -0.75
N TYR C 38 -31.92 -46.37 -0.94
CA TYR C 38 -31.49 -44.98 -1.20
C TYR C 38 -31.91 -44.53 -2.59
N THR C 39 -31.67 -45.35 -3.61
CA THR C 39 -32.03 -44.87 -4.94
C THR C 39 -33.53 -44.78 -5.12
N ASN C 40 -34.29 -45.64 -4.47
CA ASN C 40 -35.73 -45.52 -4.55
C ASN C 40 -36.19 -44.17 -4.03
N ALA C 41 -35.58 -43.71 -2.93
CA ALA C 41 -35.96 -42.42 -2.36
C ALA C 41 -35.55 -41.25 -3.23
N ARG C 42 -34.30 -41.22 -3.75
CA ARG C 42 -33.94 -40.10 -4.61
C ARG C 42 -34.76 -40.14 -5.88
N GLU C 43 -35.12 -41.32 -6.38
CA GLU C 43 -35.90 -41.37 -7.62
C GLU C 43 -37.35 -40.98 -7.40
N GLU C 44 -37.88 -41.21 -6.21
CA GLU C 44 -39.22 -40.75 -5.91
C GLU C 44 -39.31 -39.23 -6.01
N LEU C 45 -38.31 -38.54 -5.43
CA LEU C 45 -38.30 -37.08 -5.44
C LEU C 45 -38.05 -36.57 -6.84
N ILE C 46 -37.04 -37.12 -7.51
CA ILE C 46 -36.72 -36.64 -8.85
C ILE C 46 -37.88 -36.89 -9.80
N GLY C 47 -38.44 -38.12 -9.78
CA GLY C 47 -39.60 -38.39 -10.63
C GLY C 47 -40.78 -37.48 -10.35
N SER C 48 -40.98 -37.14 -9.07
CA SER C 48 -42.05 -36.19 -8.75
C SER C 48 -41.83 -34.84 -9.42
N GLU C 49 -40.57 -34.35 -9.42
CA GLU C 49 -40.29 -33.09 -10.13
C GLU C 49 -40.50 -33.22 -11.62
N GLN C 50 -40.10 -34.35 -12.21
CA GLN C 50 -40.28 -34.55 -13.65
C GLN C 50 -41.76 -34.59 -14.02
N TYR C 51 -42.58 -35.20 -13.17
CA TYR C 51 -44.01 -35.26 -13.42
C TYR C 51 -44.68 -33.89 -13.26
N LEU C 52 -44.18 -33.07 -12.35
CA LEU C 52 -44.72 -31.73 -12.09
C LEU C 52 -44.43 -30.71 -13.19
N ARG C 53 -43.22 -30.71 -13.75
CA ARG C 53 -42.84 -29.64 -14.67
C ARG C 53 -43.65 -29.68 -15.98
N VAL C 54 -43.49 -28.62 -16.77
CA VAL C 54 -44.15 -28.52 -18.07
C VAL C 54 -44.02 -29.84 -18.85
N GLY C 55 -45.16 -30.37 -19.30
CA GLY C 55 -45.14 -31.55 -20.12
C GLY C 55 -44.86 -32.84 -19.38
N GLY C 56 -44.75 -32.79 -18.06
CA GLY C 56 -44.40 -33.99 -17.30
C GLY C 56 -45.53 -35.00 -17.27
N SER C 57 -46.75 -34.59 -17.59
CA SER C 57 -47.85 -35.56 -17.62
C SER C 57 -47.98 -36.24 -18.98
N ILE C 58 -47.17 -35.87 -19.99
CA ILE C 58 -47.29 -36.47 -21.33
C ILE C 58 -46.54 -37.79 -21.35
N ASN C 59 -47.19 -38.87 -21.75
CA ASN C 59 -46.49 -40.16 -21.94
C ASN C 59 -46.43 -40.45 -23.45
N LEU C 60 -45.25 -40.34 -24.04
CA LEU C 60 -45.11 -40.38 -25.48
C LEU C 60 -45.42 -41.76 -26.03
N ASN C 61 -45.90 -41.80 -27.27
CA ASN C 61 -46.16 -43.10 -27.91
C ASN C 61 -44.84 -43.70 -28.41
N ASN C 62 -44.91 -44.91 -28.98
CA ASN C 62 -43.66 -45.65 -29.27
CA ASN C 62 -43.66 -45.64 -29.25
C ASN C 62 -42.79 -44.90 -30.27
N LYS C 63 -43.39 -44.36 -31.32
CA LYS C 63 -42.62 -43.60 -32.30
C LYS C 63 -42.04 -42.33 -31.69
N GLU C 64 -42.85 -41.59 -30.94
CA GLU C 64 -42.35 -40.39 -30.26
C GLU C 64 -41.21 -40.73 -29.29
N LYS C 65 -41.30 -41.88 -28.63
CA LYS C 65 -40.22 -42.28 -27.71
C LYS C 65 -38.92 -42.53 -28.46
N LYS C 66 -38.97 -43.11 -29.65
CA LYS C 66 -37.73 -43.31 -30.42
C LYS C 66 -37.09 -41.98 -30.78
N LEU C 67 -37.90 -41.00 -31.19
CA LEU C 67 -37.34 -39.67 -31.45
C LEU C 67 -36.82 -39.06 -30.16
N ASN C 68 -37.59 -39.20 -29.07
CA ASN C 68 -37.19 -38.61 -27.80
C ASN C 68 -35.86 -39.19 -27.32
N GLN C 69 -35.67 -40.49 -27.51
CA GLN C 69 -34.42 -41.10 -27.07
C GLN C 69 -33.25 -40.47 -27.82
N PHE C 70 -33.41 -40.24 -29.13
CA PHE C 70 -32.36 -39.59 -29.91
C PHE C 70 -32.09 -38.16 -29.42
N ILE C 71 -33.16 -37.40 -29.20
CA ILE C 71 -33.01 -36.02 -28.71
C ILE C 71 -32.25 -36.01 -27.38
N LEU C 72 -32.62 -36.89 -26.47
CA LEU C 72 -32.00 -36.87 -25.15
C LEU C 72 -30.54 -37.32 -25.21
N ARG C 73 -30.22 -38.29 -26.08
CA ARG C 73 -28.81 -38.65 -26.30
C ARG C 73 -28.01 -37.44 -26.77
N GLU C 74 -28.57 -36.68 -27.73
CA GLU C 74 -27.92 -35.48 -28.25
C GLU C 74 -27.77 -34.41 -27.17
N LYS C 75 -28.82 -34.20 -26.39
CA LYS C 75 -28.78 -33.19 -25.35
C LYS C 75 -27.74 -33.53 -24.30
N ARG C 76 -27.75 -34.79 -23.86
CA ARG C 76 -26.74 -35.20 -22.87
C ARG C 76 -25.32 -35.06 -23.41
N ALA C 77 -25.10 -35.38 -24.68
CA ALA C 77 -23.73 -35.29 -25.22
C ALA C 77 -23.22 -33.85 -25.20
N ILE C 78 -24.06 -32.88 -25.56
CA ILE C 78 -23.58 -31.50 -25.58
C ILE C 78 -23.39 -30.99 -24.15
N ILE C 79 -24.32 -31.28 -23.24
CA ILE C 79 -24.18 -30.81 -21.86
C ILE C 79 -22.95 -31.44 -21.19
N GLU C 80 -22.79 -32.77 -21.32
CA GLU C 80 -21.64 -33.39 -20.68
C GLU C 80 -20.32 -32.95 -21.27
N ASN C 81 -20.26 -32.63 -22.56
CA ASN C 81 -19.02 -32.08 -23.10
C ASN C 81 -18.73 -30.72 -22.47
N SER C 82 -19.74 -29.87 -22.39
CA SER C 82 -19.47 -28.57 -21.79
C SER C 82 -19.04 -28.71 -20.34
N ARG C 83 -19.74 -29.55 -19.59
CA ARG C 83 -19.47 -29.70 -18.16
C ARG C 83 -18.12 -30.36 -17.88
N LEU C 84 -17.84 -31.52 -18.52
CA LEU C 84 -16.64 -32.25 -18.20
C LEU C 84 -15.42 -31.82 -18.98
N ASN C 85 -15.56 -31.32 -20.20
CA ASN C 85 -14.42 -30.74 -20.89
C ASN C 85 -14.25 -29.24 -20.62
N LYS C 86 -15.06 -28.67 -19.73
CA LYS C 86 -14.82 -27.32 -19.21
C LYS C 86 -14.79 -26.28 -20.33
N THR C 87 -15.89 -26.23 -21.08
CA THR C 87 -16.04 -25.24 -22.14
C THR C 87 -17.45 -24.67 -22.12
N GLN C 88 -17.63 -23.50 -22.72
CA GLN C 88 -18.90 -22.79 -22.61
C GLN C 88 -20.03 -23.59 -23.24
N TYR C 89 -21.21 -23.43 -22.67
CA TYR C 89 -22.42 -24.10 -23.17
C TYR C 89 -23.04 -23.18 -24.24
N ILE C 90 -22.75 -23.50 -25.49
CA ILE C 90 -23.08 -22.59 -26.59
C ILE C 90 -24.55 -22.24 -26.65
N PRO C 91 -25.50 -23.13 -26.35
CA PRO C 91 -26.92 -22.70 -26.45
C PRO C 91 -27.24 -21.54 -25.56
N ALA C 92 -26.44 -21.28 -24.54
CA ALA C 92 -26.79 -20.25 -23.55
C ALA C 92 -26.03 -18.94 -23.75
N VAL C 93 -25.07 -18.88 -24.68
CA VAL C 93 -24.30 -17.65 -24.91
C VAL C 93 -25.10 -16.69 -25.80
N SER C 94 -24.54 -15.49 -26.05
CA SER C 94 -25.23 -14.52 -26.93
C SER C 94 -25.72 -15.20 -28.22
N PHE C 95 -26.97 -14.87 -28.62
CA PHE C 95 -27.50 -15.36 -29.90
C PHE C 95 -26.59 -15.01 -31.07
N PHE C 96 -25.88 -13.86 -31.00
CA PHE C 96 -24.93 -13.50 -32.05
C PHE C 96 -23.90 -14.61 -32.28
N LEU C 97 -23.43 -15.22 -31.20
CA LEU C 97 -22.47 -16.32 -31.28
C LEU C 97 -23.14 -17.67 -31.50
N SER C 98 -24.32 -17.90 -30.91
CA SER C 98 -24.85 -19.25 -30.96
C SER C 98 -25.68 -19.54 -32.21
N LYS C 99 -26.20 -18.53 -32.90
CA LYS C 99 -27.09 -18.77 -34.04
C LYS C 99 -26.47 -19.70 -35.07
N SER C 100 -25.24 -19.39 -35.54
CA SER C 100 -24.68 -20.23 -36.60
C SER C 100 -24.27 -21.60 -36.09
N GLN C 101 -23.91 -21.72 -34.80
CA GLN C 101 -23.55 -23.02 -34.25
C GLN C 101 -24.75 -23.93 -34.06
N MET C 102 -25.88 -23.42 -33.57
CA MET C 102 -27.03 -24.29 -33.33
C MET C 102 -27.59 -24.79 -34.65
N GLU C 103 -27.48 -24.02 -35.72
CA GLU C 103 -28.21 -24.38 -36.93
C GLU C 103 -27.65 -25.63 -37.61
N SER C 104 -26.43 -26.04 -37.30
CA SER C 104 -25.88 -27.24 -37.90
C SER C 104 -26.19 -28.51 -37.11
N THR C 105 -26.95 -28.43 -36.00
CA THR C 105 -27.04 -29.57 -35.08
C THR C 105 -28.37 -30.32 -35.23
N PRO C 106 -28.39 -31.62 -34.88
CA PRO C 106 -29.66 -32.38 -35.02
C PRO C 106 -30.80 -31.83 -34.21
N ILE C 107 -30.58 -31.42 -32.96
CA ILE C 107 -31.72 -30.95 -32.17
C ILE C 107 -32.34 -29.71 -32.83
N PHE C 108 -31.49 -28.80 -33.31
CA PHE C 108 -32.07 -27.63 -33.96
C PHE C 108 -32.83 -28.04 -35.23
N LYS C 109 -32.27 -28.97 -36.00
CA LYS C 109 -32.90 -29.36 -37.25
C LYS C 109 -34.26 -30.02 -36.99
N ILE C 110 -34.35 -30.79 -35.90
CA ILE C 110 -35.62 -31.39 -35.48
C ILE C 110 -36.62 -30.29 -35.11
N ILE C 111 -36.19 -29.33 -34.27
CA ILE C 111 -37.10 -28.24 -33.91
C ILE C 111 -37.51 -27.45 -35.14
N LYS C 112 -36.59 -27.24 -36.09
CA LYS C 112 -36.97 -26.50 -37.30
C LYS C 112 -38.13 -27.20 -38.05
N ASP C 113 -38.07 -28.52 -38.15
CA ASP C 113 -39.10 -29.30 -38.84
C ASP C 113 -40.40 -29.40 -38.05
N MET C 114 -40.32 -29.31 -36.73
CA MET C 114 -41.47 -29.54 -35.86
C MET C 114 -42.56 -28.48 -36.07
N PRO C 115 -43.83 -28.87 -36.13
CA PRO C 115 -44.91 -27.88 -36.16
C PRO C 115 -44.88 -27.13 -34.85
N LYS C 116 -45.05 -25.80 -34.91
CA LYS C 116 -44.92 -25.00 -33.71
C LYS C 116 -46.26 -24.66 -33.10
N GLY C 117 -47.35 -24.88 -33.82
CA GLY C 117 -48.64 -24.42 -33.34
C GLY C 117 -48.81 -22.93 -33.64
N ALA C 118 -48.67 -22.07 -32.64
CA ALA C 118 -48.95 -20.64 -32.81
C ALA C 118 -47.78 -19.83 -32.24
N ALA C 119 -47.58 -18.63 -32.82
CA ALA C 119 -46.75 -17.60 -32.20
C ALA C 119 -47.68 -16.54 -31.66
N LEU C 120 -47.70 -16.40 -30.35
CA LEU C 120 -48.72 -15.60 -29.68
C LEU C 120 -48.19 -14.24 -29.25
N HIS C 121 -46.90 -13.96 -29.40
CA HIS C 121 -46.36 -12.67 -28.96
C HIS C 121 -45.38 -12.15 -30.00
N LEU C 122 -45.85 -11.24 -30.86
CA LEU C 122 -45.09 -10.68 -32.00
C LEU C 122 -45.53 -9.26 -32.21
N HIS C 123 -44.62 -8.42 -32.70
CA HIS C 123 -44.98 -7.05 -33.08
C HIS C 123 -44.94 -6.92 -34.59
N ASP C 124 -45.97 -6.25 -35.15
CA ASP C 124 -46.14 -6.26 -36.59
C ASP C 124 -45.09 -5.48 -37.40
N THR C 125 -44.24 -4.63 -36.79
CA THR C 125 -43.22 -3.95 -37.59
C THR C 125 -41.86 -4.57 -37.38
N ALA C 126 -41.81 -5.74 -36.74
CA ALA C 126 -40.55 -6.32 -36.30
C ALA C 126 -40.48 -7.82 -36.59
N SER C 127 -41.36 -8.35 -37.42
CA SER C 127 -41.56 -9.79 -37.50
C SER C 127 -41.39 -10.37 -38.90
N ALA C 128 -40.89 -9.60 -39.84
CA ALA C 128 -40.45 -10.18 -41.11
C ALA C 128 -39.01 -9.72 -41.38
N ARG C 129 -38.39 -10.27 -42.44
CA ARG C 129 -36.94 -10.13 -42.64
C ARG C 129 -36.55 -8.73 -43.07
N ILE C 130 -35.50 -8.18 -42.44
CA ILE C 130 -34.87 -6.98 -42.97
C ILE C 130 -34.47 -7.17 -44.44
N ASP C 131 -34.04 -8.39 -44.82
CA ASP C 131 -33.68 -8.65 -46.21
C ASP C 131 -34.83 -8.28 -47.15
N TRP C 132 -36.08 -8.52 -46.75
CA TRP C 132 -37.22 -8.13 -47.59
C TRP C 132 -37.37 -6.61 -47.63
N ILE C 133 -37.19 -5.94 -46.48
CA ILE C 133 -37.20 -4.48 -46.50
C ILE C 133 -36.20 -3.98 -47.54
N VAL C 134 -35.01 -4.55 -47.56
CA VAL C 134 -33.99 -4.08 -48.51
C VAL C 134 -34.31 -4.52 -49.94
N SER C 135 -34.48 -5.82 -50.18
CA SER C 135 -34.57 -6.31 -51.55
CA SER C 135 -34.56 -6.29 -51.55
C SER C 135 -35.91 -5.97 -52.20
N ASN C 136 -36.96 -5.77 -51.42
CA ASN C 136 -38.24 -5.43 -52.00
C ASN C 136 -38.60 -3.97 -51.71
N ALA C 137 -38.70 -3.57 -50.43
CA ALA C 137 -39.31 -2.26 -50.15
C ALA C 137 -38.44 -1.12 -50.68
N THR C 138 -37.11 -1.23 -50.51
CA THR C 138 -36.29 -0.09 -50.95
C THR C 138 -36.07 -0.06 -52.44
N TYR C 139 -36.71 -0.96 -53.21
CA TYR C 139 -36.70 -0.87 -54.66
C TYR C 139 -37.99 -0.29 -55.22
N ARG C 140 -38.92 0.11 -54.38
CA ARG C 140 -40.17 0.66 -54.88
C ARG C 140 -39.99 2.13 -55.19
N ASP C 141 -40.93 2.66 -55.97
CA ASP C 141 -40.91 4.07 -56.34
C ASP C 141 -40.98 4.95 -55.08
N HIS C 142 -40.33 6.11 -55.17
CA HIS C 142 -40.49 7.22 -54.21
C HIS C 142 -39.91 6.93 -52.83
N VAL C 143 -39.01 5.96 -52.71
CA VAL C 143 -38.33 5.66 -51.46
C VAL C 143 -37.09 6.55 -51.31
N TYR C 144 -36.95 7.19 -50.14
CA TYR C 144 -35.86 8.12 -49.86
C TYR C 144 -35.08 7.62 -48.64
N MET C 145 -33.80 7.97 -48.58
CA MET C 145 -32.92 7.60 -47.48
C MET C 145 -32.17 8.83 -46.99
N CYS C 146 -31.79 8.80 -45.72
CA CYS C 146 -30.87 9.82 -45.23
C CYS C 146 -30.02 9.24 -44.12
N MET C 147 -28.87 9.88 -43.87
CA MET C 147 -28.05 9.52 -42.71
C MET C 147 -28.32 10.52 -41.58
N ASP C 148 -28.79 10.00 -40.44
CA ASP C 148 -29.23 10.87 -39.35
C ASP C 148 -28.04 11.28 -38.50
N GLN C 149 -28.29 12.03 -37.43
CA GLN C 149 -27.18 12.64 -36.72
C GLN C 149 -26.41 11.69 -35.84
N ASP C 150 -26.96 10.50 -35.61
CA ASP C 150 -26.28 9.41 -34.94
C ASP C 150 -25.61 8.47 -35.93
N ASN C 151 -25.62 8.84 -37.23
CA ASN C 151 -24.97 8.10 -38.30
C ASN C 151 -25.65 6.76 -38.58
N PHE C 152 -27.00 6.74 -38.57
CA PHE C 152 -27.78 5.59 -38.98
C PHE C 152 -28.62 5.94 -40.19
N VAL C 153 -28.80 4.99 -41.10
CA VAL C 153 -29.68 5.24 -42.26
C VAL C 153 -31.14 5.24 -41.84
N ARG C 154 -31.94 6.16 -42.39
CA ARG C 154 -33.39 6.16 -42.23
C ARG C 154 -34.05 6.10 -43.60
N LEU C 155 -35.24 5.51 -43.66
CA LEU C 155 -35.93 5.25 -44.91
C LEU C 155 -37.34 5.80 -44.81
N THR C 156 -37.84 6.42 -45.90
CA THR C 156 -39.22 6.86 -45.90
C THR C 156 -39.72 6.88 -47.34
N VAL C 157 -41.01 7.18 -47.50
CA VAL C 157 -41.62 7.30 -48.82
C VAL C 157 -42.19 8.69 -48.95
N SER C 158 -41.97 9.34 -50.10
CA SER C 158 -42.58 10.64 -50.37
C SER C 158 -43.00 10.72 -51.83
N GLY C 159 -44.30 10.67 -52.08
CA GLY C 159 -44.77 10.66 -53.46
C GLY C 159 -44.87 12.04 -54.04
N THR C 160 -45.38 12.96 -53.24
CA THR C 160 -45.57 14.34 -53.66
C THR C 160 -44.25 15.12 -53.57
N GLY C 161 -43.22 14.57 -54.22
CA GLY C 161 -41.91 15.19 -54.23
C GLY C 161 -41.10 14.68 -53.05
N PRO C 162 -39.87 15.17 -52.89
CA PRO C 162 -39.00 14.69 -51.78
C PRO C 162 -39.49 15.19 -50.43
N PRO C 163 -39.07 14.55 -49.33
CA PRO C 163 -39.50 14.98 -47.99
C PRO C 163 -38.86 16.30 -47.58
N ALA C 164 -39.40 16.91 -46.54
CA ALA C 164 -38.86 18.16 -45.99
C ALA C 164 -37.49 17.94 -45.36
N ASN C 165 -36.63 18.97 -45.46
CA ASN C 165 -35.20 18.82 -45.16
C ASN C 165 -34.86 19.05 -43.69
N SER C 166 -35.86 19.20 -42.84
CA SER C 166 -35.62 19.43 -41.42
C SER C 166 -35.38 18.09 -40.77
N GLY C 167 -34.14 17.84 -40.33
CA GLY C 167 -33.81 16.62 -39.61
C GLY C 167 -32.69 15.81 -40.21
N CYS C 168 -32.67 15.67 -41.55
CA CYS C 168 -31.60 14.99 -42.26
C CYS C 168 -31.79 15.28 -43.74
N GLU C 169 -30.76 14.96 -44.54
CA GLU C 169 -30.75 15.28 -45.97
C GLU C 169 -31.25 14.08 -46.75
N TRP C 170 -32.49 14.15 -47.22
CA TRP C 170 -33.10 12.97 -47.88
C TRP C 170 -32.61 12.86 -49.33
N LYS C 171 -32.32 11.62 -49.76
CA LYS C 171 -31.84 11.38 -51.12
C LYS C 171 -32.65 10.22 -51.68
N LEU C 172 -32.92 10.26 -52.98
CA LEU C 172 -33.67 9.17 -53.62
C LEU C 172 -32.86 7.87 -53.62
N VAL C 173 -33.44 6.78 -53.08
CA VAL C 173 -32.68 5.55 -52.97
C VAL C 173 -32.26 5.05 -54.34
N GLU C 174 -33.14 5.20 -55.33
CA GLU C 174 -32.83 4.74 -56.68
C GLU C 174 -31.53 5.37 -57.18
N THR C 175 -31.39 6.68 -56.98
CA THR C 175 -30.18 7.41 -57.37
C THR C 175 -28.96 6.94 -56.58
N GLU C 176 -29.10 6.81 -55.25
CA GLU C 176 -27.96 6.41 -54.43
C GLU C 176 -27.50 5.01 -54.80
N ARG C 177 -28.43 4.09 -55.01
CA ARG C 177 -28.09 2.73 -55.41
C ARG C 177 -27.41 2.71 -56.78
N ALA C 178 -27.98 3.42 -57.77
CA ALA C 178 -27.39 3.43 -59.12
C ALA C 178 -26.01 4.08 -59.15
N ASN C 179 -25.76 5.05 -58.26
CA ASN C 179 -24.45 5.69 -58.21
C ASN C 179 -23.45 4.95 -57.33
N SER C 180 -23.86 3.86 -56.67
CA SER C 180 -22.97 3.28 -55.66
C SER C 180 -21.76 2.61 -56.27
N GLY C 181 -21.85 2.17 -57.52
CA GLY C 181 -20.81 1.38 -58.15
C GLY C 181 -20.85 -0.10 -57.85
N ASP C 182 -21.62 -0.54 -56.86
CA ASP C 182 -21.73 -1.95 -56.54
C ASP C 182 -23.07 -2.15 -55.86
N ILE C 183 -24.08 -2.55 -56.63
CA ILE C 183 -25.44 -2.59 -56.08
C ILE C 183 -25.55 -3.63 -54.96
N ALA C 184 -24.92 -4.80 -55.12
CA ALA C 184 -25.01 -5.81 -54.08
C ALA C 184 -24.37 -5.33 -52.77
N ALA C 185 -23.24 -4.62 -52.86
CA ALA C 185 -22.63 -4.12 -51.63
C ALA C 185 -23.48 -3.03 -50.99
N PHE C 186 -24.08 -2.15 -51.81
CA PHE C 186 -24.98 -1.14 -51.29
C PHE C 186 -26.12 -1.79 -50.51
N ASP C 187 -26.73 -2.85 -51.08
CA ASP C 187 -27.86 -3.52 -50.42
C ASP C 187 -27.39 -4.21 -49.14
N HIS C 188 -26.19 -4.79 -49.17
CA HIS C 188 -25.66 -5.42 -47.96
C HIS C 188 -25.37 -4.38 -46.89
N TRP C 189 -24.90 -3.20 -47.29
CA TRP C 189 -24.70 -2.14 -46.33
C TRP C 189 -26.01 -1.70 -45.69
N LEU C 190 -27.09 -1.55 -46.47
CA LEU C 190 -28.37 -1.17 -45.87
C LEU C 190 -28.79 -2.17 -44.80
N LYS C 191 -28.69 -3.46 -45.12
CA LYS C 191 -29.09 -4.49 -44.17
C LYS C 191 -28.23 -4.40 -42.92
N SER C 192 -26.92 -4.25 -43.11
CA SER C 192 -26.00 -4.19 -41.99
CA SER C 192 -26.00 -4.20 -41.98
C SER C 192 -26.25 -2.98 -41.09
N ASN C 193 -26.73 -1.87 -41.68
CA ASN C 193 -26.97 -0.65 -40.90
C ASN C 193 -28.30 -0.68 -40.15
N ILE C 194 -29.17 -1.63 -40.46
CA ILE C 194 -30.49 -1.72 -39.85
C ILE C 194 -30.57 -2.85 -38.82
N SER C 195 -29.84 -3.94 -39.03
CA SER C 195 -29.97 -5.12 -38.18
C SER C 195 -29.26 -4.96 -36.83
N LEU C 196 -29.87 -5.49 -35.76
CA LEU C 196 -29.19 -5.52 -34.47
C LEU C 196 -28.22 -6.71 -34.32
N LEU C 197 -28.14 -7.63 -35.29
CA LEU C 197 -27.21 -8.74 -35.19
C LEU C 197 -25.97 -8.54 -36.08
N THR C 198 -25.74 -7.32 -36.58
CA THR C 198 -24.55 -7.10 -37.40
C THR C 198 -23.28 -7.26 -36.56
N THR C 199 -23.36 -6.86 -35.30
CA THR C 199 -22.37 -7.12 -34.25
C THR C 199 -23.12 -7.70 -33.07
N ASP C 200 -22.35 -8.21 -32.11
CA ASP C 200 -22.96 -8.77 -30.92
C ASP C 200 -23.52 -7.64 -30.06
N PRO C 201 -24.84 -7.54 -29.87
CA PRO C 201 -25.38 -6.43 -29.07
C PRO C 201 -24.86 -6.42 -27.65
N LEU C 202 -24.54 -7.60 -27.08
CA LEU C 202 -24.03 -7.65 -25.71
C LEU C 202 -22.63 -7.05 -25.61
N VAL C 203 -21.90 -6.97 -26.71
CA VAL C 203 -20.59 -6.32 -26.75
C VAL C 203 -20.73 -4.86 -27.15
N THR C 204 -21.48 -4.60 -28.23
CA THR C 204 -21.55 -3.25 -28.81
C THR C 204 -22.38 -2.29 -27.97
N TYR C 205 -23.38 -2.79 -27.27
CA TYR C 205 -24.36 -1.95 -26.56
C TYR C 205 -24.48 -2.49 -25.15
N PRO C 206 -23.38 -2.37 -24.32
CA PRO C 206 -23.27 -3.20 -23.10
C PRO C 206 -23.96 -2.64 -21.86
N SER C 207 -25.16 -2.10 -22.04
CA SER C 207 -26.03 -1.76 -20.90
C SER C 207 -27.45 -1.75 -21.43
N LEU C 208 -28.39 -1.81 -20.48
CA LEU C 208 -29.80 -1.72 -20.82
C LEU C 208 -30.09 -0.44 -21.61
N ASP C 209 -29.60 0.71 -21.14
CA ASP C 209 -29.90 1.95 -21.85
C ASP C 209 -29.26 1.98 -23.24
N LYS C 210 -28.03 1.44 -23.38
CA LYS C 210 -27.40 1.46 -24.69
C LYS C 210 -28.16 0.56 -25.68
N VAL C 211 -28.55 -0.65 -25.25
CA VAL C 211 -29.14 -1.55 -26.23
C VAL C 211 -30.58 -1.10 -26.54
N TRP C 212 -31.28 -0.53 -25.56
CA TRP C 212 -32.60 0.03 -25.87
C TRP C 212 -32.48 1.27 -26.74
N GLY C 213 -31.42 2.05 -26.59
CA GLY C 213 -31.15 3.13 -27.53
C GLY C 213 -31.02 2.61 -28.96
N ARG C 214 -30.26 1.50 -29.13
CA ARG C 214 -30.11 0.91 -30.47
C ARG C 214 -31.45 0.33 -30.99
N PHE C 215 -32.21 -0.32 -30.12
CA PHE C 215 -33.48 -0.94 -30.48
C PHE C 215 -34.49 0.12 -30.87
N ASP C 216 -34.64 1.19 -30.05
CA ASP C 216 -35.50 2.30 -30.46
C ASP C 216 -35.04 2.92 -31.78
N LYS C 217 -33.70 3.03 -31.96
CA LYS C 217 -33.20 3.61 -33.22
C LYS C 217 -33.64 2.77 -34.41
N HIS C 218 -33.55 1.44 -34.30
CA HIS C 218 -34.00 0.57 -35.39
C HIS C 218 -35.42 0.93 -35.85
N PHE C 219 -36.37 1.05 -34.91
CA PHE C 219 -37.74 1.39 -35.30
C PHE C 219 -37.81 2.78 -35.95
N SER C 220 -37.00 3.75 -35.48
CA SER C 220 -36.94 5.03 -36.16
CA SER C 220 -36.90 5.04 -36.14
C SER C 220 -36.36 4.91 -37.57
N GLN C 221 -35.41 3.98 -37.79
CA GLN C 221 -34.85 3.85 -39.14
C GLN C 221 -35.91 3.40 -40.14
N LEU C 222 -36.83 2.54 -39.72
CA LEU C 222 -37.84 1.96 -40.64
C LEU C 222 -39.19 2.64 -40.53
N ARG C 223 -39.41 3.56 -39.60
CA ARG C 223 -40.77 4.01 -39.36
CA ARG C 223 -40.78 4.00 -39.37
C ARG C 223 -41.40 4.59 -40.63
N GLY C 224 -40.66 5.42 -41.35
CA GLY C 224 -41.21 6.07 -42.55
C GLY C 224 -41.64 5.08 -43.61
N ILE C 225 -40.74 4.16 -43.97
CA ILE C 225 -41.06 3.24 -45.06
C ILE C 225 -42.11 2.21 -44.66
N ILE C 226 -42.09 1.72 -43.41
CA ILE C 226 -43.00 0.64 -43.04
C ILE C 226 -44.40 1.11 -42.69
N TYR C 227 -44.65 2.43 -42.57
CA TYR C 227 -45.99 2.96 -42.42
C TYR C 227 -46.63 3.34 -43.76
N HIS C 228 -45.93 3.20 -44.89
CA HIS C 228 -46.55 3.49 -46.20
C HIS C 228 -47.47 2.31 -46.56
N THR C 229 -48.76 2.60 -46.83
CA THR C 229 -49.79 1.56 -46.81
C THR C 229 -49.46 0.33 -47.63
N PRO C 230 -49.07 0.41 -48.91
CA PRO C 230 -48.88 -0.85 -49.65
C PRO C 230 -47.66 -1.61 -49.18
N ILE C 231 -46.63 -0.90 -48.66
CA ILE C 231 -45.51 -1.62 -48.04
C ILE C 231 -45.94 -2.29 -46.74
N ARG C 232 -46.75 -1.60 -45.91
CA ARG C 232 -47.21 -2.20 -44.66
C ARG C 232 -48.12 -3.42 -44.89
N ARG C 233 -49.00 -3.33 -45.90
CA ARG C 233 -49.80 -4.48 -46.30
C ARG C 233 -48.92 -5.67 -46.65
N ASP C 234 -47.94 -5.44 -47.54
CA ASP C 234 -47.09 -6.50 -48.03
C ASP C 234 -46.15 -7.02 -46.96
N TYR C 235 -45.70 -6.14 -46.06
CA TYR C 235 -44.87 -6.57 -44.92
C TYR C 235 -45.64 -7.51 -44.02
N TYR C 236 -46.92 -7.18 -43.74
CA TYR C 236 -47.73 -8.05 -42.89
C TYR C 236 -47.93 -9.41 -43.57
N ARG C 237 -48.16 -9.41 -44.90
CA ARG C 237 -48.26 -10.68 -45.63
C ARG C 237 -46.97 -11.47 -45.52
N GLN C 238 -45.82 -10.78 -45.57
CA GLN C 238 -44.55 -11.48 -45.44
CA GLN C 238 -44.53 -11.45 -45.43
C GLN C 238 -44.37 -12.08 -44.04
N ILE C 239 -44.92 -11.45 -43.00
CA ILE C 239 -44.94 -12.12 -41.68
C ILE C 239 -45.65 -13.46 -41.79
N LEU C 240 -46.86 -13.46 -42.35
CA LEU C 240 -47.58 -14.73 -42.49
C LEU C 240 -46.78 -15.74 -43.32
N GLU C 241 -46.20 -15.32 -44.44
CA GLU C 241 -45.42 -16.24 -45.28
C GLU C 241 -44.26 -16.84 -44.49
N GLU C 242 -43.53 -16.00 -43.76
CA GLU C 242 -42.32 -16.46 -43.09
C GLU C 242 -42.68 -17.37 -41.91
N PHE C 243 -43.74 -17.01 -41.18
CA PHE C 243 -44.15 -17.86 -40.06
C PHE C 243 -44.65 -19.20 -40.56
N ARG C 244 -45.45 -19.20 -41.62
CA ARG C 244 -45.87 -20.46 -42.19
C ARG C 244 -44.65 -21.30 -42.61
N SER C 245 -43.64 -20.68 -43.20
CA SER C 245 -42.45 -21.40 -43.65
CA SER C 245 -42.45 -21.41 -43.64
C SER C 245 -41.64 -22.02 -42.50
N ASP C 246 -41.78 -21.50 -41.27
CA ASP C 246 -41.16 -22.11 -40.09
C ASP C 246 -42.12 -23.05 -39.37
N ASN C 247 -43.19 -23.49 -40.06
CA ASN C 247 -44.14 -24.49 -39.55
C ASN C 247 -44.93 -23.94 -38.38
N VAL C 248 -45.26 -22.64 -38.44
CA VAL C 248 -46.20 -22.01 -37.52
C VAL C 248 -47.51 -21.89 -38.28
N GLN C 249 -48.63 -22.30 -37.67
CA GLN C 249 -49.91 -22.26 -38.39
C GLN C 249 -50.86 -21.15 -37.95
N TYR C 250 -50.48 -20.32 -36.98
CA TYR C 250 -51.43 -19.35 -36.47
C TYR C 250 -50.62 -18.30 -35.74
N VAL C 251 -51.02 -17.02 -35.85
CA VAL C 251 -50.31 -15.96 -35.13
C VAL C 251 -51.32 -15.03 -34.51
N GLU C 252 -50.97 -14.50 -33.34
CA GLU C 252 -51.64 -13.30 -32.80
C GLU C 252 -50.60 -12.17 -32.74
N VAL C 253 -50.96 -10.99 -33.26
CA VAL C 253 -49.95 -9.96 -33.57
C VAL C 253 -50.36 -8.67 -32.88
N ARG C 254 -49.39 -8.04 -32.16
CA ARG C 254 -49.63 -6.68 -31.67
C ARG C 254 -49.41 -5.70 -32.83
N SER C 255 -50.29 -4.70 -32.93
CA SER C 255 -50.13 -3.68 -33.96
C SER C 255 -50.72 -2.35 -33.46
N SER C 256 -50.06 -1.22 -33.79
CA SER C 256 -50.67 0.06 -33.46
C SER C 256 -51.87 0.38 -34.35
N LEU C 257 -51.94 -0.23 -35.52
CA LEU C 257 -53.01 -0.13 -36.50
C LEU C 257 -53.12 1.22 -37.22
N SER C 258 -52.45 2.26 -36.76
CA SER C 258 -52.89 3.58 -37.14
C SER C 258 -51.80 4.29 -37.92
N GLY C 259 -52.24 5.23 -38.74
CA GLY C 259 -51.30 6.10 -39.39
C GLY C 259 -50.75 5.60 -40.71
N TYR C 260 -51.30 4.54 -41.29
CA TYR C 260 -50.76 4.06 -42.56
C TYR C 260 -51.05 5.12 -43.61
N TYR C 261 -50.05 5.47 -44.43
CA TYR C 261 -50.26 6.58 -45.34
C TYR C 261 -50.03 6.21 -46.81
N ASP C 262 -50.85 6.80 -47.68
CA ASP C 262 -50.78 6.53 -49.11
C ASP C 262 -49.79 7.47 -49.81
N LEU C 263 -49.53 7.17 -51.08
CA LEU C 263 -48.59 8.00 -51.83
C LEU C 263 -49.08 9.45 -51.97
N ASP C 264 -50.39 9.65 -52.07
CA ASP C 264 -50.96 10.99 -52.16
C ASP C 264 -51.01 11.72 -50.81
N GLY C 265 -50.52 11.09 -49.75
CA GLY C 265 -50.46 11.69 -48.43
C GLY C 265 -51.62 11.35 -47.49
N THR C 266 -52.65 10.66 -47.98
CA THR C 266 -53.77 10.28 -47.12
C THR C 266 -53.27 9.43 -45.96
N VAL C 267 -53.66 9.81 -44.75
CA VAL C 267 -53.33 9.05 -43.54
C VAL C 267 -54.58 8.31 -43.08
N HIS C 268 -54.47 6.99 -42.89
CA HIS C 268 -55.65 6.22 -42.49
C HIS C 268 -55.75 6.04 -40.99
N ASP C 269 -56.93 5.65 -40.56
CA ASP C 269 -57.23 5.48 -39.15
C ASP C 269 -57.05 4.02 -38.71
N PRO C 270 -57.15 3.74 -37.40
CA PRO C 270 -56.89 2.35 -36.94
C PRO C 270 -57.88 1.34 -37.49
N GLU C 271 -59.15 1.70 -37.68
CA GLU C 271 -60.07 0.70 -38.26
C GLU C 271 -59.60 0.29 -39.65
N TYR C 272 -59.10 1.26 -40.42
CA TYR C 272 -58.56 0.91 -41.73
C TYR C 272 -57.43 -0.08 -41.60
N GLY C 273 -56.52 0.15 -40.65
CA GLY C 273 -55.40 -0.77 -40.48
C GLY C 273 -55.90 -2.15 -40.14
N LEU C 274 -56.93 -2.24 -39.31
CA LEU C 274 -57.46 -3.55 -38.95
C LEU C 274 -58.11 -4.22 -40.15
N GLN C 275 -58.85 -3.46 -40.96
CA GLN C 275 -59.50 -4.03 -42.15
CA GLN C 275 -59.50 -4.03 -42.15
C GLN C 275 -58.45 -4.52 -43.14
N LEU C 276 -57.35 -3.79 -43.25
CA LEU C 276 -56.30 -4.19 -44.17
C LEU C 276 -55.71 -5.54 -43.74
N TYR C 277 -55.36 -5.67 -42.46
CA TYR C 277 -54.82 -6.94 -42.00
C TYR C 277 -55.84 -8.05 -42.10
N LYS C 278 -57.12 -7.74 -41.85
CA LYS C 278 -58.16 -8.76 -41.98
C LYS C 278 -58.22 -9.28 -43.42
N ALA C 279 -58.18 -8.37 -44.39
CA ALA C 279 -58.24 -8.77 -45.80
C ALA C 279 -57.01 -9.55 -46.23
N VAL C 280 -55.82 -9.14 -45.78
CA VAL C 280 -54.61 -9.91 -46.10
C VAL C 280 -54.70 -11.31 -45.51
N THR C 281 -55.13 -11.42 -44.25
CA THR C 281 -55.19 -12.74 -43.60
C THR C 281 -56.17 -13.64 -44.33
N GLU C 282 -57.31 -13.10 -44.73
CA GLU C 282 -58.31 -13.92 -45.42
C GLU C 282 -57.78 -14.44 -46.75
N GLU C 283 -57.05 -13.61 -47.49
CA GLU C 283 -56.50 -14.07 -48.75
C GLU C 283 -55.40 -15.11 -48.51
N PHE C 284 -54.60 -14.90 -47.47
CA PHE C 284 -53.55 -15.85 -47.14
C PHE C 284 -54.10 -17.22 -46.81
N VAL C 285 -55.20 -17.28 -46.05
CA VAL C 285 -55.78 -18.56 -45.69
C VAL C 285 -56.40 -19.19 -46.94
N ARG C 286 -56.89 -18.36 -47.88
CA ARG C 286 -57.31 -18.96 -49.17
C ARG C 286 -56.13 -19.55 -49.93
N THR C 287 -55.01 -18.83 -49.98
CA THR C 287 -53.80 -19.35 -50.65
C THR C 287 -53.32 -20.63 -49.96
N TYR C 288 -53.36 -20.67 -48.64
CA TYR C 288 -52.77 -21.75 -47.86
C TYR C 288 -53.77 -22.34 -46.87
N PRO C 289 -54.58 -23.31 -47.29
CA PRO C 289 -55.54 -23.91 -46.35
C PRO C 289 -54.89 -24.69 -45.21
N ASP C 290 -53.56 -24.93 -45.22
CA ASP C 290 -52.93 -25.58 -44.09
C ASP C 290 -52.54 -24.58 -43.00
N PHE C 291 -53.02 -23.33 -43.09
CA PHE C 291 -52.70 -22.28 -42.14
C PHE C 291 -53.99 -21.85 -41.46
N SER C 292 -53.98 -21.82 -40.12
CA SER C 292 -55.19 -21.53 -39.35
C SER C 292 -55.59 -20.05 -39.43
N GLY C 293 -54.60 -19.14 -39.45
CA GLY C 293 -54.97 -17.74 -39.62
C GLY C 293 -54.27 -16.83 -38.59
N ALA C 294 -54.95 -15.72 -38.26
CA ALA C 294 -54.35 -14.70 -37.42
C ALA C 294 -55.44 -13.88 -36.76
N LYS C 295 -55.06 -13.25 -35.64
CA LYS C 295 -55.91 -12.28 -34.96
C LYS C 295 -54.99 -11.18 -34.42
N ILE C 296 -55.58 -10.03 -34.10
CA ILE C 296 -54.81 -8.80 -33.86
C ILE C 296 -55.13 -8.23 -32.47
N ILE C 297 -54.08 -7.73 -31.80
CA ILE C 297 -54.20 -7.01 -30.54
C ILE C 297 -53.75 -5.57 -30.78
N LYS C 298 -54.57 -4.58 -30.40
CA LYS C 298 -54.14 -3.18 -30.58
C LYS C 298 -53.13 -2.81 -29.50
N SER C 299 -51.98 -2.25 -29.91
CA SER C 299 -50.99 -1.80 -28.94
C SER C 299 -50.84 -0.29 -29.03
N THR C 300 -50.52 0.31 -27.89
CA THR C 300 -50.26 1.74 -27.79
C THR C 300 -49.00 1.92 -26.95
N ALA C 301 -48.12 2.82 -27.37
CA ALA C 301 -46.88 3.06 -26.64
C ALA C 301 -47.15 3.76 -25.32
N ARG C 302 -46.49 3.27 -24.24
CA ARG C 302 -46.76 3.77 -22.89
C ARG C 302 -45.92 5.01 -22.57
N VAL C 303 -45.57 5.78 -23.60
CA VAL C 303 -44.99 7.11 -23.42
C VAL C 303 -46.00 8.23 -23.55
N LYS C 304 -47.24 7.92 -23.91
CA LYS C 304 -48.24 8.91 -24.25
C LYS C 304 -49.02 9.32 -23.02
N PRO C 305 -49.65 10.50 -23.06
CA PRO C 305 -50.48 10.93 -21.95
C PRO C 305 -51.71 10.06 -21.81
N ASN C 306 -52.25 10.05 -20.59
CA ASN C 306 -53.45 9.27 -20.31
C ASN C 306 -54.59 9.63 -21.25
N THR C 307 -54.69 10.88 -21.71
CA THR C 307 -55.79 11.18 -22.63
C THR C 307 -55.71 10.35 -23.91
N ASP C 308 -54.49 10.13 -24.43
CA ASP C 308 -54.33 9.30 -25.63
C ASP C 308 -54.71 7.85 -25.35
N ILE C 309 -54.28 7.33 -24.19
CA ILE C 309 -54.60 5.94 -23.86
C ILE C 309 -56.10 5.79 -23.71
N PHE C 310 -56.76 6.78 -23.09
CA PHE C 310 -58.22 6.71 -22.94
C PHE C 310 -58.91 6.61 -24.30
N ASN C 311 -58.48 7.43 -25.27
CA ASN C 311 -59.09 7.35 -26.60
C ASN C 311 -58.83 6.00 -27.26
N ASP C 312 -57.63 5.45 -27.06
CA ASP C 312 -57.31 4.12 -27.60
C ASP C 312 -58.09 2.99 -26.91
N VAL C 313 -58.39 3.14 -25.63
CA VAL C 313 -59.26 2.17 -24.96
C VAL C 313 -60.68 2.24 -25.52
N LYS C 314 -61.19 3.45 -25.72
CA LYS C 314 -62.54 3.58 -26.29
C LYS C 314 -62.59 3.03 -27.71
N LEU C 315 -61.56 3.32 -28.51
CA LEU C 315 -61.46 2.75 -29.84
C LEU C 315 -61.46 1.22 -29.78
N SER C 316 -60.69 0.67 -28.84
CA SER C 316 -60.58 -0.78 -28.73
C SER C 316 -61.91 -1.40 -28.32
N MET C 317 -62.66 -0.73 -27.43
CA MET C 317 -64.01 -1.20 -27.10
C MET C 317 -64.86 -1.31 -28.37
N ASP C 318 -64.79 -0.29 -29.24
CA ASP C 318 -65.56 -0.26 -30.48
C ASP C 318 -65.11 -1.35 -31.46
N LEU C 319 -63.79 -1.50 -31.67
CA LEU C 319 -63.31 -2.55 -32.58
C LEU C 319 -63.60 -3.96 -32.04
N TYR C 320 -63.55 -4.16 -30.72
CA TYR C 320 -63.85 -5.47 -30.14
C TYR C 320 -65.31 -5.84 -30.38
N LYS C 321 -66.20 -4.86 -30.25
CA LYS C 321 -67.62 -5.10 -30.54
C LYS C 321 -67.87 -5.38 -32.01
N ARG C 322 -67.19 -4.65 -32.90
CA ARG C 322 -67.59 -4.75 -34.31
C ARG C 322 -66.74 -5.74 -35.14
N TYR C 323 -65.60 -6.20 -34.61
CA TYR C 323 -64.78 -7.22 -35.29
C TYR C 323 -64.54 -8.39 -34.34
N PRO C 324 -65.61 -9.01 -33.83
CA PRO C 324 -65.45 -10.12 -32.92
C PRO C 324 -64.73 -11.25 -33.64
N GLY C 325 -63.85 -11.93 -32.92
CA GLY C 325 -63.11 -12.99 -33.60
C GLY C 325 -61.95 -12.55 -34.48
N PHE C 326 -61.73 -11.26 -34.72
CA PHE C 326 -60.44 -10.88 -35.30
C PHE C 326 -59.70 -9.87 -34.44
N PHE C 327 -60.41 -8.93 -33.85
CA PHE C 327 -59.84 -7.96 -32.94
C PHE C 327 -59.95 -8.51 -31.51
N LEU C 328 -58.82 -8.71 -30.86
CA LEU C 328 -58.75 -9.40 -29.58
C LEU C 328 -58.83 -8.50 -28.36
N GLY C 329 -58.26 -7.31 -28.42
CA GLY C 329 -58.19 -6.45 -27.22
C GLY C 329 -56.98 -5.53 -27.32
N PHE C 330 -56.43 -5.17 -26.15
CA PHE C 330 -55.56 -4.00 -26.02
C PHE C 330 -54.29 -4.36 -25.24
N ASP C 331 -53.19 -3.66 -25.56
CA ASP C 331 -51.92 -3.87 -24.85
C ASP C 331 -51.17 -2.54 -24.82
N LEU C 332 -50.24 -2.39 -23.87
CA LEU C 332 -49.39 -1.22 -23.79
C LEU C 332 -47.96 -1.67 -24.03
N VAL C 333 -47.24 -0.98 -24.93
CA VAL C 333 -45.90 -1.42 -25.34
C VAL C 333 -44.94 -0.24 -25.18
N ALA C 334 -43.73 -0.37 -25.72
CA ALA C 334 -42.56 0.52 -25.54
C ALA C 334 -41.85 0.11 -24.25
N GLN C 335 -40.65 0.63 -24.02
CA GLN C 335 -39.85 0.09 -22.91
C GLN C 335 -40.59 0.27 -21.57
N GLU C 336 -40.61 -0.81 -20.77
CA GLU C 336 -41.44 -0.78 -19.56
C GLU C 336 -40.78 0.00 -18.43
N ASP C 337 -39.45 -0.12 -18.28
CA ASP C 337 -38.80 0.42 -17.06
C ASP C 337 -38.91 1.93 -16.91
N PRO C 338 -38.65 2.77 -17.91
CA PRO C 338 -38.63 4.21 -17.68
C PRO C 338 -39.95 4.93 -17.94
N ASN C 339 -40.95 4.22 -18.41
CA ASN C 339 -42.15 4.85 -18.94
C ASN C 339 -43.33 4.59 -17.99
N THR C 340 -44.55 4.82 -18.48
CA THR C 340 -45.72 4.87 -17.59
C THR C 340 -46.20 3.48 -17.19
N SER C 341 -46.51 3.31 -15.90
CA SER C 341 -47.02 2.05 -15.37
C SER C 341 -48.49 1.85 -15.75
N LEU C 342 -48.96 0.62 -15.62
CA LEU C 342 -50.39 0.37 -15.80
C LEU C 342 -51.21 1.21 -14.84
N LEU C 343 -50.76 1.32 -13.58
CA LEU C 343 -51.50 2.12 -12.61
C LEU C 343 -51.58 3.60 -13.04
N GLY C 344 -50.55 4.08 -13.77
CA GLY C 344 -50.60 5.45 -14.30
C GLY C 344 -51.68 5.67 -15.36
N TYR C 345 -52.27 4.59 -15.86
CA TYR C 345 -53.39 4.67 -16.79
C TYR C 345 -54.67 4.06 -16.24
N ILE C 346 -54.75 3.88 -14.92
CA ILE C 346 -55.73 2.95 -14.38
C ILE C 346 -57.16 3.43 -14.64
N ASP C 347 -57.44 4.75 -14.59
CA ASP C 347 -58.81 5.19 -14.86
C ASP C 347 -59.24 4.80 -16.26
N SER C 348 -58.30 4.84 -17.22
CA SER C 348 -58.64 4.48 -18.59
C SER C 348 -58.85 2.99 -18.69
N LEU C 349 -57.99 2.22 -18.01
CA LEU C 349 -58.05 0.77 -18.16
C LEU C 349 -59.26 0.18 -17.44
N LEU C 350 -59.76 0.84 -16.39
CA LEU C 350 -60.97 0.38 -15.74
C LEU C 350 -62.25 0.87 -16.41
N TYR C 351 -62.16 1.83 -17.34
CA TYR C 351 -63.35 2.45 -17.90
C TYR C 351 -64.29 1.44 -18.55
N PRO C 352 -63.84 0.47 -19.34
CA PRO C 352 -64.83 -0.46 -19.93
C PRO C 352 -65.64 -1.20 -18.89
N SER C 353 -65.01 -1.67 -17.83
CA SER C 353 -65.71 -2.47 -16.82
C SER C 353 -66.68 -1.63 -15.99
N ARG C 354 -66.55 -0.31 -16.02
CA ARG C 354 -67.39 0.62 -15.28
C ARG C 354 -68.53 1.20 -16.08
N GLN C 355 -68.73 0.76 -17.32
CA GLN C 355 -69.84 1.22 -18.13
C GLN C 355 -71.12 0.50 -17.71
N ASN C 356 -72.24 1.03 -18.16
CA ASN C 356 -73.55 0.48 -17.81
C ASN C 356 -74.32 0.15 -19.08
N PRO C 357 -74.33 -1.12 -19.52
CA PRO C 357 -73.73 -2.33 -18.92
C PRO C 357 -72.21 -2.36 -19.03
N PRO C 358 -71.55 -3.17 -18.20
CA PRO C 358 -70.09 -3.30 -18.33
C PRO C 358 -69.70 -3.86 -19.69
N VAL C 359 -68.57 -3.36 -20.19
CA VAL C 359 -67.92 -3.87 -21.39
C VAL C 359 -66.65 -4.58 -20.95
N SER C 360 -66.43 -5.81 -21.42
CA SER C 360 -65.24 -6.59 -21.05
C SER C 360 -64.24 -6.49 -22.19
N LEU C 361 -63.38 -5.49 -22.12
CA LEU C 361 -62.34 -5.34 -23.13
C LEU C 361 -61.17 -6.20 -22.68
N PRO C 362 -60.79 -7.25 -23.42
CA PRO C 362 -59.68 -8.09 -22.97
C PRO C 362 -58.35 -7.37 -23.11
N TYR C 363 -57.46 -7.73 -22.20
CA TYR C 363 -56.11 -7.14 -22.13
C TYR C 363 -55.04 -8.21 -22.25
N TYR C 364 -53.96 -7.87 -22.94
CA TYR C 364 -52.83 -8.78 -23.14
C TYR C 364 -51.53 -8.12 -22.69
N PHE C 365 -51.50 -7.57 -21.47
CA PHE C 365 -50.41 -6.67 -21.09
C PHE C 365 -49.02 -7.30 -21.13
N HIS C 366 -48.10 -6.66 -21.87
CA HIS C 366 -46.67 -6.74 -21.46
C HIS C 366 -46.59 -6.37 -20.00
N ALA C 367 -45.91 -7.18 -19.17
CA ALA C 367 -45.86 -6.84 -17.76
C ALA C 367 -44.65 -7.55 -17.12
N GLY C 368 -43.93 -6.83 -16.28
CA GLY C 368 -42.80 -7.44 -15.61
C GLY C 368 -41.60 -7.78 -16.48
N GLU C 369 -41.43 -7.09 -17.62
CA GLU C 369 -40.24 -7.26 -18.49
C GLU C 369 -39.08 -6.46 -17.88
N THR C 370 -38.60 -6.93 -16.72
CA THR C 370 -37.69 -6.09 -15.93
C THR C 370 -36.87 -6.94 -14.96
N ASN C 371 -35.68 -6.44 -14.60
CA ASN C 371 -34.91 -6.97 -13.47
C ASN C 371 -35.26 -6.31 -12.14
N TRP C 372 -36.12 -5.29 -12.15
CA TRP C 372 -36.46 -4.60 -10.90
C TRP C 372 -37.37 -5.44 -10.02
N GLN C 373 -37.29 -5.19 -8.73
CA GLN C 373 -38.14 -5.88 -7.75
C GLN C 373 -38.70 -4.86 -6.75
N GLY C 374 -40.00 -4.97 -6.47
CA GLY C 374 -40.60 -4.06 -5.52
C GLY C 374 -40.80 -2.65 -6.00
N THR C 375 -40.79 -2.45 -7.33
CA THR C 375 -40.91 -1.13 -7.94
C THR C 375 -42.25 -1.02 -8.69
N GLU C 376 -42.49 0.19 -9.21
CA GLU C 376 -43.64 0.39 -10.11
C GLU C 376 -43.64 -0.56 -11.31
N VAL C 377 -42.46 -0.99 -11.79
CA VAL C 377 -42.40 -1.77 -13.02
C VAL C 377 -42.83 -3.20 -12.77
N ASP C 378 -42.22 -3.86 -11.78
CA ASP C 378 -42.64 -5.24 -11.62
C ASP C 378 -44.01 -5.33 -10.98
N TYR C 379 -44.44 -4.33 -10.22
CA TYR C 379 -45.81 -4.36 -9.72
C TYR C 379 -46.83 -4.18 -10.84
N ASN C 380 -46.42 -3.86 -12.07
CA ASN C 380 -47.38 -3.96 -13.18
C ASN C 380 -47.99 -5.35 -13.26
N LEU C 381 -47.28 -6.38 -12.78
CA LEU C 381 -47.84 -7.74 -12.74
C LEU C 381 -49.06 -7.81 -11.86
N VAL C 382 -49.08 -7.08 -10.75
CA VAL C 382 -50.26 -7.08 -9.88
C VAL C 382 -51.45 -6.46 -10.62
N ASP C 383 -51.21 -5.34 -11.29
CA ASP C 383 -52.32 -4.69 -11.99
C ASP C 383 -52.77 -5.50 -13.19
N ALA C 384 -51.83 -6.13 -13.91
CA ALA C 384 -52.26 -6.96 -15.05
C ALA C 384 -53.24 -8.04 -14.59
N LEU C 385 -52.98 -8.67 -13.42
CA LEU C 385 -53.92 -9.67 -12.91
C LEU C 385 -55.21 -9.06 -12.38
N LEU C 386 -55.16 -7.91 -11.68
CA LEU C 386 -56.39 -7.31 -11.20
C LEU C 386 -57.28 -6.85 -12.36
N LEU C 387 -56.68 -6.49 -13.49
CA LEU C 387 -57.41 -6.10 -14.69
C LEU C 387 -57.82 -7.31 -15.55
N ASN C 388 -57.65 -8.53 -15.04
CA ASN C 388 -58.09 -9.76 -15.72
CA ASN C 388 -58.09 -9.76 -15.72
C ASN C 388 -57.41 -9.99 -17.06
N ALA C 389 -56.09 -9.73 -17.13
CA ALA C 389 -55.38 -10.00 -18.39
C ALA C 389 -55.55 -11.44 -18.84
N THR C 390 -55.73 -11.62 -20.15
CA THR C 390 -55.92 -12.94 -20.75
C THR C 390 -54.60 -13.72 -20.83
N ARG C 391 -53.53 -13.06 -21.27
CA ARG C 391 -52.16 -13.54 -21.21
C ARG C 391 -51.32 -12.39 -20.74
N ILE C 392 -50.10 -12.74 -20.29
N ILE C 392 -50.11 -12.68 -20.27
CA ILE C 392 -49.05 -11.82 -19.83
CA ILE C 392 -49.20 -11.61 -19.93
C ILE C 392 -47.90 -11.84 -20.84
C ILE C 392 -47.90 -11.78 -20.70
N GLY C 393 -47.39 -10.66 -21.20
CA GLY C 393 -46.19 -10.63 -22.02
C GLY C 393 -44.95 -10.59 -21.12
N HIS C 394 -44.07 -11.58 -21.29
CA HIS C 394 -42.77 -11.75 -20.62
C HIS C 394 -42.89 -12.28 -19.21
N GLY C 395 -43.38 -11.45 -18.30
CA GLY C 395 -43.44 -11.84 -16.90
C GLY C 395 -42.09 -12.24 -16.35
N PHE C 396 -41.01 -11.58 -16.79
CA PHE C 396 -39.67 -11.95 -16.30
C PHE C 396 -39.56 -11.83 -14.80
N ALA C 397 -40.23 -10.80 -14.19
CA ALA C 397 -40.20 -10.60 -12.74
C ALA C 397 -41.16 -11.54 -12.00
N LEU C 398 -41.92 -12.39 -12.69
CA LEU C 398 -42.98 -13.13 -12.01
C LEU C 398 -42.45 -14.05 -10.91
N ILE C 399 -41.28 -14.68 -11.12
CA ILE C 399 -40.79 -15.61 -10.11
C ILE C 399 -40.48 -14.92 -8.78
N LYS C 400 -40.36 -13.59 -8.77
CA LYS C 400 -40.21 -12.83 -7.55
C LYS C 400 -41.54 -12.51 -6.87
N HIS C 401 -42.67 -12.96 -7.42
CA HIS C 401 -43.98 -12.60 -6.91
C HIS C 401 -44.84 -13.82 -6.66
N PRO C 402 -44.65 -14.50 -5.53
CA PRO C 402 -45.38 -15.78 -5.31
C PRO C 402 -46.90 -15.66 -5.31
N ARG C 403 -47.46 -14.57 -4.81
CA ARG C 403 -48.92 -14.46 -4.80
C ARG C 403 -49.47 -14.22 -6.19
N VAL C 404 -48.75 -13.49 -7.05
CA VAL C 404 -49.18 -13.35 -8.43
C VAL C 404 -49.11 -14.69 -9.15
N ILE C 405 -48.06 -15.47 -8.88
CA ILE C 405 -47.97 -16.79 -9.48
C ILE C 405 -49.19 -17.64 -9.17
N GLU C 406 -49.63 -17.63 -7.91
CA GLU C 406 -50.84 -18.40 -7.54
C GLU C 406 -52.01 -18.04 -8.46
N LEU C 407 -52.20 -16.74 -8.72
CA LEU C 407 -53.34 -16.30 -9.53
C LEU C 407 -53.16 -16.68 -10.98
N VAL C 408 -51.93 -16.57 -11.49
CA VAL C 408 -51.61 -16.98 -12.86
C VAL C 408 -51.95 -18.44 -13.06
N LYS C 409 -51.57 -19.29 -12.10
CA LYS C 409 -51.87 -20.72 -12.18
C LYS C 409 -53.36 -21.02 -12.05
N SER C 410 -54.02 -20.44 -11.05
CA SER C 410 -55.41 -20.82 -10.81
C SER C 410 -56.32 -20.32 -11.93
N ARG C 411 -55.98 -19.19 -12.56
CA ARG C 411 -56.82 -18.64 -13.64
C ARG C 411 -56.42 -19.13 -15.02
N GLY C 412 -55.28 -19.77 -15.15
CA GLY C 412 -54.78 -20.16 -16.46
C GLY C 412 -54.38 -19.02 -17.36
N VAL C 413 -53.62 -18.06 -16.83
CA VAL C 413 -53.15 -16.91 -17.59
C VAL C 413 -51.79 -17.28 -18.16
N ALA C 414 -51.72 -17.61 -19.46
CA ALA C 414 -50.44 -18.02 -20.03
C ALA C 414 -49.44 -16.85 -20.04
N VAL C 415 -48.19 -17.15 -19.72
CA VAL C 415 -47.07 -16.22 -19.79
C VAL C 415 -46.37 -16.42 -21.12
N GLU C 416 -46.24 -15.36 -21.91
CA GLU C 416 -45.61 -15.39 -23.21
C GLU C 416 -44.12 -15.13 -23.02
N VAL C 417 -43.32 -16.17 -23.19
CA VAL C 417 -41.88 -16.14 -22.90
C VAL C 417 -41.11 -15.98 -24.20
N ASN C 418 -40.24 -14.97 -24.26
CA ASN C 418 -39.55 -14.56 -25.49
C ASN C 418 -38.05 -14.54 -25.18
N PRO C 419 -37.36 -15.68 -25.21
CA PRO C 419 -36.04 -15.75 -24.53
C PRO C 419 -34.95 -15.00 -25.25
N VAL C 420 -34.91 -15.07 -26.58
CA VAL C 420 -33.86 -14.35 -27.30
C VAL C 420 -34.02 -12.85 -27.06
N SER C 421 -35.26 -12.35 -27.13
CA SER C 421 -35.53 -10.94 -26.85
C SER C 421 -34.99 -10.56 -25.47
N ASN C 422 -35.27 -11.41 -24.45
CA ASN C 422 -34.88 -11.04 -23.09
C ASN C 422 -33.36 -11.02 -22.94
N GLN C 423 -32.65 -11.87 -23.68
CA GLN C 423 -31.18 -11.81 -23.61
C GLN C 423 -30.64 -10.59 -24.35
N LEU C 424 -31.04 -10.41 -25.61
CA LEU C 424 -30.44 -9.34 -26.40
C LEU C 424 -30.83 -7.97 -25.85
N LEU C 425 -32.04 -7.82 -25.30
CA LEU C 425 -32.49 -6.53 -24.79
C LEU C 425 -32.21 -6.35 -23.29
N GLY C 426 -31.28 -7.15 -22.73
CA GLY C 426 -30.63 -6.75 -21.50
C GLY C 426 -31.19 -7.28 -20.18
N LEU C 427 -32.07 -8.28 -20.19
CA LEU C 427 -32.57 -8.82 -18.93
C LEU C 427 -31.73 -9.98 -18.40
N VAL C 428 -30.94 -10.66 -19.24
CA VAL C 428 -30.18 -11.82 -18.76
C VAL C 428 -29.04 -12.06 -19.75
N LYS C 429 -27.93 -12.63 -19.26
CA LYS C 429 -26.81 -12.96 -20.15
C LYS C 429 -26.75 -14.44 -20.47
N ASP C 430 -26.51 -15.27 -19.48
CA ASP C 430 -26.54 -16.72 -19.62
C ASP C 430 -27.99 -17.16 -19.58
N LEU C 431 -28.51 -17.73 -20.68
CA LEU C 431 -29.94 -18.02 -20.72
C LEU C 431 -30.37 -19.09 -19.71
N ARG C 432 -29.43 -19.85 -19.13
CA ARG C 432 -29.84 -20.74 -18.06
C ARG C 432 -30.28 -19.99 -16.81
N ASN C 433 -30.04 -18.68 -16.74
CA ASN C 433 -30.53 -17.84 -15.65
C ASN C 433 -31.88 -17.22 -16.00
N HIS C 434 -32.48 -17.60 -17.13
CA HIS C 434 -33.73 -16.97 -17.53
C HIS C 434 -34.80 -17.25 -16.49
N ALA C 435 -35.54 -16.20 -16.09
CA ALA C 435 -36.46 -16.33 -14.97
C ALA C 435 -37.69 -17.17 -15.30
N ALA C 436 -37.86 -17.61 -16.54
CA ALA C 436 -38.96 -18.54 -16.83
C ALA C 436 -38.63 -19.99 -16.49
N ALA C 437 -37.34 -20.36 -16.33
CA ALA C 437 -37.05 -21.75 -15.98
C ALA C 437 -37.71 -22.19 -14.68
N PRO C 438 -37.69 -21.40 -13.60
CA PRO C 438 -38.45 -21.84 -12.43
C PRO C 438 -39.96 -21.78 -12.61
N LEU C 439 -40.48 -20.96 -13.55
CA LEU C 439 -41.91 -21.02 -13.84
C LEU C 439 -42.26 -22.35 -14.49
N LEU C 440 -41.45 -22.77 -15.45
CA LEU C 440 -41.76 -24.03 -16.13
C LEU C 440 -41.65 -25.21 -15.17
N ALA C 441 -40.71 -25.12 -14.22
CA ALA C 441 -40.52 -26.21 -13.27
C ALA C 441 -41.74 -26.38 -12.38
N GLN C 442 -42.50 -25.31 -12.17
CA GLN C 442 -43.72 -25.33 -11.37
C GLN C 442 -44.97 -25.57 -12.20
N ASN C 443 -44.84 -25.73 -13.51
CA ASN C 443 -45.97 -25.90 -14.43
C ASN C 443 -46.87 -24.65 -14.50
N VAL C 444 -46.26 -23.48 -14.37
CA VAL C 444 -46.94 -22.24 -14.78
C VAL C 444 -47.25 -22.33 -16.27
N PRO C 445 -48.43 -21.91 -16.74
CA PRO C 445 -48.73 -22.03 -18.19
C PRO C 445 -47.88 -21.07 -18.97
N VAL C 446 -47.17 -21.59 -19.98
CA VAL C 446 -46.22 -20.81 -20.75
C VAL C 446 -46.41 -21.11 -22.23
N VAL C 447 -46.24 -20.10 -23.07
CA VAL C 447 -46.11 -20.27 -24.50
C VAL C 447 -44.82 -19.59 -24.89
N ILE C 448 -44.09 -20.16 -25.85
CA ILE C 448 -42.85 -19.56 -26.36
C ILE C 448 -43.16 -18.70 -27.58
N SER C 449 -42.48 -17.55 -27.72
CA SER C 449 -42.65 -16.77 -28.94
C SER C 449 -41.36 -16.00 -29.19
N SER C 450 -41.32 -15.24 -30.29
CA SER C 450 -40.08 -14.61 -30.70
C SER C 450 -40.02 -13.08 -30.55
N ASP C 451 -41.16 -12.40 -30.33
CA ASP C 451 -41.25 -10.95 -30.04
C ASP C 451 -40.94 -10.08 -31.25
N ASP C 452 -39.66 -9.96 -31.62
CA ASP C 452 -39.21 -9.03 -32.66
C ASP C 452 -38.17 -9.72 -33.54
N PRO C 453 -38.46 -10.90 -34.08
CA PRO C 453 -37.38 -11.70 -34.71
C PRO C 453 -36.73 -11.05 -35.89
N GLY C 454 -37.46 -10.21 -36.64
CA GLY C 454 -36.83 -9.54 -37.77
C GLY C 454 -35.71 -8.60 -37.36
N VAL C 455 -35.80 -8.02 -36.16
CA VAL C 455 -34.85 -6.98 -35.75
C VAL C 455 -33.44 -7.56 -35.64
N TRP C 456 -33.35 -8.80 -35.17
CA TRP C 456 -32.05 -9.43 -34.89
C TRP C 456 -31.89 -10.76 -35.63
N GLU C 457 -32.56 -10.87 -36.77
CA GLU C 457 -32.32 -11.95 -37.74
C GLU C 457 -32.60 -13.33 -37.15
N ALA C 458 -33.63 -13.43 -36.30
CA ALA C 458 -34.09 -14.72 -35.83
C ALA C 458 -35.18 -15.29 -36.77
N LEU C 459 -35.36 -16.61 -36.69
CA LEU C 459 -36.50 -17.27 -37.37
C LEU C 459 -37.78 -16.95 -36.60
N PRO C 460 -38.95 -17.23 -37.20
CA PRO C 460 -40.21 -16.93 -36.50
C PRO C 460 -40.31 -17.60 -35.16
N MET C 461 -39.89 -18.88 -35.06
CA MET C 461 -40.04 -19.58 -33.79
C MET C 461 -38.91 -20.54 -33.47
N SER C 462 -38.20 -21.06 -34.48
CA SER C 462 -37.30 -22.18 -34.21
C SER C 462 -36.15 -21.78 -33.30
N HIS C 463 -35.62 -20.56 -33.46
CA HIS C 463 -34.47 -20.20 -32.60
C HIS C 463 -34.91 -20.04 -31.16
N ASP C 464 -36.05 -19.37 -30.93
CA ASP C 464 -36.56 -19.24 -29.57
C ASP C 464 -36.93 -20.58 -28.95
N MET C 465 -37.51 -21.50 -29.73
CA MET C 465 -37.90 -22.79 -29.17
C MET C 465 -36.64 -23.61 -28.85
N TYR C 466 -35.59 -23.48 -29.67
CA TYR C 466 -34.33 -24.17 -29.38
C TYR C 466 -33.73 -23.65 -28.07
N VAL C 467 -33.63 -22.32 -27.90
CA VAL C 467 -33.00 -21.88 -26.65
C VAL C 467 -33.91 -22.17 -25.44
N ALA C 468 -35.23 -22.11 -25.59
CA ALA C 468 -36.07 -22.55 -24.48
C ALA C 468 -35.79 -24.00 -24.11
N PHE C 469 -35.73 -24.87 -25.12
CA PHE C 469 -35.54 -26.29 -24.90
C PHE C 469 -34.17 -26.60 -24.29
N MET C 470 -33.14 -25.86 -24.70
CA MET C 470 -31.79 -26.17 -24.25
C MET C 470 -31.38 -25.46 -22.97
N ASP C 471 -32.05 -24.34 -22.64
CA ASP C 471 -31.63 -23.49 -21.54
C ASP C 471 -32.64 -23.38 -20.41
N LEU C 472 -33.96 -23.48 -20.69
CA LEU C 472 -34.97 -23.18 -19.70
C LEU C 472 -35.58 -24.42 -19.06
N VAL C 473 -35.19 -25.61 -19.50
CA VAL C 473 -35.53 -26.88 -18.88
C VAL C 473 -34.25 -27.70 -18.88
N GLY C 474 -34.30 -28.85 -18.23
CA GLY C 474 -33.09 -29.59 -17.89
C GLY C 474 -32.65 -30.66 -18.88
N GLU C 475 -31.52 -31.31 -18.51
CA GLU C 475 -30.89 -32.29 -19.35
C GLU C 475 -31.83 -33.44 -19.64
N ASP C 476 -32.67 -33.76 -18.68
CA ASP C 476 -33.57 -34.90 -18.73
C ASP C 476 -34.95 -34.53 -19.24
N ALA C 477 -35.13 -33.34 -19.83
CA ALA C 477 -36.40 -32.93 -20.41
C ALA C 477 -36.31 -32.98 -21.94
N GLY C 478 -37.24 -33.69 -22.57
CA GLY C 478 -37.11 -34.01 -23.99
C GLY C 478 -38.34 -33.62 -24.78
N LEU C 479 -38.76 -34.51 -25.69
CA LEU C 479 -39.83 -34.20 -26.64
C LEU C 479 -41.16 -33.91 -25.94
N ASP C 480 -41.37 -34.42 -24.73
CA ASP C 480 -42.58 -34.11 -23.99
C ASP C 480 -42.69 -32.61 -23.68
N VAL C 481 -41.56 -31.93 -23.33
CA VAL C 481 -41.64 -30.48 -23.11
C VAL C 481 -41.98 -29.77 -24.40
N LEU C 482 -41.31 -30.14 -25.51
CA LEU C 482 -41.60 -29.51 -26.78
C LEU C 482 -43.08 -29.67 -27.14
N LYS C 483 -43.60 -30.90 -27.02
CA LYS C 483 -44.98 -31.13 -27.44
C LYS C 483 -45.94 -30.31 -26.58
N GLN C 484 -45.65 -30.22 -25.26
CA GLN C 484 -46.55 -29.45 -24.39
C GLN C 484 -46.53 -27.97 -24.78
N LEU C 485 -45.34 -27.41 -25.01
CA LEU C 485 -45.26 -25.98 -25.38
C LEU C 485 -45.99 -25.71 -26.69
N VAL C 486 -45.89 -26.66 -27.63
CA VAL C 486 -46.59 -26.53 -28.93
C VAL C 486 -48.11 -26.56 -28.72
N TRP C 487 -48.62 -27.54 -27.96
CA TRP C 487 -50.06 -27.61 -27.71
C TRP C 487 -50.51 -26.38 -26.90
N ASN C 488 -49.69 -25.92 -25.94
CA ASN C 488 -50.06 -24.74 -25.16
C ASN C 488 -50.33 -23.55 -26.06
N SER C 489 -49.54 -23.40 -27.13
CA SER C 489 -49.71 -22.22 -27.99
C SER C 489 -51.05 -22.20 -28.69
N ILE C 490 -51.69 -23.36 -28.91
CA ILE C 490 -53.09 -23.33 -29.38
C ILE C 490 -54.06 -23.26 -28.22
N GLN C 491 -53.82 -24.04 -27.17
CA GLN C 491 -54.82 -24.10 -26.11
C GLN C 491 -54.95 -22.77 -25.40
N TYR C 492 -53.87 -22.00 -25.27
CA TYR C 492 -53.95 -20.68 -24.66
C TYR C 492 -54.02 -19.55 -25.69
N SER C 493 -54.20 -19.87 -26.98
CA SER C 493 -54.59 -18.83 -27.93
C SER C 493 -55.97 -18.29 -27.57
N SER C 494 -56.37 -17.21 -28.29
CA SER C 494 -57.70 -16.64 -28.13
C SER C 494 -58.69 -17.13 -29.18
N MET C 495 -58.42 -18.28 -29.79
CA MET C 495 -59.43 -18.91 -30.63
C MET C 495 -60.67 -19.29 -29.82
N ASN C 496 -61.83 -19.28 -30.47
CA ASN C 496 -63.00 -19.82 -29.78
C ASN C 496 -62.95 -21.35 -29.78
N ALA C 497 -63.92 -21.97 -29.08
CA ALA C 497 -63.93 -23.42 -28.89
C ALA C 497 -63.87 -24.16 -30.21
N THR C 498 -64.71 -23.77 -31.15
CA THR C 498 -64.77 -24.45 -32.45
C THR C 498 -63.47 -24.27 -33.24
N GLU C 499 -62.95 -23.05 -33.28
CA GLU C 499 -61.67 -22.80 -33.93
C GLU C 499 -60.56 -23.64 -33.32
N LYS C 500 -60.54 -23.74 -31.99
CA LYS C 500 -59.48 -24.49 -31.32
C LYS C 500 -59.53 -25.97 -31.71
N LYS C 501 -60.73 -26.54 -31.70
CA LYS C 501 -60.89 -27.94 -32.10
C LYS C 501 -60.38 -28.14 -33.50
N THR C 502 -60.72 -27.24 -34.41
CA THR C 502 -60.26 -27.35 -35.80
C THR C 502 -58.74 -27.23 -35.88
N ALA C 503 -58.19 -26.28 -35.15
CA ALA C 503 -56.73 -26.07 -35.21
C ALA C 503 -55.98 -27.26 -34.63
N LEU C 504 -56.51 -27.86 -33.56
CA LEU C 504 -55.82 -29.02 -32.95
C LEU C 504 -55.87 -30.24 -33.86
N LYS C 505 -56.98 -30.44 -34.59
CA LYS C 505 -57.05 -31.51 -35.59
C LYS C 505 -55.98 -31.32 -36.65
N LEU C 506 -55.78 -30.07 -37.09
CA LEU C 506 -54.74 -29.80 -38.07
C LEU C 506 -53.34 -30.02 -37.48
N LEU C 507 -53.13 -29.51 -36.25
CA LEU C 507 -51.84 -29.67 -35.59
C LEU C 507 -51.52 -31.14 -35.39
N GLN C 508 -52.50 -31.94 -34.97
CA GLN C 508 -52.24 -33.36 -34.74
C GLN C 508 -51.73 -34.05 -36.01
N ALA C 509 -52.34 -33.71 -37.16
CA ALA C 509 -51.90 -34.27 -38.44
C ALA C 509 -50.47 -33.85 -38.77
N LYS C 510 -50.16 -32.57 -38.59
CA LYS C 510 -48.82 -32.06 -38.84
C LYS C 510 -47.82 -32.73 -37.91
N TRP C 511 -48.21 -32.95 -36.66
CA TRP C 511 -47.34 -33.57 -35.69
C TRP C 511 -47.06 -35.02 -36.07
N ASN C 512 -48.12 -35.78 -36.42
CA ASN C 512 -47.91 -37.16 -36.83
C ASN C 512 -46.97 -37.25 -38.03
N ASN C 513 -47.14 -36.36 -39.01
CA ASN C 513 -46.25 -36.37 -40.17
C ASN C 513 -44.82 -36.05 -39.78
N PHE C 514 -44.64 -35.08 -38.89
CA PHE C 514 -43.31 -34.71 -38.41
C PHE C 514 -42.64 -35.87 -37.68
N ILE C 515 -43.39 -36.60 -36.86
CA ILE C 515 -42.77 -37.73 -36.16
C ILE C 515 -42.32 -38.79 -37.18
N ASN C 516 -43.18 -39.16 -38.12
CA ASN C 516 -42.83 -40.17 -39.11
C ASN C 516 -41.63 -39.75 -39.96
N ASP C 517 -41.65 -38.51 -40.46
CA ASP C 517 -40.53 -38.04 -41.27
C ASP C 517 -39.24 -38.00 -40.46
N SER C 518 -39.32 -37.60 -39.19
CA SER C 518 -38.11 -37.49 -38.37
C SER C 518 -37.48 -38.86 -38.13
N LEU C 519 -38.30 -39.89 -37.90
CA LEU C 519 -37.70 -41.22 -37.69
C LEU C 519 -36.94 -41.66 -38.94
N ILE C 520 -37.48 -41.38 -40.13
CA ILE C 520 -36.78 -41.72 -41.37
C ILE C 520 -35.52 -40.87 -41.51
N LYS C 521 -35.66 -39.55 -41.35
CA LYS C 521 -34.58 -38.60 -41.57
C LYS C 521 -33.39 -38.90 -40.68
N TRP C 522 -33.64 -39.23 -39.40
CA TRP C 522 -32.55 -39.46 -38.46
C TRP C 522 -32.18 -40.94 -38.30
N LYS C 523 -32.70 -41.81 -39.17
CA LYS C 523 -32.31 -43.23 -39.23
C LYS C 523 -32.62 -43.96 -37.92
N LEU C 524 -33.82 -43.70 -37.40
CA LEU C 524 -34.22 -44.27 -36.13
C LEU C 524 -35.20 -45.43 -36.26
N THR C 525 -35.51 -45.86 -37.46
CA THR C 525 -36.43 -46.98 -37.66
C THR C 525 -35.73 -48.34 -37.54
N VAL D 30 15.16 29.17 48.35
CA VAL D 30 15.09 29.48 46.92
C VAL D 30 16.49 29.78 46.41
N ARG D 31 16.96 29.02 45.41
CA ARG D 31 18.33 29.17 44.93
C ARG D 31 18.52 30.47 44.15
N PHE D 32 17.57 30.83 43.27
CA PHE D 32 17.74 31.96 42.36
C PHE D 32 16.58 32.94 42.51
N PRO D 33 16.47 33.62 43.65
CA PRO D 33 15.32 34.50 43.85
C PRO D 33 15.32 35.72 42.93
N THR D 34 16.47 36.11 42.39
CA THR D 34 16.61 37.30 41.57
C THR D 34 17.38 36.96 40.29
N MET D 35 17.26 37.84 39.30
CA MET D 35 18.05 37.67 38.08
C MET D 35 19.56 37.72 38.38
N ASP D 36 19.99 38.58 39.30
CA ASP D 36 21.43 38.70 39.56
C ASP D 36 22.00 37.40 40.12
N GLU D 37 21.24 36.72 41.00
CA GLU D 37 21.70 35.43 41.51
C GLU D 37 21.84 34.41 40.39
N TYR D 38 20.91 34.43 39.43
CA TYR D 38 20.96 33.47 38.32
C TYR D 38 22.12 33.76 37.38
N THR D 39 22.28 35.03 36.98
CA THR D 39 23.32 35.36 36.03
C THR D 39 24.70 35.17 36.64
N ASN D 40 24.86 35.46 37.93
CA ASN D 40 26.13 35.18 38.61
C ASN D 40 26.52 33.71 38.46
N ALA D 41 25.59 32.81 38.75
CA ALA D 41 25.88 31.38 38.63
C ALA D 41 26.16 30.99 37.17
N ARG D 42 25.34 31.48 36.26
CA ARG D 42 25.51 31.19 34.84
C ARG D 42 26.86 31.67 34.32
N GLU D 43 27.21 32.91 34.64
CA GLU D 43 28.46 33.47 34.14
C GLU D 43 29.68 32.76 34.73
N GLU D 44 29.59 32.33 35.99
CA GLU D 44 30.72 31.58 36.57
C GLU D 44 30.89 30.26 35.86
N LEU D 45 29.79 29.57 35.53
CA LEU D 45 29.90 28.26 34.89
C LEU D 45 30.45 28.42 33.47
N ILE D 46 29.89 29.34 32.68
CA ILE D 46 30.38 29.57 31.32
C ILE D 46 31.84 30.05 31.37
N GLY D 47 32.14 30.98 32.27
CA GLY D 47 33.51 31.45 32.37
C GLY D 47 34.47 30.35 32.76
N SER D 48 34.04 29.44 33.64
CA SER D 48 34.94 28.34 33.99
C SER D 48 35.29 27.48 32.79
N GLU D 49 34.38 27.35 31.82
CA GLU D 49 34.69 26.56 30.64
C GLU D 49 35.62 27.33 29.72
N GLN D 50 35.43 28.65 29.63
CA GLN D 50 36.34 29.51 28.88
C GLN D 50 37.77 29.41 29.41
N TYR D 51 37.93 29.38 30.74
CA TYR D 51 39.27 29.23 31.31
C TYR D 51 39.95 27.91 30.96
N LEU D 52 39.17 26.88 30.65
CA LEU D 52 39.71 25.55 30.41
C LEU D 52 40.05 25.29 28.95
N ARG D 53 39.49 26.06 28.01
CA ARG D 53 39.75 25.74 26.60
C ARG D 53 41.11 26.30 26.18
N VAL D 54 41.57 25.90 24.99
CA VAL D 54 42.82 26.43 24.45
C VAL D 54 42.82 27.96 24.52
N GLY D 55 43.92 28.53 25.03
CA GLY D 55 43.98 29.97 25.10
C GLY D 55 43.25 30.61 26.27
N GLY D 56 42.57 29.82 27.10
CA GLY D 56 41.72 30.36 28.14
C GLY D 56 42.48 31.07 29.24
N SER D 57 43.78 30.83 29.33
CA SER D 57 44.57 31.49 30.37
C SER D 57 45.28 32.75 29.87
N ILE D 58 45.15 33.10 28.60
CA ILE D 58 45.81 34.30 28.06
C ILE D 58 45.10 35.55 28.56
N ASN D 59 45.88 36.56 29.01
CA ASN D 59 45.33 37.88 29.33
C ASN D 59 45.79 38.84 28.23
N LEU D 60 44.86 39.29 27.40
CA LEU D 60 45.20 40.18 26.30
C LEU D 60 45.51 41.59 26.84
N ASN D 61 46.49 42.26 26.25
CA ASN D 61 46.73 43.66 26.63
C ASN D 61 45.76 44.61 25.90
N ASN D 62 45.85 45.92 26.16
CA ASN D 62 44.79 46.82 25.66
C ASN D 62 44.77 46.89 24.14
N LYS D 63 45.94 46.88 23.49
CA LYS D 63 45.95 46.87 22.03
C LYS D 63 45.37 45.57 21.49
N GLU D 64 45.74 44.44 22.07
CA GLU D 64 45.18 43.17 21.63
C GLU D 64 43.66 43.14 21.83
N LYS D 65 43.17 43.72 22.92
CA LYS D 65 41.74 43.74 23.20
C LYS D 65 40.97 44.53 22.14
N LYS D 66 41.55 45.64 21.65
CA LYS D 66 40.88 46.40 20.59
C LYS D 66 40.72 45.55 19.34
N LEU D 67 41.76 44.80 18.98
CA LEU D 67 41.66 43.92 17.82
C LEU D 67 40.69 42.78 18.10
N ASN D 68 40.74 42.23 19.32
CA ASN D 68 39.86 41.13 19.69
C ASN D 68 38.39 41.55 19.58
N GLN D 69 38.09 42.77 20.00
CA GLN D 69 36.69 43.21 20.01
C GLN D 69 36.16 43.30 18.59
N PHE D 70 37.02 43.72 17.65
CA PHE D 70 36.66 43.77 16.24
C PHE D 70 36.47 42.36 15.68
N ILE D 71 37.42 41.47 15.98
CA ILE D 71 37.30 40.08 15.53
C ILE D 71 35.99 39.47 16.04
N LEU D 72 35.66 39.70 17.32
CA LEU D 72 34.45 39.12 17.89
C LEU D 72 33.19 39.71 17.30
N ARG D 73 33.18 41.01 16.99
CA ARG D 73 32.01 41.58 16.33
C ARG D 73 31.80 40.98 14.96
N GLU D 74 32.88 40.82 14.20
CA GLU D 74 32.79 40.18 12.88
C GLU D 74 32.33 38.72 12.99
N LYS D 75 32.87 37.98 13.97
CA LYS D 75 32.47 36.59 14.14
C LYS D 75 30.98 36.48 14.49
N ARG D 76 30.51 37.30 15.43
CA ARG D 76 29.11 37.21 15.80
C ARG D 76 28.21 37.58 14.62
N ALA D 77 28.62 38.55 13.81
CA ALA D 77 27.77 38.96 12.68
C ALA D 77 27.56 37.80 11.70
N ILE D 78 28.62 37.05 11.39
CA ILE D 78 28.44 35.99 10.39
C ILE D 78 27.66 34.82 10.98
N ILE D 79 27.93 34.50 12.23
CA ILE D 79 27.21 33.37 12.85
C ILE D 79 25.73 33.72 13.06
N GLU D 80 25.43 34.91 13.62
CA GLU D 80 24.03 35.26 13.86
C GLU D 80 23.26 35.40 12.57
N ASN D 81 23.91 35.82 11.47
CA ASN D 81 23.23 35.86 10.19
C ASN D 81 22.90 34.44 9.71
N SER D 82 23.83 33.51 9.85
CA SER D 82 23.54 32.14 9.44
C SER D 82 22.44 31.54 10.31
N ARG D 83 22.51 31.76 11.62
CA ARG D 83 21.55 31.18 12.56
C ARG D 83 20.16 31.79 12.41
N LEU D 84 20.06 33.13 12.40
CA LEU D 84 18.75 33.77 12.45
C LEU D 84 18.14 33.97 11.07
N ASN D 85 18.96 34.12 10.03
CA ASN D 85 18.46 34.19 8.67
C ASN D 85 18.42 32.82 7.98
N LYS D 86 18.75 31.75 8.69
CA LYS D 86 18.49 30.38 8.26
C LYS D 86 19.19 30.08 6.93
N THR D 87 20.50 30.26 6.93
CA THR D 87 21.30 30.04 5.73
C THR D 87 22.61 29.36 6.13
N GLN D 88 23.22 28.68 5.18
CA GLN D 88 24.38 27.84 5.53
C GLN D 88 25.52 28.69 6.08
N TYR D 89 26.28 28.08 6.99
CA TYR D 89 27.44 28.72 7.58
C TYR D 89 28.61 28.41 6.68
N ILE D 90 28.97 29.38 5.85
CA ILE D 90 29.96 29.14 4.80
C ILE D 90 31.31 28.67 5.35
N PRO D 91 31.83 29.17 6.48
CA PRO D 91 33.15 28.66 6.94
C PRO D 91 33.17 27.16 7.15
N ALA D 92 32.03 26.51 7.29
CA ALA D 92 31.98 25.06 7.57
C ALA D 92 31.69 24.18 6.35
N VAL D 93 31.35 24.77 5.19
CA VAL D 93 31.00 23.97 4.00
C VAL D 93 32.28 23.54 3.29
N SER D 94 32.15 22.78 2.22
CA SER D 94 33.30 22.31 1.42
C SER D 94 34.28 23.45 1.15
N PHE D 95 35.59 23.18 1.33
CA PHE D 95 36.61 24.17 0.97
C PHE D 95 36.47 24.62 -0.48
N PHE D 96 36.04 23.73 -1.38
CA PHE D 96 35.79 24.14 -2.76
C PHE D 96 34.86 25.35 -2.82
N LEU D 97 33.82 25.38 -1.97
CA LEU D 97 32.87 26.48 -1.96
C LEU D 97 33.32 27.64 -1.08
N SER D 98 33.96 27.35 0.03
CA SER D 98 34.26 28.40 0.99
C SER D 98 35.53 29.19 0.68
N LYS D 99 36.45 28.65 -0.12
CA LYS D 99 37.76 29.30 -0.29
C LYS D 99 37.60 30.74 -0.80
N SER D 100 36.87 30.91 -1.89
CA SER D 100 36.78 32.26 -2.46
C SER D 100 35.95 33.20 -1.58
N GLN D 101 34.98 32.65 -0.84
CA GLN D 101 34.14 33.48 0.02
C GLN D 101 34.90 33.97 1.25
N MET D 102 35.68 33.11 1.91
CA MET D 102 36.40 33.59 3.12
C MET D 102 37.45 34.65 2.78
N GLU D 103 38.03 34.59 1.58
CA GLU D 103 39.20 35.42 1.30
C GLU D 103 38.86 36.91 1.19
N SER D 104 37.59 37.28 1.00
CA SER D 104 37.21 38.68 0.98
C SER D 104 36.85 39.25 2.35
N THR D 105 36.98 38.46 3.41
CA THR D 105 36.44 38.91 4.68
C THR D 105 37.54 39.42 5.62
N PRO D 106 37.18 40.34 6.51
CA PRO D 106 38.18 40.86 7.48
C PRO D 106 38.84 39.80 8.34
N ILE D 107 38.08 38.83 8.88
CA ILE D 107 38.72 37.82 9.73
C ILE D 107 39.77 37.06 8.95
N PHE D 108 39.46 36.70 7.71
CA PHE D 108 40.47 36.00 6.92
C PHE D 108 41.68 36.90 6.68
N LYS D 109 41.44 38.18 6.35
CA LYS D 109 42.56 39.07 6.08
C LYS D 109 43.43 39.29 7.30
N ILE D 110 42.81 39.31 8.48
CA ILE D 110 43.59 39.40 9.73
C ILE D 110 44.45 38.14 9.93
N ILE D 111 43.85 36.95 9.76
CA ILE D 111 44.60 35.70 9.91
C ILE D 111 45.71 35.61 8.85
N LYS D 112 45.45 36.09 7.62
CA LYS D 112 46.51 36.08 6.61
C LYS D 112 47.73 36.88 7.06
N ASP D 113 47.50 38.07 7.65
CA ASP D 113 48.59 38.91 8.11
C ASP D 113 49.27 38.38 9.37
N MET D 114 48.55 37.57 10.16
CA MET D 114 49.02 37.12 11.48
C MET D 114 50.24 36.21 11.33
N PRO D 115 51.30 36.37 12.16
CA PRO D 115 52.33 35.34 12.18
C PRO D 115 51.73 34.03 12.63
N LYS D 116 52.12 32.95 11.98
CA LYS D 116 51.54 31.65 12.27
C LYS D 116 52.40 30.83 13.23
N GLY D 117 53.67 31.21 13.38
CA GLY D 117 54.65 30.42 14.13
C GLY D 117 55.14 29.30 13.20
N ALA D 118 54.63 28.09 13.35
CA ALA D 118 55.17 26.93 12.65
C ALA D 118 54.08 26.11 11.96
N ALA D 119 54.44 25.47 10.85
CA ALA D 119 53.60 24.41 10.27
C ALA D 119 54.32 23.10 10.55
N LEU D 120 53.77 22.30 11.48
CA LEU D 120 54.46 21.09 11.97
C LEU D 120 54.06 19.79 11.28
N HIS D 121 53.06 19.81 10.38
CA HIS D 121 52.59 18.59 9.72
C HIS D 121 52.38 18.91 8.25
N LEU D 122 53.35 18.51 7.44
CA LEU D 122 53.45 18.78 6.02
C LEU D 122 54.11 17.60 5.33
N HIS D 123 53.73 17.38 4.08
CA HIS D 123 54.42 16.39 3.25
C HIS D 123 55.18 17.08 2.12
N ASP D 124 56.42 16.66 1.90
CA ASP D 124 57.29 17.44 1.04
C ASP D 124 56.90 17.39 -0.43
N THR D 125 56.08 16.45 -0.89
CA THR D 125 55.73 16.45 -2.30
C THR D 125 54.37 17.10 -2.53
N ALA D 126 53.84 17.75 -1.50
CA ALA D 126 52.48 18.25 -1.56
C ALA D 126 52.38 19.64 -0.94
N SER D 127 53.50 20.34 -0.75
CA SER D 127 53.51 21.56 0.05
C SER D 127 53.89 22.82 -0.73
N ALA D 128 54.06 22.74 -2.06
CA ALA D 128 54.25 23.92 -2.91
C ALA D 128 53.19 23.93 -4.02
N ARG D 129 53.11 25.03 -4.76
CA ARG D 129 51.99 25.22 -5.68
C ARG D 129 52.07 24.35 -6.91
N ILE D 130 50.93 23.76 -7.31
CA ILE D 130 50.86 23.09 -8.60
C ILE D 130 51.20 24.08 -9.70
N ASP D 131 50.87 25.38 -9.51
CA ASP D 131 51.21 26.39 -10.52
C ASP D 131 52.71 26.42 -10.79
N TRP D 132 53.53 26.17 -9.75
CA TRP D 132 54.97 26.14 -9.95
C TRP D 132 55.40 24.88 -10.69
N ILE D 133 54.77 23.73 -10.39
CA ILE D 133 55.03 22.52 -11.19
C ILE D 133 54.76 22.80 -12.67
N VAL D 134 53.66 23.49 -12.97
CA VAL D 134 53.36 23.76 -14.38
C VAL D 134 54.28 24.84 -14.94
N SER D 135 54.33 26.01 -14.29
CA SER D 135 55.02 27.16 -14.90
C SER D 135 56.54 27.00 -14.85
N ASN D 136 57.07 26.28 -13.88
CA ASN D 136 58.51 26.11 -13.80
C ASN D 136 58.95 24.71 -14.24
N ALA D 137 58.48 23.68 -13.53
CA ALA D 137 59.05 22.35 -13.76
C ALA D 137 58.73 21.82 -15.15
N THR D 138 57.51 22.04 -15.65
CA THR D 138 57.18 21.44 -16.96
C THR D 138 57.70 22.28 -18.12
N TYR D 139 58.42 23.37 -17.85
CA TYR D 139 59.16 24.11 -18.86
C TYR D 139 60.63 23.72 -18.93
N ARG D 140 61.05 22.72 -18.18
CA ARG D 140 62.44 22.26 -18.22
C ARG D 140 62.63 21.22 -19.32
N ASP D 141 63.89 21.09 -19.75
CA ASP D 141 64.22 20.12 -20.78
C ASP D 141 63.94 18.71 -20.31
N HIS D 142 63.58 17.84 -21.27
CA HIS D 142 63.44 16.39 -21.07
C HIS D 142 62.25 16.02 -20.16
N VAL D 143 61.24 16.89 -20.07
CA VAL D 143 60.01 16.55 -19.35
C VAL D 143 59.00 15.97 -20.35
N TYR D 144 58.42 14.83 -20.00
CA TYR D 144 57.46 14.11 -20.83
C TYR D 144 56.13 13.97 -20.12
N MET D 145 55.08 13.81 -20.91
CA MET D 145 53.73 13.69 -20.37
C MET D 145 53.04 12.54 -21.07
N CYS D 146 52.01 11.98 -20.42
CA CYS D 146 51.18 10.98 -21.08
C CYS D 146 49.81 10.96 -20.43
N MET D 147 48.81 10.42 -21.14
CA MET D 147 47.51 10.19 -20.51
C MET D 147 47.44 8.72 -20.12
N ASP D 148 47.20 8.46 -18.83
CA ASP D 148 47.15 7.09 -18.35
C ASP D 148 45.79 6.50 -18.67
N GLN D 149 45.59 5.22 -18.36
CA GLN D 149 44.37 4.55 -18.78
C GLN D 149 43.17 4.96 -17.94
N ASP D 150 43.38 5.74 -16.88
CA ASP D 150 42.30 6.37 -16.14
C ASP D 150 42.01 7.80 -16.63
N ASN D 151 42.65 8.22 -17.70
CA ASN D 151 42.45 9.53 -18.32
C ASN D 151 42.98 10.67 -17.44
N PHE D 152 44.11 10.44 -16.80
CA PHE D 152 44.82 11.45 -16.03
C PHE D 152 46.20 11.70 -16.65
N VAL D 153 46.61 12.96 -16.69
CA VAL D 153 47.96 13.30 -17.17
C VAL D 153 49.01 12.85 -16.16
N ARG D 154 50.13 12.31 -16.67
CA ARG D 154 51.30 12.01 -15.84
C ARG D 154 52.53 12.73 -16.41
N LEU D 155 53.47 13.06 -15.52
CA LEU D 155 54.65 13.84 -15.88
C LEU D 155 55.91 13.11 -15.38
N THR D 156 56.98 13.10 -16.18
CA THR D 156 58.22 12.48 -15.74
C THR D 156 59.38 13.13 -16.49
N VAL D 157 60.60 12.75 -16.11
CA VAL D 157 61.82 13.22 -16.77
C VAL D 157 62.56 12.03 -17.35
N SER D 158 63.07 12.18 -18.57
CA SER D 158 63.88 11.12 -19.16
C SER D 158 65.01 11.75 -19.95
N GLY D 159 66.25 11.51 -19.50
CA GLY D 159 67.39 12.12 -20.16
C GLY D 159 67.83 11.41 -21.42
N THR D 160 67.66 10.10 -21.46
CA THR D 160 68.15 9.32 -22.60
C THR D 160 67.27 9.49 -23.83
N GLY D 161 65.95 9.44 -23.65
CA GLY D 161 64.99 9.57 -24.72
C GLY D 161 63.59 9.44 -24.18
N PRO D 162 62.60 9.33 -25.06
CA PRO D 162 61.23 9.11 -24.57
C PRO D 162 61.15 7.83 -23.77
N PRO D 163 60.41 7.83 -22.67
CA PRO D 163 60.31 6.62 -21.84
C PRO D 163 59.58 5.52 -22.58
N ALA D 164 59.78 4.28 -22.10
CA ALA D 164 59.10 3.14 -22.70
C ALA D 164 57.58 3.32 -22.66
N ASN D 165 56.93 3.01 -23.78
CA ASN D 165 55.48 3.23 -23.95
C ASN D 165 54.69 1.99 -23.54
N SER D 166 54.77 1.66 -22.24
CA SER D 166 54.17 0.43 -21.75
C SER D 166 52.67 0.60 -21.50
N GLY D 167 52.30 1.50 -20.58
CA GLY D 167 50.90 1.70 -20.27
C GLY D 167 50.33 2.98 -20.84
N CYS D 168 51.20 3.85 -21.35
CA CYS D 168 50.76 5.09 -21.99
C CYS D 168 51.81 5.52 -23.00
N GLU D 169 51.41 6.41 -23.92
CA GLU D 169 52.32 6.96 -24.92
C GLU D 169 52.90 8.27 -24.38
N TRP D 170 54.19 8.27 -24.07
CA TRP D 170 54.86 9.47 -23.59
C TRP D 170 55.17 10.43 -24.73
N LYS D 171 54.97 11.72 -24.49
CA LYS D 171 55.23 12.75 -25.48
C LYS D 171 56.01 13.88 -24.80
N LEU D 172 56.91 14.51 -25.55
CA LEU D 172 57.70 15.61 -24.98
C LEU D 172 56.80 16.82 -24.69
N VAL D 173 56.82 17.30 -23.44
CA VAL D 173 55.91 18.39 -23.08
C VAL D 173 56.20 19.63 -23.94
N GLU D 174 57.48 19.90 -24.22
CA GLU D 174 57.80 21.05 -25.06
C GLU D 174 57.05 20.99 -26.40
N THR D 175 57.00 19.81 -27.03
CA THR D 175 56.33 19.67 -28.32
C THR D 175 54.81 19.80 -28.19
N GLU D 176 54.23 19.19 -27.15
CA GLU D 176 52.80 19.27 -26.93
C GLU D 176 52.35 20.71 -26.64
N ARG D 177 53.12 21.44 -25.83
CA ARG D 177 52.78 22.83 -25.55
C ARG D 177 52.86 23.66 -26.82
N ALA D 178 53.92 23.48 -27.58
CA ALA D 178 54.10 24.28 -28.78
C ALA D 178 53.05 23.97 -29.82
N ASN D 179 52.52 22.74 -29.83
CA ASN D 179 51.52 22.32 -30.80
C ASN D 179 50.09 22.52 -30.30
N SER D 180 49.93 22.95 -29.05
CA SER D 180 48.60 23.00 -28.44
C SER D 180 47.69 23.99 -29.16
N GLY D 181 48.26 24.99 -29.82
CA GLY D 181 47.49 26.08 -30.37
C GLY D 181 46.99 27.09 -29.36
N ASP D 182 47.21 26.90 -28.06
CA ASP D 182 46.84 27.87 -27.03
C ASP D 182 47.66 27.52 -25.79
N ILE D 183 48.80 28.20 -25.61
CA ILE D 183 49.71 27.83 -24.53
C ILE D 183 49.07 28.07 -23.15
N ALA D 184 48.40 29.20 -22.97
CA ALA D 184 47.79 29.45 -21.64
C ALA D 184 46.73 28.41 -21.32
N ALA D 185 45.92 28.04 -22.31
CA ALA D 185 44.93 27.01 -22.08
C ALA D 185 45.58 25.66 -21.79
N PHE D 186 46.70 25.36 -22.46
CA PHE D 186 47.42 24.12 -22.21
C PHE D 186 47.91 24.08 -20.77
N ASP D 187 48.50 25.18 -20.31
CA ASP D 187 49.01 25.21 -18.95
C ASP D 187 47.89 25.15 -17.92
N HIS D 188 46.80 25.85 -18.19
CA HIS D 188 45.66 25.79 -17.29
C HIS D 188 45.07 24.39 -17.23
N TRP D 189 45.00 23.71 -18.38
CA TRP D 189 44.54 22.33 -18.40
C TRP D 189 45.44 21.43 -17.56
N LEU D 190 46.76 21.57 -17.70
CA LEU D 190 47.68 20.81 -16.86
C LEU D 190 47.35 21.01 -15.38
N LYS D 191 47.23 22.27 -14.98
CA LYS D 191 46.89 22.55 -13.59
C LYS D 191 45.54 21.94 -13.22
N SER D 192 44.54 22.09 -14.09
CA SER D 192 43.23 21.55 -13.75
CA SER D 192 43.22 21.55 -13.76
C SER D 192 43.22 20.03 -13.67
N ASN D 193 44.11 19.36 -14.42
CA ASN D 193 44.09 17.89 -14.45
C ASN D 193 44.80 17.29 -13.24
N ILE D 194 45.55 18.10 -12.51
CA ILE D 194 46.32 17.66 -11.36
C ILE D 194 45.69 18.06 -10.01
N SER D 195 45.04 19.23 -9.93
CA SER D 195 44.51 19.74 -8.66
C SER D 195 43.28 18.95 -8.20
N LEU D 196 43.20 18.72 -6.90
CA LEU D 196 41.96 18.18 -6.33
C LEU D 196 40.89 19.25 -6.13
N LEU D 197 41.17 20.53 -6.37
CA LEU D 197 40.14 21.55 -6.24
C LEU D 197 39.57 22.04 -7.56
N THR D 198 39.81 21.32 -8.65
CA THR D 198 39.22 21.73 -9.93
C THR D 198 37.70 21.62 -9.86
N THR D 199 37.22 20.58 -9.20
CA THR D 199 35.80 20.39 -8.86
C THR D 199 35.71 20.16 -7.36
N ASP D 200 34.49 20.15 -6.84
CA ASP D 200 34.36 19.91 -5.42
C ASP D 200 34.56 18.43 -5.13
N PRO D 201 35.62 18.04 -4.41
CA PRO D 201 35.83 16.62 -4.14
C PRO D 201 34.67 15.97 -3.45
N LEU D 202 33.94 16.70 -2.60
CA LEU D 202 32.80 16.12 -1.88
C LEU D 202 31.67 15.73 -2.83
N VAL D 203 31.66 16.27 -4.04
CA VAL D 203 30.63 15.93 -5.06
C VAL D 203 31.18 14.90 -6.04
N THR D 204 32.37 15.18 -6.56
CA THR D 204 32.96 14.36 -7.62
C THR D 204 33.42 12.98 -7.12
N TYR D 205 33.90 12.88 -5.88
CA TYR D 205 34.45 11.63 -5.35
C TYR D 205 33.75 11.35 -4.03
N PRO D 206 32.43 11.01 -4.09
CA PRO D 206 31.62 11.10 -2.85
C PRO D 206 31.72 9.89 -1.93
N SER D 207 32.93 9.39 -1.71
CA SER D 207 33.13 8.35 -0.72
C SER D 207 34.59 8.38 -0.33
N LEU D 208 34.88 7.78 0.83
CA LEU D 208 36.26 7.71 1.27
C LEU D 208 37.13 7.04 0.21
N ASP D 209 36.70 5.87 -0.30
CA ASP D 209 37.51 5.15 -1.28
C ASP D 209 37.66 5.93 -2.58
N LYS D 210 36.60 6.63 -3.02
CA LYS D 210 36.71 7.38 -4.27
C LYS D 210 37.66 8.57 -4.14
N VAL D 211 37.61 9.29 -3.03
CA VAL D 211 38.47 10.47 -2.94
C VAL D 211 39.91 10.06 -2.66
N TRP D 212 40.10 8.99 -1.87
CA TRP D 212 41.50 8.52 -1.70
C TRP D 212 42.03 7.95 -3.00
N GLY D 213 41.15 7.36 -3.85
CA GLY D 213 41.61 7.00 -5.19
C GLY D 213 42.14 8.19 -5.96
N ARG D 214 41.42 9.31 -5.90
CA ARG D 214 41.85 10.52 -6.60
C ARG D 214 43.10 11.12 -5.97
N PHE D 215 43.18 11.11 -4.63
CA PHE D 215 44.36 11.61 -3.91
C PHE D 215 45.59 10.79 -4.28
N ASP D 216 45.46 9.47 -4.25
CA ASP D 216 46.58 8.60 -4.65
C ASP D 216 46.98 8.86 -6.09
N LYS D 217 45.99 9.02 -6.98
CA LYS D 217 46.28 9.30 -8.37
C LYS D 217 47.10 10.59 -8.51
N HIS D 218 46.77 11.63 -7.75
CA HIS D 218 47.52 12.89 -7.80
C HIS D 218 49.02 12.64 -7.62
N PHE D 219 49.38 11.83 -6.64
CA PHE D 219 50.81 11.61 -6.39
C PHE D 219 51.44 10.80 -7.52
N SER D 220 50.67 9.86 -8.08
CA SER D 220 51.15 9.12 -9.25
CA SER D 220 51.15 9.12 -9.25
C SER D 220 51.37 10.05 -10.44
N GLN D 221 50.52 11.08 -10.57
CA GLN D 221 50.65 12.01 -11.70
C GLN D 221 51.98 12.77 -11.63
N LEU D 222 52.37 13.17 -10.42
CA LEU D 222 53.55 14.01 -10.27
C LEU D 222 54.81 13.22 -9.94
N ARG D 223 54.71 11.93 -9.65
CA ARG D 223 55.82 11.22 -9.00
C ARG D 223 57.09 11.29 -9.85
N GLY D 224 56.97 11.04 -11.15
CA GLY D 224 58.15 11.04 -11.99
C GLY D 224 58.87 12.37 -11.98
N ILE D 225 58.14 13.46 -12.20
CA ILE D 225 58.80 14.75 -12.35
C ILE D 225 59.33 15.27 -11.01
N ILE D 226 58.60 15.01 -9.91
CA ILE D 226 58.99 15.65 -8.65
C ILE D 226 60.09 14.87 -7.96
N TYR D 227 60.43 13.67 -8.44
CA TYR D 227 61.62 12.96 -7.94
C TYR D 227 62.88 13.22 -8.74
N HIS D 228 62.83 14.04 -9.78
CA HIS D 228 64.05 14.39 -10.50
C HIS D 228 64.83 15.44 -9.71
N THR D 229 66.12 15.17 -9.44
CA THR D 229 66.85 15.87 -8.37
C THR D 229 66.76 17.39 -8.45
N PRO D 230 67.09 18.06 -9.55
CA PRO D 230 67.08 19.53 -9.52
C PRO D 230 65.70 20.10 -9.39
N ILE D 231 64.67 19.40 -9.86
CA ILE D 231 63.32 19.86 -9.65
C ILE D 231 62.94 19.70 -8.20
N ARG D 232 63.26 18.56 -7.62
CA ARG D 232 62.94 18.29 -6.22
C ARG D 232 63.61 19.30 -5.30
N ARG D 233 64.88 19.62 -5.60
CA ARG D 233 65.58 20.65 -4.84
C ARG D 233 64.84 21.98 -4.91
N ASP D 234 64.49 22.41 -6.13
CA ASP D 234 63.85 23.71 -6.31
C ASP D 234 62.44 23.72 -5.73
N TYR D 235 61.74 22.58 -5.79
CA TYR D 235 60.41 22.47 -5.20
C TYR D 235 60.49 22.62 -3.70
N TYR D 236 61.51 22.03 -3.05
CA TYR D 236 61.64 22.19 -1.60
C TYR D 236 61.92 23.65 -1.24
N ARG D 237 62.75 24.33 -2.03
CA ARG D 237 62.98 25.76 -1.85
C ARG D 237 61.67 26.54 -1.97
N GLN D 238 60.84 26.17 -2.92
CA GLN D 238 59.52 26.83 -3.04
C GLN D 238 58.65 26.60 -1.81
N ILE D 239 58.71 25.41 -1.18
CA ILE D 239 58.00 25.23 0.09
C ILE D 239 58.43 26.30 1.08
N LEU D 240 59.74 26.46 1.30
CA LEU D 240 60.19 27.48 2.23
C LEU D 240 59.73 28.88 1.81
N GLU D 241 59.86 29.23 0.53
CA GLU D 241 59.44 30.57 0.09
C GLU D 241 57.95 30.80 0.34
N GLU D 242 57.14 29.82 0.01
CA GLU D 242 55.68 29.99 0.12
C GLU D 242 55.26 30.06 1.57
N PHE D 243 55.87 29.24 2.42
CA PHE D 243 55.48 29.29 3.82
C PHE D 243 55.93 30.60 4.47
N ARG D 244 57.14 31.07 4.15
CA ARG D 244 57.55 32.40 4.63
C ARG D 244 56.57 33.47 4.18
N SER D 245 56.11 33.39 2.92
CA SER D 245 55.20 34.41 2.40
C SER D 245 53.83 34.39 3.06
N ASP D 246 53.46 33.30 3.71
CA ASP D 246 52.23 33.27 4.49
C ASP D 246 52.48 33.58 5.97
N ASN D 247 53.65 34.18 6.29
CA ASN D 247 54.03 34.54 7.66
C ASN D 247 54.15 33.32 8.56
N VAL D 248 54.68 32.21 8.00
CA VAL D 248 55.09 31.06 8.79
C VAL D 248 56.60 31.11 8.92
N GLN D 249 57.14 30.99 10.14
CA GLN D 249 58.59 31.17 10.31
C GLN D 249 59.34 29.86 10.44
N TYR D 250 58.65 28.73 10.45
CA TYR D 250 59.33 27.47 10.75
C TYR D 250 58.48 26.33 10.22
N VAL D 251 59.11 25.25 9.71
CA VAL D 251 58.36 24.09 9.25
C VAL D 251 59.08 22.82 9.68
N GLU D 252 58.31 21.78 9.97
CA GLU D 252 58.84 20.43 10.07
C GLU D 252 58.14 19.60 9.00
N VAL D 253 58.92 18.84 8.22
CA VAL D 253 58.40 18.28 6.98
C VAL D 253 58.63 16.77 6.95
N ARG D 254 57.57 16.00 6.66
CA ARG D 254 57.75 14.57 6.35
C ARG D 254 58.28 14.41 4.93
N SER D 255 59.25 13.50 4.76
CA SER D 255 59.80 13.22 3.44
C SER D 255 60.27 11.77 3.39
N SER D 256 60.08 11.10 2.24
CA SER D 256 60.66 9.77 2.14
C SER D 256 62.19 9.80 1.94
N LEU D 257 62.74 10.94 1.50
CA LEU D 257 64.15 11.26 1.26
C LEU D 257 64.78 10.47 0.12
N SER D 258 64.10 9.45 -0.40
CA SER D 258 64.75 8.42 -1.20
C SER D 258 64.41 8.55 -2.68
N GLY D 259 65.33 8.06 -3.53
CA GLY D 259 65.04 7.88 -4.93
C GLY D 259 65.11 9.11 -5.81
N TYR D 260 65.74 10.18 -5.34
CA TYR D 260 65.95 11.35 -6.20
C TYR D 260 66.88 10.96 -7.34
N TYR D 261 66.52 11.29 -8.58
CA TYR D 261 67.29 10.75 -9.70
C TYR D 261 67.74 11.83 -10.65
N ASP D 262 68.94 11.64 -11.24
CA ASP D 262 69.57 12.59 -12.15
C ASP D 262 69.18 12.30 -13.60
N LEU D 263 69.51 13.24 -14.49
CA LEU D 263 69.21 13.06 -15.92
C LEU D 263 69.86 11.81 -16.46
N ASP D 264 71.04 11.45 -15.97
CA ASP D 264 71.68 10.28 -16.52
C ASP D 264 71.16 8.96 -15.92
N GLY D 265 70.16 9.02 -15.05
CA GLY D 265 69.60 7.83 -14.44
C GLY D 265 70.11 7.49 -13.05
N THR D 266 71.17 8.17 -12.57
CA THR D 266 71.66 7.91 -11.22
C THR D 266 70.55 8.12 -10.19
N VAL D 267 70.38 7.15 -9.28
CA VAL D 267 69.41 7.25 -8.19
C VAL D 267 70.18 7.43 -6.88
N HIS D 268 69.81 8.47 -6.10
CA HIS D 268 70.48 8.78 -4.85
C HIS D 268 69.83 8.09 -3.66
N ASP D 269 70.62 7.89 -2.58
CA ASP D 269 70.10 7.25 -1.37
C ASP D 269 69.46 8.30 -0.45
N PRO D 270 68.80 7.86 0.64
CA PRO D 270 68.11 8.83 1.49
C PRO D 270 69.02 9.86 2.13
N GLU D 271 70.24 9.45 2.51
CA GLU D 271 71.13 10.39 3.17
C GLU D 271 71.44 11.57 2.25
N TYR D 272 71.64 11.28 0.95
CA TYR D 272 71.79 12.37 -0.01
C TYR D 272 70.55 13.28 -0.01
N GLY D 273 69.34 12.71 -0.04
CA GLY D 273 68.16 13.55 -0.01
C GLY D 273 68.15 14.43 1.23
N LEU D 274 68.57 13.89 2.37
CA LEU D 274 68.59 14.71 3.57
C LEU D 274 69.62 15.84 3.45
N GLN D 275 70.81 15.53 2.95
CA GLN D 275 71.88 16.52 2.81
C GLN D 275 71.45 17.62 1.85
N LEU D 276 70.71 17.25 0.80
CA LEU D 276 70.22 18.24 -0.15
C LEU D 276 69.25 19.21 0.53
N TYR D 277 68.30 18.69 1.31
CA TYR D 277 67.38 19.56 2.04
C TYR D 277 68.10 20.40 3.09
N LYS D 278 69.10 19.82 3.75
CA LYS D 278 69.86 20.57 4.75
C LYS D 278 70.53 21.79 4.12
N ALA D 279 71.06 21.61 2.92
CA ALA D 279 71.74 22.73 2.28
C ALA D 279 70.77 23.79 1.80
N VAL D 280 69.62 23.39 1.23
CA VAL D 280 68.60 24.38 0.84
C VAL D 280 68.15 25.17 2.05
N THR D 281 67.93 24.47 3.17
CA THR D 281 67.42 25.12 4.37
C THR D 281 68.42 26.12 4.92
N GLU D 282 69.69 25.71 4.98
CA GLU D 282 70.74 26.60 5.50
C GLU D 282 70.87 27.85 4.65
N GLU D 283 70.83 27.70 3.31
CA GLU D 283 70.87 28.88 2.46
CA GLU D 283 70.86 28.88 2.44
C GLU D 283 69.67 29.78 2.72
N PHE D 284 68.51 29.19 2.92
CA PHE D 284 67.31 29.99 3.12
C PHE D 284 67.38 30.77 4.43
N VAL D 285 67.80 30.11 5.51
CA VAL D 285 67.92 30.78 6.80
CA VAL D 285 67.86 30.84 6.77
C VAL D 285 68.97 31.87 6.75
N ARG D 286 70.05 31.66 6.01
CA ARG D 286 71.07 32.71 5.92
C ARG D 286 70.57 33.90 5.13
N THR D 287 69.68 33.66 4.15
CA THR D 287 69.08 34.75 3.38
C THR D 287 68.06 35.51 4.19
N TYR D 288 67.28 34.82 5.01
CA TYR D 288 66.11 35.39 5.70
C TYR D 288 66.25 35.18 7.21
N PRO D 289 66.93 36.08 7.90
CA PRO D 289 66.98 36.02 9.37
C PRO D 289 65.61 36.07 10.04
N ASP D 290 64.56 36.54 9.34
CA ASP D 290 63.24 36.55 9.93
C ASP D 290 62.58 35.17 9.91
N PHE D 291 63.30 34.15 9.44
CA PHE D 291 62.78 32.78 9.29
C PHE D 291 63.63 31.86 10.18
N SER D 292 62.96 31.04 11.00
CA SER D 292 63.62 30.17 11.98
C SER D 292 64.24 28.91 11.37
N GLY D 293 63.62 28.32 10.34
CA GLY D 293 64.23 27.23 9.60
C GLY D 293 63.31 26.04 9.47
N ALA D 294 63.92 24.87 9.31
CA ALA D 294 63.15 23.67 9.03
C ALA D 294 63.90 22.46 9.59
N LYS D 295 63.14 21.39 9.86
CA LYS D 295 63.71 20.08 10.23
C LYS D 295 62.84 19.01 9.57
N ILE D 296 63.39 17.79 9.46
CA ILE D 296 62.83 16.76 8.58
C ILE D 296 62.52 15.52 9.41
N ILE D 297 61.39 14.90 9.08
CA ILE D 297 60.98 13.60 9.61
C ILE D 297 60.97 12.62 8.43
N LYS D 298 61.62 11.45 8.58
CA LYS D 298 61.59 10.44 7.52
C LYS D 298 60.25 9.69 7.52
N SER D 299 59.58 9.63 6.36
CA SER D 299 58.31 8.92 6.29
C SER D 299 58.48 7.71 5.36
N THR D 300 57.76 6.64 5.69
CA THR D 300 57.72 5.42 4.87
C THR D 300 56.25 5.02 4.71
N ALA D 301 55.87 4.56 3.52
CA ALA D 301 54.48 4.21 3.28
C ALA D 301 54.13 2.86 3.95
N ARG D 302 52.99 2.81 4.62
CA ARG D 302 52.59 1.64 5.42
C ARG D 302 51.91 0.56 4.55
N VAL D 303 52.21 0.56 3.26
CA VAL D 303 51.85 -0.56 2.39
C VAL D 303 52.99 -1.56 2.22
N LYS D 304 54.19 -1.28 2.77
CA LYS D 304 55.38 -2.08 2.50
C LYS D 304 55.53 -3.21 3.51
N PRO D 305 56.24 -4.30 3.15
CA PRO D 305 56.49 -5.39 4.10
C PRO D 305 57.29 -4.91 5.30
N ASN D 306 57.18 -5.68 6.38
CA ASN D 306 57.89 -5.34 7.61
C ASN D 306 59.40 -5.24 7.39
N THR D 307 59.96 -6.03 6.45
CA THR D 307 61.40 -5.93 6.21
C THR D 307 61.82 -4.57 5.66
N ASP D 308 60.97 -3.90 4.88
CA ASP D 308 61.30 -2.55 4.42
C ASP D 308 61.25 -1.54 5.57
N ILE D 309 60.21 -1.62 6.40
CA ILE D 309 60.11 -0.72 7.55
C ILE D 309 61.29 -0.94 8.51
N PHE D 310 61.71 -2.20 8.70
CA PHE D 310 62.87 -2.46 9.54
C PHE D 310 64.10 -1.73 8.99
N ASN D 311 64.33 -1.82 7.68
CA ASN D 311 65.48 -1.14 7.09
C ASN D 311 65.39 0.36 7.25
N ASP D 312 64.19 0.93 7.07
CA ASP D 312 64.01 2.37 7.22
C ASP D 312 64.10 2.81 8.67
N VAL D 313 63.74 1.92 9.61
CA VAL D 313 63.96 2.23 11.02
C VAL D 313 65.45 2.26 11.34
N LYS D 314 66.20 1.28 10.83
CA LYS D 314 67.64 1.29 11.05
C LYS D 314 68.30 2.49 10.38
N LEU D 315 67.83 2.84 9.17
CA LEU D 315 68.29 4.07 8.51
C LEU D 315 68.05 5.29 9.40
N SER D 316 66.84 5.37 9.98
CA SER D 316 66.47 6.53 10.78
C SER D 316 67.29 6.61 12.06
N MET D 317 67.58 5.47 12.67
CA MET D 317 68.50 5.47 13.82
C MET D 317 69.82 6.12 13.47
N ASP D 318 70.39 5.77 12.30
CA ASP D 318 71.68 6.30 11.87
C ASP D 318 71.59 7.79 11.57
N LEU D 319 70.55 8.23 10.87
CA LEU D 319 70.45 9.65 10.55
C LEU D 319 70.19 10.48 11.80
N TYR D 320 69.45 9.93 12.76
CA TYR D 320 69.19 10.67 13.99
C TYR D 320 70.50 10.90 14.75
N LYS D 321 71.37 9.90 14.75
CA LYS D 321 72.68 10.03 15.41
C LYS D 321 73.59 11.01 14.68
N ARG D 322 73.59 11.00 13.35
CA ARG D 322 74.58 11.79 12.61
C ARG D 322 74.07 13.15 12.15
N TYR D 323 72.76 13.40 12.17
CA TYR D 323 72.24 14.72 11.82
C TYR D 323 71.38 15.25 12.96
N PRO D 324 71.92 15.31 14.19
CA PRO D 324 71.11 15.78 15.32
C PRO D 324 70.67 17.20 15.06
N GLY D 325 69.45 17.50 15.45
CA GLY D 325 68.99 18.84 15.18
C GLY D 325 68.58 19.15 13.74
N PHE D 326 68.75 18.21 12.78
CA PHE D 326 68.04 18.39 11.51
C PHE D 326 67.12 17.21 11.20
N PHE D 327 67.59 16.00 11.42
CA PHE D 327 66.77 14.80 11.28
C PHE D 327 66.07 14.50 12.62
N LEU D 328 64.73 14.47 12.61
CA LEU D 328 63.96 14.36 13.83
C LEU D 328 63.54 12.95 14.21
N GLY D 329 63.34 12.04 13.26
CA GLY D 329 62.72 10.80 13.63
C GLY D 329 61.92 10.24 12.47
N PHE D 330 60.95 9.38 12.80
CA PHE D 330 60.34 8.47 11.82
C PHE D 330 58.83 8.53 11.90
N ASP D 331 58.17 8.30 10.75
CA ASP D 331 56.70 8.30 10.66
C ASP D 331 56.28 7.31 9.60
N LEU D 332 55.06 6.79 9.73
CA LEU D 332 54.49 5.90 8.74
C LEU D 332 53.29 6.58 8.12
N VAL D 333 53.23 6.58 6.78
CA VAL D 333 52.27 7.36 6.01
C VAL D 333 51.52 6.45 5.03
N ALA D 334 50.75 7.07 4.14
CA ALA D 334 49.81 6.43 3.23
C ALA D 334 48.51 6.16 3.99
N GLN D 335 47.45 5.75 3.27
CA GLN D 335 46.13 5.75 3.87
C GLN D 335 46.10 4.81 5.06
N GLU D 336 45.54 5.28 6.19
CA GLU D 336 45.63 4.49 7.40
C GLU D 336 44.63 3.32 7.42
N ASP D 337 43.39 3.51 6.95
CA ASP D 337 42.34 2.51 7.17
C ASP D 337 42.61 1.16 6.55
N PRO D 338 43.03 1.04 5.29
CA PRO D 338 43.12 -0.27 4.64
C PRO D 338 44.48 -0.95 4.70
N ASN D 339 45.45 -0.33 5.34
CA ASN D 339 46.86 -0.71 5.24
C ASN D 339 47.38 -1.13 6.62
N THR D 340 48.70 -1.24 6.76
CA THR D 340 49.24 -1.94 7.91
C THR D 340 49.18 -1.09 9.17
N SER D 341 48.78 -1.69 10.30
CA SER D 341 48.74 -0.96 11.56
C SER D 341 50.15 -0.84 12.14
N LEU D 342 50.31 0.06 13.11
CA LEU D 342 51.60 0.12 13.81
C LEU D 342 51.93 -1.22 14.45
N LEU D 343 50.92 -1.89 15.02
CA LEU D 343 51.17 -3.17 15.66
C LEU D 343 51.74 -4.16 14.65
N GLY D 344 51.32 -4.05 13.39
CA GLY D 344 51.82 -4.90 12.33
C GLY D 344 53.30 -4.76 12.09
N TYR D 345 53.89 -3.63 12.52
CA TYR D 345 55.32 -3.39 12.38
C TYR D 345 56.01 -3.37 13.73
N ILE D 346 55.38 -3.92 14.78
CA ILE D 346 55.78 -3.57 16.15
C ILE D 346 57.22 -4.03 16.46
N ASP D 347 57.66 -5.17 15.93
CA ASP D 347 59.03 -5.64 16.17
C ASP D 347 60.06 -4.67 15.59
N SER D 348 59.76 -4.11 14.42
CA SER D 348 60.63 -3.07 13.86
C SER D 348 60.59 -1.80 14.71
N LEU D 349 59.41 -1.38 15.15
CA LEU D 349 59.30 -0.12 15.89
C LEU D 349 59.90 -0.21 17.29
N LEU D 350 59.87 -1.38 17.91
CA LEU D 350 60.51 -1.56 19.21
C LEU D 350 62.01 -1.80 19.12
N TYR D 351 62.55 -2.08 17.94
CA TYR D 351 63.98 -2.43 17.81
C TYR D 351 64.92 -1.37 18.39
N PRO D 352 64.71 -0.06 18.17
CA PRO D 352 65.64 0.92 18.78
C PRO D 352 65.74 0.79 20.31
N SER D 353 64.59 0.67 20.97
CA SER D 353 64.56 0.65 22.43
C SER D 353 65.13 -0.62 23.01
N ARG D 354 65.25 -1.66 22.21
CA ARG D 354 65.72 -2.96 22.68
C ARG D 354 67.21 -3.14 22.44
N GLN D 355 67.88 -2.12 21.91
CA GLN D 355 69.33 -2.21 21.72
C GLN D 355 70.02 -2.09 23.07
N ASN D 356 71.28 -2.51 23.08
CA ASN D 356 72.13 -2.44 24.29
C ASN D 356 73.39 -1.69 23.92
N PRO D 357 73.50 -0.39 24.27
CA PRO D 357 72.52 0.40 25.03
C PRO D 357 71.31 0.76 24.18
N PRO D 358 70.18 1.10 24.81
CA PRO D 358 69.00 1.50 24.05
C PRO D 358 69.25 2.73 23.20
N VAL D 359 68.61 2.76 22.04
CA VAL D 359 68.66 3.89 21.13
C VAL D 359 67.25 4.47 21.03
N SER D 360 67.10 5.77 21.29
CA SER D 360 65.77 6.39 21.38
C SER D 360 65.46 7.12 20.07
N LEU D 361 64.78 6.43 19.16
CA LEU D 361 64.43 6.99 17.87
C LEU D 361 63.07 7.67 18.01
N PRO D 362 62.98 8.99 17.87
CA PRO D 362 61.68 9.66 18.05
C PRO D 362 60.71 9.29 16.94
N TYR D 363 59.42 9.24 17.32
CA TYR D 363 58.35 8.90 16.38
C TYR D 363 57.34 10.03 16.34
N TYR D 364 56.85 10.31 15.12
CA TYR D 364 55.84 11.34 14.87
C TYR D 364 54.62 10.75 14.17
N PHE D 365 54.08 9.68 14.73
CA PHE D 365 53.12 8.87 13.94
C PHE D 365 51.83 9.60 13.59
N HIS D 366 51.50 9.58 12.29
CA HIS D 366 50.08 9.68 11.90
C HIS D 366 49.32 8.60 12.65
N ALA D 367 48.20 8.93 13.29
CA ALA D 367 47.51 7.90 14.06
C ALA D 367 46.04 8.32 14.27
N GLY D 368 45.13 7.37 14.06
CA GLY D 368 43.71 7.69 14.28
C GLY D 368 43.10 8.64 13.27
N GLU D 369 43.64 8.68 12.06
CA GLU D 369 43.06 9.43 10.94
C GLU D 369 41.87 8.67 10.33
N THR D 370 40.81 8.54 11.13
CA THR D 370 39.77 7.56 10.85
C THR D 370 38.46 7.90 11.54
N ASN D 371 37.35 7.42 10.96
CA ASN D 371 36.05 7.41 11.60
C ASN D 371 35.77 6.11 12.33
N TRP D 372 36.66 5.12 12.21
CA TRP D 372 36.42 3.86 12.88
C TRP D 372 36.63 3.95 14.38
N GLN D 373 35.95 3.08 15.10
CA GLN D 373 36.09 2.99 16.54
C GLN D 373 36.23 1.54 16.98
N GLY D 374 37.17 1.30 17.88
CA GLY D 374 37.41 -0.04 18.38
C GLY D 374 38.07 -0.99 17.41
N THR D 375 38.73 -0.47 16.36
CA THR D 375 39.30 -1.29 15.31
C THR D 375 40.82 -1.23 15.42
N GLU D 376 41.47 -2.00 14.55
CA GLU D 376 42.93 -1.93 14.41
C GLU D 376 43.40 -0.52 14.05
N VAL D 377 42.54 0.29 13.41
CA VAL D 377 42.99 1.60 12.94
C VAL D 377 43.01 2.60 14.07
N ASP D 378 41.88 2.82 14.74
CA ASP D 378 41.92 3.81 15.82
C ASP D 378 42.77 3.32 17.01
N TYR D 379 42.98 2.01 17.16
CA TYR D 379 43.88 1.57 18.22
C TYR D 379 45.35 1.86 17.89
N ASN D 380 45.67 2.30 16.66
CA ASN D 380 47.00 2.87 16.44
C ASN D 380 47.31 3.97 17.45
N LEU D 381 46.29 4.68 17.95
CA LEU D 381 46.56 5.70 18.96
C LEU D 381 47.19 5.10 20.22
N VAL D 382 46.76 3.90 20.63
CA VAL D 382 47.33 3.24 21.81
C VAL D 382 48.79 2.90 21.58
N ASP D 383 49.11 2.28 20.44
CA ASP D 383 50.49 1.95 20.13
C ASP D 383 51.35 3.20 19.96
N ALA D 384 50.81 4.27 19.37
CA ALA D 384 51.61 5.48 19.19
C ALA D 384 52.09 6.03 20.53
N LEU D 385 51.24 5.98 21.55
CA LEU D 385 51.64 6.45 22.88
C LEU D 385 52.55 5.46 23.58
N LEU D 386 52.33 4.14 23.40
CA LEU D 386 53.24 3.18 24.04
C LEU D 386 54.63 3.26 23.45
N LEU D 387 54.75 3.66 22.19
CA LEU D 387 56.01 3.89 21.51
C LEU D 387 56.56 5.29 21.75
N ASN D 388 55.95 6.07 22.64
CA ASN D 388 56.49 7.37 23.04
C ASN D 388 56.52 8.38 21.89
N ALA D 389 55.46 8.44 21.08
CA ALA D 389 55.42 9.43 20.01
C ALA D 389 55.58 10.84 20.56
N THR D 390 56.35 11.65 19.84
CA THR D 390 56.59 13.02 20.26
C THR D 390 55.38 13.90 19.95
N ARG D 391 54.81 13.73 18.76
CA ARG D 391 53.52 14.32 18.37
C ARG D 391 52.74 13.24 17.66
N ILE D 392 51.42 13.44 17.50
CA ILE D 392 50.63 12.49 16.71
C ILE D 392 49.92 13.25 15.60
N GLY D 393 49.90 12.64 14.42
CA GLY D 393 49.25 13.27 13.29
C GLY D 393 47.79 12.96 13.29
N HIS D 394 46.96 14.01 13.23
CA HIS D 394 45.49 13.99 13.11
C HIS D 394 44.80 13.64 14.42
N GLY D 395 44.89 12.38 14.83
CA GLY D 395 44.21 11.98 16.05
C GLY D 395 42.72 12.24 15.94
N PHE D 396 42.15 12.03 14.74
CA PHE D 396 40.72 12.33 14.58
C PHE D 396 39.87 11.47 15.50
N ALA D 397 40.27 10.22 15.73
CA ALA D 397 39.54 9.31 16.62
C ALA D 397 39.85 9.54 18.08
N LEU D 398 40.69 10.52 18.43
CA LEU D 398 41.19 10.59 19.80
C LEU D 398 40.07 10.87 20.80
N ILE D 399 39.07 11.68 20.42
CA ILE D 399 37.99 12.00 21.34
C ILE D 399 37.19 10.75 21.73
N LYS D 400 37.33 9.65 20.98
CA LYS D 400 36.65 8.41 21.38
C LYS D 400 37.46 7.59 22.37
N HIS D 401 38.64 8.05 22.78
CA HIS D 401 39.57 7.26 23.60
C HIS D 401 40.00 8.06 24.83
N PRO D 402 39.18 8.06 25.88
CA PRO D 402 39.46 8.92 27.05
C PRO D 402 40.75 8.58 27.75
N ARG D 403 41.15 7.30 27.78
CA ARG D 403 42.40 6.97 28.47
C ARG D 403 43.62 7.42 27.67
N VAL D 404 43.53 7.38 26.34
CA VAL D 404 44.62 7.92 25.53
C VAL D 404 44.70 9.44 25.70
N ILE D 405 43.53 10.13 25.78
CA ILE D 405 43.55 11.59 26.01
C ILE D 405 44.34 11.95 27.26
N GLU D 406 44.12 11.20 28.35
CA GLU D 406 44.89 11.43 29.58
C GLU D 406 46.39 11.41 29.33
N LEU D 407 46.86 10.40 28.57
CA LEU D 407 48.30 10.26 28.32
C LEU D 407 48.81 11.39 27.46
N VAL D 408 48.04 11.76 26.43
CA VAL D 408 48.43 12.85 25.55
C VAL D 408 48.56 14.15 26.34
N LYS D 409 47.59 14.44 27.22
CA LYS D 409 47.70 15.63 28.06
C LYS D 409 48.86 15.54 29.05
N SER D 410 49.00 14.40 29.71
CA SER D 410 50.00 14.26 30.77
CA SER D 410 50.00 14.30 30.77
C SER D 410 51.43 14.41 30.20
N ARG D 411 51.67 13.80 29.07
CA ARG D 411 52.96 13.79 28.42
C ARG D 411 53.21 14.99 27.53
N GLY D 412 52.19 15.79 27.22
CA GLY D 412 52.43 16.93 26.34
C GLY D 412 52.71 16.54 24.92
N VAL D 413 51.94 15.58 24.40
CA VAL D 413 52.09 15.06 23.04
C VAL D 413 51.14 15.86 22.16
N ALA D 414 51.66 16.81 21.38
CA ALA D 414 50.76 17.67 20.61
C ALA D 414 50.08 16.88 19.49
N VAL D 415 48.81 17.19 19.25
CA VAL D 415 48.03 16.58 18.18
C VAL D 415 48.07 17.54 17.02
N GLU D 416 48.51 17.07 15.85
CA GLU D 416 48.62 17.91 14.66
C GLU D 416 47.29 17.85 13.93
N VAL D 417 46.55 18.94 13.96
CA VAL D 417 45.18 18.97 13.45
C VAL D 417 45.20 19.65 12.09
N ASN D 418 44.68 18.97 11.06
CA ASN D 418 44.72 19.40 9.67
C ASN D 418 43.29 19.42 9.14
N PRO D 419 42.55 20.51 9.37
CA PRO D 419 41.09 20.43 9.19
C PRO D 419 40.64 20.35 7.74
N VAL D 420 41.26 21.10 6.83
CA VAL D 420 40.86 21.03 5.42
C VAL D 420 41.14 19.63 4.85
N SER D 421 42.29 19.07 5.16
CA SER D 421 42.60 17.70 4.77
C SER D 421 41.53 16.72 5.28
N ASN D 422 41.12 16.86 6.55
CA ASN D 422 40.15 15.89 7.07
C ASN D 422 38.79 16.01 6.40
N GLN D 423 38.40 17.22 6.01
CA GLN D 423 37.14 17.37 5.28
C GLN D 423 37.26 16.83 3.85
N LEU D 424 38.27 17.28 3.12
CA LEU D 424 38.31 16.90 1.72
C LEU D 424 38.60 15.41 1.54
N LEU D 425 39.35 14.79 2.46
CA LEU D 425 39.69 13.37 2.34
C LEU D 425 38.75 12.47 3.16
N GLY D 426 37.55 12.96 3.51
CA GLY D 426 36.45 12.07 3.81
C GLY D 426 36.15 11.75 5.26
N LEU D 427 36.76 12.45 6.22
CA LEU D 427 36.45 12.17 7.62
C LEU D 427 35.26 12.97 8.15
N VAL D 428 34.87 14.07 7.49
CA VAL D 428 33.81 14.93 8.05
C VAL D 428 33.31 15.83 6.94
N LYS D 429 32.03 16.21 7.03
CA LYS D 429 31.49 17.12 6.03
C LYS D 429 31.38 18.55 6.55
N ASP D 430 30.53 18.75 7.56
CA ASP D 430 30.38 20.02 8.25
C ASP D 430 31.56 20.16 9.22
N LEU D 431 32.40 21.18 9.02
CA LEU D 431 33.59 21.23 9.86
C LEU D 431 33.29 21.56 11.33
N ARG D 432 32.07 22.00 11.68
CA ARG D 432 31.77 22.09 13.12
C ARG D 432 31.67 20.73 13.80
N ASN D 433 31.60 19.64 13.02
CA ASN D 433 31.62 18.28 13.57
C ASN D 433 33.04 17.75 13.65
N HIS D 434 34.02 18.56 13.31
CA HIS D 434 35.41 18.10 13.40
C HIS D 434 35.74 17.63 14.83
N ALA D 435 36.34 16.42 14.92
CA ALA D 435 36.56 15.78 16.22
C ALA D 435 37.63 16.47 17.06
N ALA D 436 38.30 17.48 16.53
CA ALA D 436 39.26 18.23 17.33
C ALA D 436 38.59 19.36 18.10
N ALA D 437 37.35 19.74 17.78
CA ALA D 437 36.72 20.78 18.58
C ALA D 437 36.60 20.37 20.04
N PRO D 438 36.16 19.16 20.38
CA PRO D 438 36.15 18.80 21.81
C PRO D 438 37.55 18.65 22.39
N LEU D 439 38.56 18.37 21.59
CA LEU D 439 39.92 18.36 22.16
C LEU D 439 40.32 19.76 22.60
N LEU D 440 40.09 20.74 21.72
CA LEU D 440 40.44 22.11 22.03
C LEU D 440 39.67 22.60 23.26
N ALA D 441 38.39 22.21 23.40
CA ALA D 441 37.62 22.65 24.56
C ALA D 441 38.17 22.10 25.86
N GLN D 442 38.93 21.00 25.81
CA GLN D 442 39.60 20.39 26.95
C GLN D 442 41.05 20.82 27.10
N ASN D 443 41.55 21.69 26.23
CA ASN D 443 42.96 22.10 26.27
C ASN D 443 43.90 20.92 26.07
N VAL D 444 43.49 19.95 25.26
CA VAL D 444 44.48 19.00 24.72
C VAL D 444 45.51 19.78 23.93
N PRO D 445 46.81 19.50 24.01
CA PRO D 445 47.76 20.30 23.24
C PRO D 445 47.59 20.05 21.76
N VAL D 446 47.32 21.11 21.01
CA VAL D 446 47.02 21.03 19.58
C VAL D 446 47.87 22.06 18.83
N VAL D 447 48.29 21.69 17.62
CA VAL D 447 48.83 22.64 16.66
C VAL D 447 48.05 22.47 15.37
N ILE D 448 47.80 23.56 14.67
CA ILE D 448 47.09 23.49 13.39
C ILE D 448 48.12 23.38 12.27
N SER D 449 47.82 22.59 11.25
CA SER D 449 48.70 22.54 10.08
C SER D 449 47.85 22.26 8.84
N SER D 450 48.51 22.15 7.69
CA SER D 450 47.80 22.07 6.42
C SER D 450 47.97 20.76 5.65
N ASP D 451 48.94 19.91 6.04
CA ASP D 451 49.10 18.53 5.51
C ASP D 451 49.61 18.49 4.06
N ASP D 452 48.73 18.76 3.09
CA ASP D 452 49.03 18.66 1.66
C ASP D 452 48.47 19.86 0.91
N PRO D 453 48.77 21.09 1.34
CA PRO D 453 48.02 22.26 0.81
C PRO D 453 48.16 22.44 -0.68
N GLY D 454 49.29 22.02 -1.26
CA GLY D 454 49.46 22.19 -2.69
C GLY D 454 48.49 21.35 -3.49
N VAL D 455 48.07 20.22 -2.92
CA VAL D 455 47.20 19.27 -3.66
C VAL D 455 45.84 19.90 -3.94
N TRP D 456 45.32 20.70 -3.01
CA TRP D 456 44.00 21.29 -3.17
C TRP D 456 44.03 22.83 -3.11
N GLU D 457 45.17 23.43 -3.48
CA GLU D 457 45.25 24.88 -3.73
C GLU D 457 45.00 25.70 -2.46
N ALA D 458 45.41 25.17 -1.30
CA ALA D 458 45.32 25.97 -0.10
C ALA D 458 46.64 26.73 0.13
N LEU D 459 46.54 27.80 0.87
CA LEU D 459 47.70 28.52 1.39
C LEU D 459 48.44 27.67 2.39
N PRO D 460 49.68 28.04 2.70
CA PRO D 460 50.47 27.25 3.67
C PRO D 460 49.77 27.07 5.00
N MET D 461 49.19 28.14 5.54
CA MET D 461 48.52 28.01 6.85
C MET D 461 47.23 28.80 6.97
N SER D 462 47.03 29.87 6.21
CA SER D 462 45.94 30.79 6.55
C SER D 462 44.57 30.14 6.35
N HIS D 463 44.39 29.25 5.35
CA HIS D 463 43.06 28.68 5.17
C HIS D 463 42.74 27.71 6.32
N ASP D 464 43.71 26.88 6.71
CA ASP D 464 43.46 25.94 7.82
C ASP D 464 43.26 26.69 9.13
N MET D 465 44.03 27.75 9.38
CA MET D 465 43.83 28.52 10.61
C MET D 465 42.47 29.23 10.61
N TYR D 466 42.03 29.73 9.47
CA TYR D 466 40.69 30.30 9.38
C TYR D 466 39.62 29.27 9.70
N VAL D 467 39.71 28.07 9.10
CA VAL D 467 38.62 27.14 9.38
C VAL D 467 38.71 26.63 10.82
N ALA D 468 39.92 26.45 11.39
CA ALA D 468 39.98 26.08 12.80
C ALA D 468 39.31 27.14 13.66
N PHE D 469 39.60 28.41 13.38
CA PHE D 469 39.10 29.49 14.21
C PHE D 469 37.59 29.69 14.07
N MET D 470 37.04 29.42 12.89
CA MET D 470 35.63 29.65 12.68
C MET D 470 34.78 28.42 12.95
N ASP D 471 35.37 27.23 12.92
CA ASP D 471 34.59 26.01 13.01
C ASP D 471 34.88 25.18 14.23
N LEU D 472 36.10 25.22 14.75
CA LEU D 472 36.50 24.29 15.79
C LEU D 472 36.53 24.93 17.18
N VAL D 473 36.20 26.23 17.31
CA VAL D 473 35.98 26.87 18.59
C VAL D 473 34.75 27.75 18.42
N GLY D 474 34.27 28.31 19.53
CA GLY D 474 32.96 28.92 19.56
C GLY D 474 32.91 30.40 19.14
N GLU D 475 31.68 30.92 19.09
CA GLU D 475 31.43 32.28 18.67
C GLU D 475 32.14 33.29 19.56
N ASP D 476 32.29 32.95 20.83
CA ASP D 476 32.84 33.86 21.81
C ASP D 476 34.34 33.62 22.06
N ALA D 477 34.97 32.83 21.21
CA ALA D 477 36.41 32.55 21.25
C ALA D 477 37.08 33.45 20.22
N GLY D 478 38.02 34.28 20.68
CA GLY D 478 38.61 35.26 19.76
C GLY D 478 40.12 35.19 19.68
N LEU D 479 40.78 36.35 19.79
CA LEU D 479 42.20 36.46 19.47
C LEU D 479 43.05 35.60 20.40
N ASP D 480 42.57 35.35 21.62
CA ASP D 480 43.31 34.51 22.54
C ASP D 480 43.48 33.08 21.99
N VAL D 481 42.45 32.54 21.30
CA VAL D 481 42.60 31.22 20.71
C VAL D 481 43.68 31.24 19.63
N LEU D 482 43.62 32.23 18.75
CA LEU D 482 44.62 32.33 17.68
C LEU D 482 46.03 32.43 18.25
N LYS D 483 46.21 33.32 19.25
CA LYS D 483 47.54 33.50 19.82
C LYS D 483 48.05 32.18 20.44
N GLN D 484 47.19 31.46 21.15
CA GLN D 484 47.62 30.23 21.79
C GLN D 484 48.01 29.18 20.75
N LEU D 485 47.21 29.04 19.67
CA LEU D 485 47.55 28.06 18.64
C LEU D 485 48.87 28.41 17.96
N VAL D 486 49.09 29.69 17.71
CA VAL D 486 50.36 30.12 17.13
C VAL D 486 51.51 29.81 18.07
N TRP D 487 51.39 30.15 19.34
CA TRP D 487 52.50 29.89 20.28
C TRP D 487 52.71 28.38 20.43
N ASN D 488 51.61 27.61 20.41
CA ASN D 488 51.75 26.15 20.53
C ASN D 488 52.63 25.58 19.42
N SER D 489 52.50 26.12 18.19
CA SER D 489 53.24 25.54 17.08
C SER D 489 54.76 25.70 17.29
N ILE D 490 55.21 26.71 18.03
CA ILE D 490 56.65 26.80 18.34
C ILE D 490 56.98 25.99 19.59
N GLN D 491 56.11 26.08 20.60
CA GLN D 491 56.35 25.42 21.88
C GLN D 491 56.41 23.90 21.73
N TYR D 492 55.59 23.31 20.85
CA TYR D 492 55.56 21.88 20.61
C TYR D 492 56.32 21.48 19.34
N SER D 493 57.08 22.41 18.75
CA SER D 493 58.07 22.02 17.74
C SER D 493 59.18 21.21 18.41
N SER D 494 60.05 20.63 17.59
CA SER D 494 61.18 19.89 18.13
C SER D 494 62.45 20.73 18.18
N MET D 495 62.33 22.06 18.17
CA MET D 495 63.54 22.89 18.36
C MET D 495 64.18 22.59 19.71
N ASN D 496 65.51 22.76 19.82
CA ASN D 496 66.13 22.61 21.13
C ASN D 496 65.89 23.88 21.95
N ALA D 497 66.38 23.91 23.20
CA ALA D 497 65.99 24.99 24.11
C ALA D 497 66.48 26.34 23.59
N THR D 498 67.72 26.39 23.10
CA THR D 498 68.30 27.61 22.55
C THR D 498 67.55 28.08 21.32
N GLU D 499 67.30 27.17 20.38
CA GLU D 499 66.55 27.52 19.18
C GLU D 499 65.16 28.02 19.55
N LYS D 500 64.50 27.36 20.51
CA LYS D 500 63.12 27.69 20.83
C LYS D 500 63.04 29.06 21.49
N LYS D 501 63.96 29.33 22.41
CA LYS D 501 63.98 30.65 23.03
C LYS D 501 64.13 31.73 21.96
N THR D 502 65.06 31.55 21.02
CA THR D 502 65.23 32.53 19.94
C THR D 502 63.98 32.63 19.07
N ALA D 503 63.37 31.50 18.76
CA ALA D 503 62.21 31.53 17.89
C ALA D 503 61.03 32.25 18.56
N LEU D 504 60.86 32.06 19.87
CA LEU D 504 59.74 32.72 20.54
C LEU D 504 59.97 34.23 20.65
N LYS D 505 61.21 34.67 20.86
CA LYS D 505 61.49 36.11 20.83
C LYS D 505 61.14 36.68 19.46
N LEU D 506 61.49 35.97 18.40
CA LEU D 506 61.18 36.42 17.05
C LEU D 506 59.67 36.46 16.84
N LEU D 507 58.97 35.42 17.27
CA LEU D 507 57.52 35.37 17.11
C LEU D 507 56.85 36.53 17.86
N GLN D 508 57.30 36.80 19.09
CA GLN D 508 56.77 37.91 19.88
C GLN D 508 56.92 39.23 19.13
N ALA D 509 58.09 39.46 18.53
CA ALA D 509 58.31 40.67 17.73
C ALA D 509 57.33 40.72 16.55
N LYS D 510 57.20 39.62 15.83
CA LYS D 510 56.25 39.58 14.71
C LYS D 510 54.84 39.86 15.20
N TRP D 511 54.48 39.27 16.33
CA TRP D 511 53.14 39.44 16.86
C TRP D 511 52.88 40.91 17.21
N ASN D 512 53.83 41.56 17.86
CA ASN D 512 53.65 42.97 18.19
C ASN D 512 53.44 43.83 16.94
N ASN D 513 54.24 43.59 15.88
CA ASN D 513 54.10 44.35 14.65
C ASN D 513 52.73 44.12 14.02
N PHE D 514 52.27 42.87 14.06
CA PHE D 514 50.95 42.48 13.54
C PHE D 514 49.82 43.17 14.28
N ILE D 515 49.90 43.24 15.63
CA ILE D 515 48.85 43.94 16.37
C ILE D 515 48.82 45.42 15.99
N ASN D 516 49.99 46.06 16.04
CA ASN D 516 50.03 47.48 15.70
C ASN D 516 49.56 47.74 14.29
N ASP D 517 49.99 46.92 13.33
CA ASP D 517 49.63 47.13 11.93
C ASP D 517 48.12 46.95 11.75
N SER D 518 47.57 45.97 12.46
CA SER D 518 46.15 45.64 12.34
C SER D 518 45.29 46.77 12.89
N LEU D 519 45.70 47.37 14.01
CA LEU D 519 44.91 48.48 14.55
C LEU D 519 44.81 49.61 13.54
N ILE D 520 45.91 49.90 12.83
CA ILE D 520 45.91 50.97 11.84
C ILE D 520 45.06 50.58 10.64
N LYS D 521 45.29 49.36 10.13
CA LYS D 521 44.64 48.87 8.92
C LYS D 521 43.12 48.82 9.06
N TRP D 522 42.61 48.36 10.21
CA TRP D 522 41.18 48.23 10.43
C TRP D 522 40.58 49.41 11.16
N LYS D 523 41.36 50.49 11.31
CA LYS D 523 40.89 51.78 11.83
C LYS D 523 40.31 51.62 13.23
N LEU D 524 41.05 50.90 14.07
CA LEU D 524 40.64 50.62 15.44
C LEU D 524 41.38 51.47 16.47
N THR D 525 42.39 52.23 16.07
CA THR D 525 43.09 53.08 17.04
C THR D 525 42.11 54.17 17.48
N ASN D 526 41.59 54.02 18.69
CA ASN D 526 40.59 54.96 19.19
C ASN D 526 41.23 56.28 19.60
C1 NAG E . 3.32 15.99 -3.55
C2 NAG E . 4.71 16.00 -4.17
C3 NAG E . 4.84 16.89 -5.42
C4 NAG E . 3.73 16.55 -6.42
C5 NAG E . 2.40 16.70 -5.68
C6 NAG E . 1.19 16.49 -6.60
C7 NAG E . 6.52 15.51 -2.59
C8 NAG E . 7.53 16.10 -1.63
N2 NAG E . 5.73 16.39 -3.20
O3 NAG E . 6.14 16.65 -5.92
O4 NAG E . 3.69 17.44 -7.51
O5 NAG E . 2.38 15.78 -4.60
O6 NAG E . 1.27 15.19 -7.16
O7 NAG E . 6.44 14.29 -2.76
C1 NAG E . 4.43 17.01 -8.67
C2 NAG E . 3.79 17.66 -9.91
C3 NAG E . 4.52 17.18 -11.16
C4 NAG E . 6.01 17.52 -11.06
C5 NAG E . 6.59 17.00 -9.73
C6 NAG E . 8.00 17.51 -9.50
C7 NAG E . 1.43 18.23 -9.74
C8 NAG E . 0.01 17.72 -9.91
N2 NAG E . 2.40 17.35 -10.02
O3 NAG E . 3.92 17.81 -12.26
O4 NAG E . 6.67 16.96 -12.19
O5 NAG E . 5.79 17.38 -8.61
O6 NAG E . 8.68 16.70 -8.58
O7 NAG E . 1.67 19.37 -9.38
C1 NAG F . 1.82 -11.50 -12.29
C2 NAG F . 0.95 -10.95 -13.42
C3 NAG F . 1.60 -11.06 -14.79
C4 NAG F . 2.97 -10.39 -14.75
C5 NAG F . 3.74 -11.18 -13.70
C6 NAG F . 5.20 -10.80 -13.59
C7 NAG F . -1.48 -11.17 -12.93
C8 NAG F . -2.69 -12.06 -13.19
N2 NAG F . -0.34 -11.62 -13.47
O3 NAG F . 0.73 -10.48 -15.76
O4 NAG F . 3.60 -10.54 -16.01
O5 NAG F . 3.12 -10.95 -12.47
O6 NAG F . 5.26 -9.42 -13.29
O7 NAG F . -1.59 -10.12 -12.27
C1 NAG F . 3.68 -9.28 -16.70
C2 NAG F . 4.79 -9.42 -17.74
C3 NAG F . 4.82 -8.26 -18.76
C4 NAG F . 3.42 -7.93 -19.26
C5 NAG F . 2.55 -7.71 -18.02
C6 NAG F . 1.17 -7.18 -18.28
C7 NAG F . 6.83 -10.37 -16.86
C8 NAG F . 8.06 -10.02 -16.06
N2 NAG F . 6.03 -9.34 -17.03
O3 NAG F . 5.70 -8.63 -19.79
O4 NAG F . 3.51 -6.77 -20.08
O5 NAG F . 2.47 -8.97 -17.37
O6 NAG F . 0.84 -6.28 -17.24
O7 NAG F . 6.61 -11.47 -17.30
C1 NAG G . -24.16 2.72 -40.53
C2 NAG G . -23.11 2.22 -39.55
C3 NAG G . -22.04 3.32 -39.30
C4 NAG G . -21.48 3.76 -40.64
C5 NAG G . -22.62 4.27 -41.53
C6 NAG G . -22.19 4.76 -42.90
C7 NAG G . -23.98 0.63 -37.89
C8 NAG G . -24.58 0.49 -36.51
N2 NAG G . -23.69 1.87 -38.29
O3 NAG G . -21.07 2.76 -38.45
O4 NAG G . -20.53 4.80 -40.45
O5 NAG G . -23.54 3.20 -41.70
O6 NAG G . -21.37 3.77 -43.49
O7 NAG G . -23.80 -0.33 -38.62
C1 NAG G . -19.18 4.30 -40.58
C2 NAG G . -18.27 5.46 -41.01
C3 NAG G . -16.81 5.02 -41.10
C4 NAG G . -16.39 4.44 -39.75
C5 NAG G . -17.37 3.30 -39.38
C6 NAG G . -17.07 2.65 -38.04
C7 NAG G . -19.32 7.18 -42.42
C8 NAG G . -19.65 7.52 -43.84
N2 NAG G . -18.68 6.00 -42.28
O3 NAG G . -16.03 6.13 -41.44
O4 NAG G . -15.04 4.02 -39.91
O5 NAG G . -18.72 3.79 -39.36
O6 NAG G . -17.92 1.55 -37.85
O7 NAG G . -19.61 7.88 -41.46
C1 NAG H . 42.02 15.28 -17.36
C2 NAG H . 40.57 15.30 -16.89
C3 NAG H . 39.68 14.47 -17.82
C4 NAG H . 39.90 14.83 -19.28
C5 NAG H . 41.40 14.67 -19.57
C6 NAG H . 41.78 14.95 -20.99
C7 NAG H . 40.29 15.59 -14.48
C8 NAG H . 40.11 14.93 -13.14
N2 NAG H . 40.43 14.79 -15.56
O3 NAG H . 38.37 14.70 -17.38
O4 NAG H . 39.12 13.95 -20.06
O5 NAG H . 42.11 15.58 -18.73
O6 NAG H . 41.33 16.24 -21.33
O7 NAG H . 40.28 16.79 -14.59
C1 NAG H . 38.11 14.68 -20.78
C2 NAG H . 37.65 13.82 -21.98
C3 NAG H . 36.25 14.17 -22.53
C4 NAG H . 35.27 14.52 -21.42
C5 NAG H . 35.94 15.61 -20.59
C6 NAG H . 35.04 16.35 -19.61
C7 NAG H . 39.47 12.94 -23.37
C8 NAG H . 40.45 13.23 -24.48
N2 NAG H . 38.62 13.94 -23.03
O3 NAG H . 35.79 13.09 -23.29
O4 NAG H . 34.07 14.93 -22.05
O5 NAG H . 37.02 14.98 -19.92
O6 NAG H . 35.38 17.73 -19.58
O7 NAG H . 39.47 11.86 -22.81
C1 NAG I . -9.61 2.50 12.27
C2 NAG I . -10.38 1.32 11.63
C3 NAG I . -11.65 0.99 12.41
C4 NAG I . -11.33 0.93 13.89
C5 NAG I . -10.59 2.21 14.31
C6 NAG I . -10.33 2.35 15.81
C7 NAG I . -10.06 0.86 9.26
C8 NAG I . -10.31 1.27 7.82
N2 NAG I . -10.60 1.63 10.23
O3 NAG I . -12.15 -0.23 11.93
O4 NAG I . -12.59 0.78 14.52
O5 NAG I . -9.34 2.28 13.63
O6 NAG I . -9.29 1.51 16.22
O7 NAG I . -9.36 -0.13 9.49
C1 NAG J . 36.55 -8.72 0.51
C2 NAG J . 36.45 -9.67 1.71
C3 NAG J . 36.84 -11.08 1.28
C4 NAG J . 35.99 -11.52 0.09
C5 NAG J . 36.23 -10.49 -1.03
C6 NAG J . 35.48 -10.79 -2.32
C7 NAG J . 36.88 -9.08 4.00
C8 NAG J . 37.93 -8.70 5.01
N2 NAG J . 37.34 -9.29 2.76
O3 NAG J . 36.69 -11.95 2.37
O4 NAG J . 36.43 -12.81 -0.28
O5 NAG J . 35.80 -9.24 -0.56
O6 NAG J . 34.10 -10.60 -2.13
O7 NAG J . 35.68 -9.19 4.24
C1 NAG K . 17.90 22.33 42.13
C2 NAG K . 17.13 23.51 42.80
C3 NAG K . 17.73 23.83 44.17
C4 NAG K . 17.90 22.56 45.01
C5 NAG K . 18.76 21.58 44.22
C6 NAG K . 19.08 20.28 44.94
C7 NAG K . 16.10 25.07 41.13
C8 NAG K . 16.41 26.28 40.26
N2 NAG K . 17.14 24.65 41.90
O3 NAG K . 16.88 24.75 44.81
O4 NAG K . 18.47 22.90 46.25
O5 NAG K . 18.09 21.26 43.02
O6 NAG K . 17.96 19.43 44.89
O7 NAG K . 15.00 24.52 41.11
ZN ZN L . 12.45 15.67 20.19
C1 EDO M . 11.54 20.06 17.71
C1 EDO M . 9.31 18.46 17.49
O1 EDO M . 10.89 18.83 17.93
O1 EDO M . 8.68 17.52 16.64
C2 EDO M . 12.96 19.98 18.22
C2 EDO M . 8.37 19.59 17.84
O2 EDO M . 13.57 18.75 17.90
O2 EDO M . 7.05 19.08 17.87
C1 EDO N . 30.22 27.85 16.21
O1 EDO N . 30.29 26.44 15.93
C2 EDO N . 31.16 28.64 15.34
O2 EDO N . 32.29 29.21 16.03
C1 EDO O . 29.57 6.82 5.53
O1 EDO O . 30.62 7.76 5.40
C2 EDO O . 30.10 5.45 5.87
O2 EDO O . 30.88 4.90 4.81
C1 EDO P . 0.12 3.93 2.30
O1 EDO P . 0.20 3.32 1.02
C2 EDO P . -0.79 3.12 3.19
O2 EDO P . -1.87 2.67 2.40
C1 EDO Q . 2.53 3.85 34.03
O1 EDO Q . 2.30 5.26 34.03
C2 EDO Q . 1.20 3.18 33.75
O2 EDO Q . 0.73 3.58 32.49
C1 BTB R . 11.19 3.67 2.38
O1 BTB R . 9.87 3.37 2.00
C2 BTB R . 12.21 3.55 1.22
C3 BTB R . 12.70 2.07 1.24
O3 BTB R . 13.50 1.72 2.34
C4 BTB R . 13.47 4.39 1.60
O4 BTB R . 14.62 3.97 0.92
N BTB R . 11.64 3.88 -0.12
C5 BTB R . 12.52 3.66 -1.29
C6 BTB R . 12.09 2.57 -2.29
O6 BTB R . 11.99 1.29 -1.65
C7 BTB R . 10.93 5.15 -0.23
C8 BTB R . 10.12 5.35 -1.50
O8 BTB R . 9.05 4.39 -1.61
C1 EDO S . 6.91 3.93 15.00
O1 EDO S . 7.37 2.88 14.16
C2 EDO S . 6.36 5.05 14.13
O2 EDO S . 5.45 4.54 13.19
C1 EDO T . 10.69 35.64 24.88
O1 EDO T . 11.84 36.30 25.39
C2 EDO T . 9.85 36.59 24.05
O2 EDO T . 8.80 37.19 24.76
C1 EDO U . -8.65 3.43 22.66
O1 EDO U . -7.76 2.35 22.47
C2 EDO U . -9.15 3.88 21.32
O2 EDO U . -8.28 3.44 20.28
C1 EDO V . -3.06 29.97 33.51
O1 EDO V . -2.03 30.76 34.08
C2 EDO V . -2.51 28.57 33.24
O2 EDO V . -3.54 27.73 32.76
C1 EDO W . 22.42 -4.99 33.44
O1 EDO W . 22.54 -5.70 34.66
C2 EDO W . 22.33 -3.51 33.76
O2 EDO W . 23.52 -3.06 34.37
C1 EDO X . 35.84 2.89 2.42
O1 EDO X . 36.75 2.89 1.34
C2 EDO X . 36.20 1.97 3.53
O2 EDO X . 35.28 2.15 4.60
C1 EDO Y . -3.30 25.71 2.86
O1 EDO Y . -3.06 27.10 2.86
C2 EDO Y . -3.95 25.27 4.15
O2 EDO Y . -4.75 26.30 4.68
C1 GOL Z . 31.63 0.00 14.73
O1 GOL Z . 30.89 -0.17 15.93
C2 GOL Z . 32.70 1.05 14.74
O2 GOL Z . 33.89 0.73 14.03
C3 GOL Z . 32.08 2.29 14.22
O3 GOL Z . 33.16 3.16 14.17
C1 EDO AA . 7.20 1.93 6.39
O1 EDO AA . 6.16 2.68 5.82
C2 EDO AA . 7.99 1.32 5.27
O2 EDO AA . 9.31 1.86 5.16
C1 EDO BA . -7.61 26.24 5.90
O1 EDO BA . -7.59 26.72 4.57
C2 EDO BA . -9.01 26.27 6.47
O2 EDO BA . -9.10 25.34 7.54
C1 EDO CA . 34.32 15.56 28.93
O1 EDO CA . 34.96 15.42 27.66
C2 EDO CA . 35.22 15.80 30.12
O2 EDO CA . 34.58 16.62 31.08
P PO4 DA . 2.81 19.38 17.92
O1 PO4 DA . 3.18 18.39 19.08
O2 PO4 DA . 3.88 19.22 16.77
O3 PO4 DA . 1.37 19.05 17.39
O4 PO4 DA . 2.82 20.86 18.46
C1 NAG EA . 2.76 -10.61 12.21
C2 NAG EA . 3.94 -9.79 12.73
C3 NAG EA . 4.27 -10.10 14.19
C4 NAG EA . 2.99 -10.16 14.99
C5 NAG EA . 2.17 -11.32 14.45
C6 NAG EA . 0.99 -11.68 15.33
C7 NAG EA . 5.49 -9.54 10.95
C8 NAG EA . 6.51 -10.24 10.07
N2 NAG EA . 4.98 -10.31 11.88
O3 NAG EA . 5.14 -9.08 14.63
O4 NAG EA . 3.37 -10.40 16.32
O5 NAG EA . 1.74 -10.91 13.14
O6 NAG EA . -0.12 -11.97 14.51
O7 NAG EA . 5.11 -8.37 10.87
C1 NAG FA . -32.31 12.51 -12.94
C2 NAG FA . -32.96 12.60 -11.54
C3 NAG FA . -33.17 14.06 -11.14
C4 NAG FA . -31.84 14.81 -11.24
C5 NAG FA . -31.31 14.69 -12.67
C6 NAG FA . -29.99 15.42 -12.83
C7 NAG FA . -34.37 10.95 -10.52
C8 NAG FA . -35.70 10.26 -10.51
N2 NAG FA . -34.20 11.89 -11.45
O3 NAG FA . -33.70 14.14 -9.83
O4 NAG FA . -32.11 16.16 -10.93
O5 NAG FA . -31.14 13.32 -12.99
O6 NAG FA . -29.41 15.08 -14.06
O7 NAG FA . -33.46 10.68 -9.74
C1 NAG GA . -32.43 -38.31 8.86
C2 NAG GA . -31.94 -39.75 9.11
C3 NAG GA . -33.08 -40.63 9.61
C4 NAG GA . -33.76 -40.00 10.83
C5 NAG GA . -34.26 -38.61 10.41
C6 NAG GA . -35.00 -37.85 11.50
C7 NAG GA . -30.00 -40.31 7.67
C8 NAG GA . -29.60 -40.90 6.35
N2 NAG GA . -31.34 -40.28 7.90
O3 NAG GA . -32.57 -41.91 9.90
O4 NAG GA . -34.80 -40.88 11.26
O5 NAG GA . -33.15 -37.83 9.98
O6 NAG GA . -34.17 -37.67 12.62
O7 NAG GA . -29.14 -39.87 8.43
ZN ZN HA . -17.86 -22.14 -0.12
C1 EDO IA . -15.22 -24.36 -3.93
C1 EDO IA . -13.43 -23.62 -2.02
O1 EDO IA . -14.77 -24.74 -2.67
O1 EDO IA . -12.83 -22.42 -1.53
C2 EDO IA . -16.68 -24.70 -4.17
C2 EDO IA . -12.91 -24.79 -1.23
O2 EDO IA . -17.50 -23.64 -3.76
O2 EDO IA . -11.56 -24.59 -0.87
C1 EDO JA . -16.67 -46.78 0.65
O1 EDO JA . -15.33 -46.94 1.08
C2 EDO JA . -17.62 -47.53 1.53
O2 EDO JA . -17.69 -46.71 2.67
C1 EDO KA . -36.39 -17.27 8.39
O1 EDO KA . -36.32 -16.25 7.41
C2 EDO KA . -37.48 -18.26 8.12
O2 EDO KA . -37.40 -18.79 6.82
C1 EDO LA . -11.20 -11.02 4.18
O1 EDO LA . -10.04 -10.21 4.32
C2 EDO LA . -12.20 -10.57 5.21
O2 EDO LA . -12.57 -9.23 4.92
C1 EDO MA . -18.18 -21.13 20.40
O1 EDO MA . -17.73 -22.39 19.92
C2 EDO MA . -17.10 -20.52 21.28
O2 EDO MA . -15.85 -20.43 20.57
C1 EDO NA . 0.98 1.25 -5.38
O1 EDO NA . 0.81 1.97 -6.57
C2 EDO NA . 2.41 1.34 -4.90
O2 EDO NA . 3.31 1.45 -5.98
C1 EDO OA . -33.73 0.72 20.61
O1 EDO OA . -32.39 1.10 20.40
C2 EDO OA . -34.27 0.18 19.32
O2 EDO OA . -33.81 -1.11 19.04
C1 EDO PA . -42.46 -20.65 3.75
O1 EDO PA . -41.88 -21.42 4.80
C2 EDO PA . -43.60 -19.78 4.26
O2 EDO PA . -43.24 -19.20 5.51
C1 EDO QA . -45.36 -27.41 -5.46
O1 EDO QA . -44.45 -26.84 -4.49
C2 EDO QA . -45.81 -26.34 -6.43
O2 EDO QA . -44.75 -26.05 -7.31
C1 BTB RA . -10.67 -0.90 -6.30
O1 BTB RA . -11.99 -1.08 -5.79
C2 BTB RA . -9.98 -2.13 -6.94
C3 BTB RA . -11.14 -2.81 -7.75
O3 BTB RA . -11.81 -1.94 -8.62
C4 BTB RA . -9.60 -3.22 -5.88
O4 BTB RA . -8.46 -2.85 -5.10
N BTB RA . -8.78 -1.79 -7.79
C5 BTB RA . -8.98 -0.90 -8.93
C6 BTB RA . -8.23 0.44 -8.87
O6 BTB RA . -8.79 1.24 -7.83
C7 BTB RA . -7.92 -2.92 -8.17
C8 BTB RA . -6.59 -2.54 -8.84
O8 BTB RA . -5.70 -1.94 -7.90
C1 EDO SA . -26.46 -4.42 -14.36
O1 EDO SA . -27.31 -4.73 -15.44
C2 EDO SA . -27.21 -3.45 -13.45
O2 EDO SA . -27.61 -2.32 -14.22
C1 EDO TA . 0.09 -35.71 8.89
O1 EDO TA . -1.14 -36.26 8.47
C2 EDO TA . 0.62 -36.67 9.93
O2 EDO TA . 0.95 -35.91 11.07
C1 EDO UA . -29.22 -27.74 -19.18
O1 EDO UA . -28.84 -28.43 -18.01
C2 EDO UA . -29.99 -26.51 -18.71
O2 EDO UA . -29.31 -26.03 -17.58
C1 EDO VA . -2.23 -14.67 17.42
O1 EDO VA . -1.79 -14.19 16.17
C2 EDO VA . -1.95 -16.15 17.48
O2 EDO VA . -2.57 -16.71 18.61
C1 EDO WA . -28.10 -35.39 10.87
O1 EDO WA . -26.94 -34.77 11.37
C2 EDO WA . -27.90 -36.86 10.67
O2 EDO WA . -29.18 -37.48 10.61
C1 EDO XA . -36.19 -10.85 14.64
O1 EDO XA . -36.65 -12.12 14.15
C2 EDO XA . -36.99 -10.48 15.85
O2 EDO XA . -36.17 -10.44 17.00
C1 EDO YA . -16.41 -14.88 -14.45
O1 EDO YA . -17.48 -14.54 -13.58
C2 EDO YA . -16.77 -14.92 -15.92
O2 EDO YA . -17.90 -15.76 -16.13
C1 EDO ZA . -31.51 -28.50 10.93
O1 EDO ZA . -30.69 -29.48 11.53
C2 EDO ZA . -31.80 -28.98 9.54
O2 EDO ZA . -32.81 -29.98 9.51
C1 EDO AB . -1.44 -26.41 19.45
O1 EDO AB . -1.92 -25.86 20.66
C2 EDO AB . -2.22 -27.67 19.16
O2 EDO AB . -2.14 -28.54 20.28
C1 EDO BB . -27.79 -26.87 13.87
O1 EDO BB . -27.02 -27.97 14.37
C2 EDO BB . -29.27 -27.19 13.83
O2 EDO BB . -29.51 -28.50 13.35
C1 EDO CB . 9.16 -8.97 -10.26
O1 EDO CB . 9.73 -8.91 -8.97
C2 EDO CB . 8.01 -8.00 -10.35
O2 EDO CB . 8.45 -6.66 -10.15
P PO4 DB . -38.80 25.44 5.06
O1 PO4 DB . -40.01 26.31 4.68
O2 PO4 DB . -37.52 26.06 4.37
O3 PO4 DB . -38.58 25.40 6.62
O4 PO4 DB . -39.02 23.95 4.57
C1 EDO EB . 9.76 -26.44 5.97
O1 EDO EB . 10.95 -25.82 6.43
C2 EDO EB . 10.03 -27.65 5.13
O2 EDO EB . 11.18 -27.41 4.34
C1 EDO FB . -14.55 -42.02 -6.51
O1 EDO FB . -14.00 -43.32 -6.40
C2 EDO FB . -15.70 -41.91 -7.48
O2 EDO FB . -16.87 -42.45 -6.92
C ACT GB . -8.09 -25.27 1.18
O ACT GB . -9.01 -25.74 1.90
OXT ACT GB . -6.89 -25.10 1.51
CH3 ACT GB . -8.51 -24.84 -0.24
C1 EDO HB . -11.18 -24.46 -5.38
O1 EDO HB . -11.65 -24.92 -4.14
C2 EDO HB . -9.83 -23.79 -5.27
O2 EDO HB . -8.77 -24.65 -4.86
C1 GOL IB . -33.78 -3.21 -5.06
O1 GOL IB . -33.72 -3.68 -3.71
C2 GOL IB . -34.52 -3.95 -6.15
O2 GOL IB . -35.31 -3.11 -6.99
C3 GOL IB . -33.53 -4.68 -7.00
O3 GOL IB . -34.29 -5.31 -7.98
C1 EDO JB . -46.44 -0.05 -5.70
O1 EDO JB . -47.70 0.34 -5.17
C2 EDO JB . -46.09 0.72 -6.96
O2 EDO JB . -47.08 0.53 -7.93
C1 GOL KB . -30.14 -1.35 -16.03
O1 GOL KB . -29.79 -2.73 -16.20
C2 GOL KB . -31.16 -1.06 -14.92
O2 GOL KB . -32.34 -1.89 -14.86
C3 GOL KB . -31.38 0.44 -14.74
O3 GOL KB . -31.56 1.29 -15.89
C1 EDO LB . -29.13 -2.79 25.97
O1 EDO LB . -30.00 -3.03 24.90
C2 EDO LB . -27.71 -2.70 25.48
O2 EDO LB . -27.64 -1.81 24.39
C1 NAG MB . -42.60 -6.65 -53.37
C2 NAG MB . -42.67 -6.62 -54.91
C3 NAG MB . -44.11 -6.63 -55.46
C4 NAG MB . -44.97 -7.64 -54.71
C5 NAG MB . -44.86 -7.43 -53.19
C6 NAG MB . -45.63 -8.46 -52.39
C7 NAG MB . -40.61 -5.54 -55.67
C8 NAG MB . -40.05 -4.20 -56.10
N2 NAG MB . -41.92 -5.47 -55.38
O3 NAG MB . -43.99 -6.88 -56.84
O4 NAG MB . -46.32 -7.42 -55.11
O5 NAG MB . -43.50 -7.60 -52.81
O6 NAG MB . -45.22 -9.76 -52.76
O7 NAG MB . -39.92 -6.58 -55.59
C1 NAG NB . -14.12 -34.30 -24.18
C2 NAG NB . -15.22 -35.35 -24.47
C3 NAG NB . -14.58 -36.61 -25.07
C4 NAG NB . -13.74 -36.29 -26.29
C5 NAG NB . -12.70 -35.24 -25.87
C6 NAG NB . -11.77 -34.87 -26.99
C7 NAG NB . -17.26 -35.60 -23.12
C8 NAG NB . -17.80 -36.01 -21.78
N2 NAG NB . -15.91 -35.71 -23.26
O3 NAG NB . -15.60 -37.54 -25.39
O4 NAG NB . -13.09 -37.49 -26.68
O5 NAG NB . -13.40 -34.08 -25.38
O6 NAG NB . -12.44 -34.08 -27.94
O7 NAG NB . -17.94 -35.18 -24.02
ZN ZN OB . -43.32 -7.68 -27.11
C1 EDO PB . -41.95 -4.13 -24.83
C1 EDO PB . -41.81 -3.16 -30.40
O1 EDO PB . -40.99 -5.13 -25.14
O1 EDO PB . -41.35 -4.16 -29.51
C2 EDO PB . -41.76 -2.98 -25.74
C2 EDO PB . -42.87 -2.31 -29.74
O2 EDO PB . -42.38 -3.20 -27.00
O2 EDO PB . -43.39 -1.36 -30.68
C1 EDO QB . -22.69 -19.11 -20.87
O1 EDO QB . -22.37 -18.75 -19.53
C2 EDO QB . -22.77 -20.62 -21.05
O2 EDO QB . -21.50 -21.24 -20.83
C1 EDO RB . -39.02 -13.96 -38.96
O1 EDO RB . -37.88 -14.81 -39.19
C2 EDO RB . -38.49 -12.57 -38.92
O2 EDO RB . -37.95 -12.28 -40.19
C1 EDO SB . -58.45 -16.72 -37.59
O1 EDO SB . -58.79 -15.43 -37.11
C2 EDO SB . -58.56 -16.75 -39.11
O2 EDO SB . -57.66 -15.81 -39.68
C1 EDO TB . -46.83 -19.13 -2.45
O1 EDO TB . -47.83 -20.00 -2.96
C2 EDO TB . -46.06 -19.74 -1.29
O2 EDO TB . -44.68 -19.50 -1.50
C1 EDO UB . -57.82 -15.14 -17.35
O1 EDO UB . -58.83 -14.78 -16.40
C2 EDO UB . -57.95 -16.54 -17.87
O2 EDO UB . -57.43 -16.56 -19.19
C1 EDO VB . -49.53 -26.60 -19.38
O1 EDO VB . -48.13 -26.34 -19.49
C2 EDO VB . -50.23 -25.59 -18.53
O2 EDO VB . -49.67 -25.45 -17.23
C1 EDO WB . -62.89 -20.91 -24.87
O1 EDO WB . -63.61 -19.93 -25.58
C2 EDO WB . -62.03 -21.73 -25.81
O2 EDO WB . -61.46 -22.80 -25.08
C1 EDO XB . -50.29 -33.60 -25.65
O1 EDO XB . -51.20 -34.05 -26.64
C2 EDO XB . -50.72 -32.23 -25.19
O2 EDO XB . -51.65 -32.38 -24.13
C1 EDO YB . -62.62 -6.35 -15.16
O1 EDO YB . -63.09 -7.22 -14.13
C2 EDO YB . -61.79 -5.27 -14.53
O2 EDO YB . -61.17 -4.52 -15.56
C1 EDO ZB . -21.21 -23.96 -18.91
O1 EDO ZB . -20.13 -23.11 -19.28
C2 EDO ZB . -21.03 -24.02 -17.43
O2 EDO ZB . -22.15 -24.38 -16.69
C1 EDO AC . -49.76 -15.37 -50.13
O1 EDO AC . -48.84 -15.04 -51.10
C2 EDO AC . -50.77 -14.29 -50.25
O2 EDO AC . -51.97 -14.76 -49.79
C1 EDO BC . -23.88 -25.92 -30.93
O1 EDO BC . -23.03 -27.01 -30.64
C2 EDO BC . -25.14 -26.01 -30.11
O2 EDO BC . -25.81 -24.76 -30.08
C1 EDO CC . -68.34 -18.71 -33.12
O1 EDO CC . -68.42 -19.46 -31.92
C2 EDO CC . -68.08 -19.61 -34.29
O2 EDO CC . -67.69 -18.82 -35.41
C1 EDO DC . -36.24 -42.06 -12.17
O1 EDO DC . -36.43 -40.69 -11.87
C2 EDO DC . -34.79 -42.28 -12.47
O2 EDO DC . -34.26 -40.98 -12.50
C1 EDO EC . -49.76 -38.04 -25.92
O1 EDO EC . -49.43 -36.67 -26.12
C2 EDO EC . -48.54 -38.85 -26.37
O2 EDO EC . -48.69 -39.05 -27.77
C1 EDO FC . -45.16 0.53 -33.08
O1 EDO FC . -45.45 -0.79 -32.69
C2 EDO FC . -44.70 0.57 -34.52
O2 EDO FC . -43.36 0.14 -34.65
C1 EDO GC . -46.61 10.22 -48.99
O1 EDO GC . -46.04 10.20 -50.27
C2 EDO GC . -46.04 11.40 -48.19
O2 EDO GC . -46.26 12.62 -48.86
C1 EDO HC . -60.16 8.00 -18.03
O1 EDO HC . -58.95 8.70 -17.90
C2 EDO HC . -61.28 8.83 -17.48
O2 EDO HC . -62.48 8.09 -17.58
C1 EDO IC . -29.64 -38.05 -11.85
O1 EDO IC . -30.07 -39.22 -11.19
C2 EDO IC . -28.19 -37.77 -11.55
O2 EDO IC . -27.94 -37.66 -10.15
C1 EDO JC . -47.44 -24.34 -40.71
O1 EDO JC . -47.75 -25.27 -39.66
C2 EDO JC . -48.40 -24.38 -41.88
O2 EDO JC . -49.62 -23.73 -41.61
C1 EDO KC . -18.05 -25.92 -17.91
O1 EDO KC . -19.26 -26.07 -18.62
C2 EDO KC . -17.33 -24.82 -18.56
O2 EDO KC . -16.16 -24.56 -17.86
C1 EDO LC . -46.73 -40.19 -33.76
O1 EDO LC . -47.67 -39.19 -33.31
C2 EDO LC . -47.19 -41.02 -34.93
O2 EDO LC . -46.49 -40.72 -36.14
C1 NAG MC . 62.57 27.67 -12.30
C2 NAG MC . 62.90 28.87 -13.22
C3 NAG MC . 64.41 29.08 -13.33
C4 NAG MC . 65.03 29.08 -11.94
C5 NAG MC . 64.57 27.84 -11.18
C6 NAG MC . 65.17 27.69 -9.79
C7 NAG MC . 61.37 29.68 -14.96
C8 NAG MC . 60.71 29.40 -16.30
N2 NAG MC . 62.24 28.75 -14.50
O3 NAG MC . 64.58 30.31 -13.98
O4 NAG MC . 66.45 29.17 -12.11
O5 NAG MC . 63.15 27.87 -11.05
O6 NAG MC . 64.79 28.79 -9.01
O7 NAG MC . 61.09 30.69 -14.33
C1 NAG NC . 19.23 38.96 8.13
C2 NAG NC . 20.07 39.79 9.12
C3 NAG NC . 19.63 41.26 9.05
C4 NAG NC . 19.66 41.79 7.63
C5 NAG NC . 18.93 40.83 6.69
C6 NAG NC . 19.05 41.25 5.24
C7 NAG NC . 21.15 39.02 11.12
C8 NAG NC . 21.01 38.56 12.53
N2 NAG NC . 20.01 39.34 10.47
O3 NAG NC . 20.49 42.00 9.90
O4 NAG NC . 19.00 43.04 7.63
O5 NAG NC . 19.43 39.51 6.84
O6 NAG NC . 18.54 40.22 4.41
O7 NAG NC . 22.23 39.07 10.53
C1 NAG OC . 59.28 5.52 26.71
C2 NAG OC . 60.28 4.35 26.65
C3 NAG OC . 60.73 3.88 28.04
C4 NAG OC . 61.16 5.07 28.91
C5 NAG OC . 59.99 6.06 28.96
C6 NAG OC . 60.23 7.27 29.83
C7 NAG OC . 60.02 3.02 24.65
C8 NAG OC . 59.26 1.86 24.06
N2 NAG OC . 59.68 3.28 25.92
O3 NAG OC . 61.77 2.97 27.81
O4 NAG OC . 61.53 4.58 30.19
O5 NAG OC . 59.71 6.50 27.63
O6 NAG OC . 61.21 8.09 29.23
O7 NAG OC . 60.84 3.67 24.02
ZN ZN PC . 49.91 13.93 6.82
C1 EDO QC . 48.08 9.66 5.25
O1 EDO QC . 47.49 10.87 5.71
C2 EDO QC . 49.53 9.86 4.91
O2 EDO QC . 49.72 10.24 3.56
C1 EDO RC . 48.32 24.91 25.13
O1 EDO RC . 47.10 24.68 24.44
C2 EDO RC . 48.54 23.90 26.23
O2 EDO RC . 48.15 22.62 25.78
C1 EDO SC . 66.41 24.97 12.26
O1 EDO SC . 66.58 23.64 11.91
C2 EDO SC . 67.26 25.77 11.31
O2 EDO SC . 66.87 25.47 9.99
C1 EDO TC . 62.19 8.92 22.42
O1 EDO TC . 61.32 9.78 21.69
C2 EDO TC . 61.61 7.54 22.66
O2 EDO TC . 61.38 7.30 24.03
C1 EDO UC . 51.22 33.29 24.60
O1 EDO UC . 51.70 34.34 25.42
C2 EDO UC . 51.39 31.97 25.31
O2 EDO UC . 50.12 31.48 25.69
C1 EDO VC . 50.98 25.01 -1.18
O1 EDO VC . 51.13 25.71 -2.40
C2 EDO VC . 51.26 26.00 -0.07
O2 EDO VC . 50.33 27.06 -0.26
C1 EDO WC . 27.26 23.17 6.65
O1 EDO WC . 26.38 22.31 7.36
C2 EDO WC . 27.35 24.51 7.35
O2 EDO WC . 26.09 25.18 7.27
C1 EDO XC . 50.55 44.34 21.57
O1 EDO XC . 51.21 43.09 21.76
C2 EDO XC . 51.52 45.48 21.69
O2 EDO XC . 51.75 45.98 20.39
C1 EDO YC . 68.10 26.19 -4.19
O1 EDO YC . 67.73 27.28 -3.38
C2 EDO YC . 66.84 25.77 -4.86
O2 EDO YC . 66.33 26.81 -5.68
C1 EDO ZC . 33.76 12.44 -0.11
O1 EDO ZC . 33.57 11.90 1.18
C2 EDO ZC . 35.07 13.19 -0.25
O2 EDO ZC . 35.44 13.90 0.93
#